data_7KNL
# 
_entry.id   7KNL 
# 
_audit_conform.dict_name       mmcif_pdbx.dic 
_audit_conform.dict_version    5.380 
_audit_conform.dict_location   http://mmcif.pdb.org/dictionaries/ascii/mmcif_pdbx.dic 
# 
loop_
_database_2.database_id 
_database_2.database_code 
_database_2.pdbx_database_accession 
_database_2.pdbx_DOI 
PDB   7KNL         pdb_00007knl 10.2210/pdb7knl/pdb 
WWPDB D_1000252787 ?            ?                   
# 
_pdbx_database_status.status_code                     REL 
_pdbx_database_status.status_code_sf                  REL 
_pdbx_database_status.status_code_mr                  ? 
_pdbx_database_status.entry_id                        7KNL 
_pdbx_database_status.recvd_initial_deposition_date   2020-11-04 
_pdbx_database_status.SG_entry                        N 
_pdbx_database_status.deposit_site                    RCSB 
_pdbx_database_status.process_site                    RCSB 
_pdbx_database_status.status_code_cs                  ? 
_pdbx_database_status.status_code_nmr_data            ? 
_pdbx_database_status.methods_development_category    ? 
_pdbx_database_status.pdb_format_compatible           Y 
# 
loop_
_audit_author.name 
_audit_author.pdbx_ordinal 
_audit_author.identifier_ORCID 
'Miller, K.R.'      1  0000-0003-1963-2908 
'Follmer, A.H.'     2  0000-0002-6244-6804 
'Jasniewski, A.J.'  3  0000-0001-7614-0796 
'Sabuncu, S.'       4  ?                   
'Biswas, S.'        5  ?                   
'Albert, T.'        6  ?                   
'Biswas, A.'        7  ?                   
'Hendrich, M.P.'    8  0000-0003-4775-0389 
'Moenne-Loccoz, P.' 9  0000-0002-7684-7617 
'Borovik, A.S.'     10 0000-0001-5049-9952 
# 
_citation.abstract                  ? 
_citation.abstract_id_CAS           ? 
_citation.book_id_ISBN              ? 
_citation.book_publisher            ? 
_citation.book_publisher_city       ? 
_citation.book_title                ? 
_citation.coordinate_linkage        ? 
_citation.country                   US 
_citation.database_id_Medline       ? 
_citation.details                   ? 
_citation.id                        primary 
_citation.journal_abbrev            J.Am.Chem.Soc. 
_citation.journal_id_ASTM           JACSAT 
_citation.journal_id_CSD            ? 
_citation.journal_id_ISSN           1520-5126 
_citation.journal_full              ? 
_citation.journal_issue             ? 
_citation.journal_volume            143 
_citation.language                  ? 
_citation.page_first                2384 
_citation.page_last                 2393 
_citation.title                     'Artificial Metalloproteins with Dinuclear Iron-Hydroxido Centers.' 
_citation.year                      2021 
_citation.database_id_CSD           ? 
_citation.pdbx_database_id_DOI      10.1021/jacs.0c12564 
_citation.pdbx_database_id_PubMed   33528256 
_citation.unpublished_flag          ? 
# 
loop_
_citation_author.citation_id 
_citation_author.name 
_citation_author.ordinal 
_citation_author.identifier_ORCID 
primary 'Miller, K.R.'      1  ?                   
primary 'Biswas, S.'        2  ?                   
primary 'Jasniewski, A.'    3  0000-0001-7614-0796 
primary 'Follmer, A.H.'     4  0000-0002-6244-6804 
primary 'Biswas, A.'        5  ?                   
primary 'Albert, T.'        6  0000-0001-7248-0873 
primary 'Sabuncu, S.'       7  0000-0001-8346-8175 
primary 'Bominaar, E.L.'    8  0000-0002-5125-265X 
primary 'Hendrich, M.P.'    9  0000-0003-4775-0389 
primary 'Moenne-Loccoz, P.' 10 0000-0002-7684-7617 
primary 'Borovik, A.S.'     11 0000-0001-5049-9952 
# 
_cell.angle_alpha                  90.000 
_cell.angle_alpha_esd              ? 
_cell.angle_beta                   90.000 
_cell.angle_beta_esd               ? 
_cell.angle_gamma                  90.000 
_cell.angle_gamma_esd              ? 
_cell.entry_id                     7KNL 
_cell.details                      ? 
_cell.formula_units_Z              ? 
_cell.length_a                     57.644 
_cell.length_a_esd                 ? 
_cell.length_b                     57.644 
_cell.length_b_esd                 ? 
_cell.length_c                     171.909 
_cell.length_c_esd                 ? 
_cell.volume                       ? 
_cell.volume_esd                   ? 
_cell.Z_PDB                        16 
_cell.reciprocal_angle_alpha       ? 
_cell.reciprocal_angle_beta        ? 
_cell.reciprocal_angle_gamma       ? 
_cell.reciprocal_angle_alpha_esd   ? 
_cell.reciprocal_angle_beta_esd    ? 
_cell.reciprocal_angle_gamma_esd   ? 
_cell.reciprocal_length_a          ? 
_cell.reciprocal_length_b          ? 
_cell.reciprocal_length_c          ? 
_cell.reciprocal_length_a_esd      ? 
_cell.reciprocal_length_b_esd      ? 
_cell.reciprocal_length_c_esd      ? 
_cell.pdbx_unique_axis             ? 
# 
_symmetry.entry_id                         7KNL 
_symmetry.cell_setting                     ? 
_symmetry.Int_Tables_number                98 
_symmetry.space_group_name_Hall            ? 
_symmetry.space_group_name_H-M             'I 41 2 2' 
_symmetry.pdbx_full_space_group_name_H-M   ? 
# 
loop_
_entity.id 
_entity.type 
_entity.src_method 
_entity.pdbx_description 
_entity.formula_weight 
_entity.pdbx_number_of_molecules 
_entity.pdbx_ec 
_entity.pdbx_mutation 
_entity.pdbx_fragment 
_entity.details 
1 polymer man Streptavidin 16561.932 1  ? 'K121A, L124Y' ? ? 
2 water   nat water        18.015    63 ? ?              ? ? 
# 
_entity_poly.entity_id                      1 
_entity_poly.type                           'polypeptide(L)' 
_entity_poly.nstd_linkage                   no 
_entity_poly.nstd_monomer                   no 
_entity_poly.pdbx_seq_one_letter_code       
;MASMTGGQQMGRDEAGITGTWYNQLGSTFIVTAGADGALTGTYESAVGNAESRYVLTGRYDSAPATDGSGTALGWTVAWK
NNYRNAHSATTWSGQYVGGAEARINTQWLLTSGTTEANAWASTYVGHDTFTKVKPSAASIDAAKKAGVNNGNPLDAVQQ
;
_entity_poly.pdbx_seq_one_letter_code_can   
;MASMTGGQQMGRDEAGITGTWYNQLGSTFIVTAGADGALTGTYESAVGNAESRYVLTGRYDSAPATDGSGTALGWTVAWK
NNYRNAHSATTWSGQYVGGAEARINTQWLLTSGTTEANAWASTYVGHDTFTKVKPSAASIDAAKKAGVNNGNPLDAVQQ
;
_entity_poly.pdbx_strand_id                 A 
_entity_poly.pdbx_target_identifier         ? 
# 
loop_
_entity_poly_seq.entity_id 
_entity_poly_seq.num 
_entity_poly_seq.mon_id 
_entity_poly_seq.hetero 
1 1   MET n 
1 2   ALA n 
1 3   SER n 
1 4   MET n 
1 5   THR n 
1 6   GLY n 
1 7   GLY n 
1 8   GLN n 
1 9   GLN n 
1 10  MET n 
1 11  GLY n 
1 12  ARG n 
1 13  ASP n 
1 14  GLU n 
1 15  ALA n 
1 16  GLY n 
1 17  ILE n 
1 18  THR n 
1 19  GLY n 
1 20  THR n 
1 21  TRP n 
1 22  TYR n 
1 23  ASN n 
1 24  GLN n 
1 25  LEU n 
1 26  GLY n 
1 27  SER n 
1 28  THR n 
1 29  PHE n 
1 30  ILE n 
1 31  VAL n 
1 32  THR n 
1 33  ALA n 
1 34  GLY n 
1 35  ALA n 
1 36  ASP n 
1 37  GLY n 
1 38  ALA n 
1 39  LEU n 
1 40  THR n 
1 41  GLY n 
1 42  THR n 
1 43  TYR n 
1 44  GLU n 
1 45  SER n 
1 46  ALA n 
1 47  VAL n 
1 48  GLY n 
1 49  ASN n 
1 50  ALA n 
1 51  GLU n 
1 52  SER n 
1 53  ARG n 
1 54  TYR n 
1 55  VAL n 
1 56  LEU n 
1 57  THR n 
1 58  GLY n 
1 59  ARG n 
1 60  TYR n 
1 61  ASP n 
1 62  SER n 
1 63  ALA n 
1 64  PRO n 
1 65  ALA n 
1 66  THR n 
1 67  ASP n 
1 68  GLY n 
1 69  SER n 
1 70  GLY n 
1 71  THR n 
1 72  ALA n 
1 73  LEU n 
1 74  GLY n 
1 75  TRP n 
1 76  THR n 
1 77  VAL n 
1 78  ALA n 
1 79  TRP n 
1 80  LYS n 
1 81  ASN n 
1 82  ASN n 
1 83  TYR n 
1 84  ARG n 
1 85  ASN n 
1 86  ALA n 
1 87  HIS n 
1 88  SER n 
1 89  ALA n 
1 90  THR n 
1 91  THR n 
1 92  TRP n 
1 93  SER n 
1 94  GLY n 
1 95  GLN n 
1 96  TYR n 
1 97  VAL n 
1 98  GLY n 
1 99  GLY n 
1 100 ALA n 
1 101 GLU n 
1 102 ALA n 
1 103 ARG n 
1 104 ILE n 
1 105 ASN n 
1 106 THR n 
1 107 GLN n 
1 108 TRP n 
1 109 LEU n 
1 110 LEU n 
1 111 THR n 
1 112 SER n 
1 113 GLY n 
1 114 THR n 
1 115 THR n 
1 116 GLU n 
1 117 ALA n 
1 118 ASN n 
1 119 ALA n 
1 120 TRP n 
1 121 ALA n 
1 122 SER n 
1 123 THR n 
1 124 TYR n 
1 125 VAL n 
1 126 GLY n 
1 127 HIS n 
1 128 ASP n 
1 129 THR n 
1 130 PHE n 
1 131 THR n 
1 132 LYS n 
1 133 VAL n 
1 134 LYS n 
1 135 PRO n 
1 136 SER n 
1 137 ALA n 
1 138 ALA n 
1 139 SER n 
1 140 ILE n 
1 141 ASP n 
1 142 ALA n 
1 143 ALA n 
1 144 LYS n 
1 145 LYS n 
1 146 ALA n 
1 147 GLY n 
1 148 VAL n 
1 149 ASN n 
1 150 ASN n 
1 151 GLY n 
1 152 ASN n 
1 153 PRO n 
1 154 LEU n 
1 155 ASP n 
1 156 ALA n 
1 157 VAL n 
1 158 GLN n 
1 159 GLN n 
# 
_entity_src_gen.entity_id                          1 
_entity_src_gen.pdbx_src_id                        1 
_entity_src_gen.pdbx_alt_source_flag               sample 
_entity_src_gen.pdbx_seq_type                      'Biological sequence' 
_entity_src_gen.pdbx_beg_seq_num                   1 
_entity_src_gen.pdbx_end_seq_num                   159 
_entity_src_gen.gene_src_common_name               ? 
_entity_src_gen.gene_src_genus                     ? 
_entity_src_gen.pdbx_gene_src_gene                 ? 
_entity_src_gen.gene_src_species                   ? 
_entity_src_gen.gene_src_strain                    ? 
_entity_src_gen.gene_src_tissue                    ? 
_entity_src_gen.gene_src_tissue_fraction           ? 
_entity_src_gen.gene_src_details                   ? 
_entity_src_gen.pdbx_gene_src_fragment             ? 
_entity_src_gen.pdbx_gene_src_scientific_name      'Streptomyces avidinii' 
_entity_src_gen.pdbx_gene_src_ncbi_taxonomy_id     1895 
_entity_src_gen.pdbx_gene_src_variant              ? 
_entity_src_gen.pdbx_gene_src_cell_line            ? 
_entity_src_gen.pdbx_gene_src_atcc                 ? 
_entity_src_gen.pdbx_gene_src_organ                ? 
_entity_src_gen.pdbx_gene_src_organelle            ? 
_entity_src_gen.pdbx_gene_src_cell                 ? 
_entity_src_gen.pdbx_gene_src_cellular_location    ? 
_entity_src_gen.host_org_common_name               ? 
_entity_src_gen.pdbx_host_org_scientific_name      'Escherichia coli' 
_entity_src_gen.pdbx_host_org_ncbi_taxonomy_id     562 
_entity_src_gen.host_org_genus                     ? 
_entity_src_gen.pdbx_host_org_gene                 ? 
_entity_src_gen.pdbx_host_org_organ                ? 
_entity_src_gen.host_org_species                   ? 
_entity_src_gen.pdbx_host_org_tissue               ? 
_entity_src_gen.pdbx_host_org_tissue_fraction      ? 
_entity_src_gen.pdbx_host_org_strain               ? 
_entity_src_gen.pdbx_host_org_variant              ? 
_entity_src_gen.pdbx_host_org_cell_line            ? 
_entity_src_gen.pdbx_host_org_atcc                 ? 
_entity_src_gen.pdbx_host_org_culture_collection   ? 
_entity_src_gen.pdbx_host_org_cell                 ? 
_entity_src_gen.pdbx_host_org_organelle            ? 
_entity_src_gen.pdbx_host_org_cellular_location    ? 
_entity_src_gen.pdbx_host_org_vector_type          ? 
_entity_src_gen.pdbx_host_org_vector               ? 
_entity_src_gen.host_org_details                   ? 
_entity_src_gen.expression_system_id               ? 
_entity_src_gen.plasmid_name                       ? 
_entity_src_gen.plasmid_details                    ? 
_entity_src_gen.pdbx_description                   ? 
# 
_struct_ref.id                         1 
_struct_ref.db_name                    UNP 
_struct_ref.db_code                    SAV_STRAV 
_struct_ref.pdbx_db_accession          P22629 
_struct_ref.pdbx_db_isoform            ? 
_struct_ref.entity_id                  1 
_struct_ref.pdbx_seq_one_letter_code   
;EAGITGTWYNQLGSTFIVTAGADGALTGTYESAVGNAESRYVLTGRYDSAPATDGSGTALGWTVAWKNNYRNAHSATTWS
GQYVGGAEARINTQWLLTSGTTEANAWKSTLVGHDTFTKVKPSAASIDAAKKAGVNNGNPLDAVQQ
;
_struct_ref.pdbx_align_begin           38 
# 
_struct_ref_seq.align_id                      1 
_struct_ref_seq.ref_id                        1 
_struct_ref_seq.pdbx_PDB_id_code              7KNL 
_struct_ref_seq.pdbx_strand_id                A 
_struct_ref_seq.seq_align_beg                 14 
_struct_ref_seq.pdbx_seq_align_beg_ins_code   ? 
_struct_ref_seq.seq_align_end                 159 
_struct_ref_seq.pdbx_seq_align_end_ins_code   ? 
_struct_ref_seq.pdbx_db_accession             P22629 
_struct_ref_seq.db_align_beg                  38 
_struct_ref_seq.pdbx_db_align_beg_ins_code    ? 
_struct_ref_seq.db_align_end                  183 
_struct_ref_seq.pdbx_db_align_end_ins_code    ? 
_struct_ref_seq.pdbx_auth_seq_align_beg       14 
_struct_ref_seq.pdbx_auth_seq_align_end       159 
# 
loop_
_struct_ref_seq_dif.align_id 
_struct_ref_seq_dif.pdbx_pdb_id_code 
_struct_ref_seq_dif.mon_id 
_struct_ref_seq_dif.pdbx_pdb_strand_id 
_struct_ref_seq_dif.seq_num 
_struct_ref_seq_dif.pdbx_pdb_ins_code 
_struct_ref_seq_dif.pdbx_seq_db_name 
_struct_ref_seq_dif.pdbx_seq_db_accession_code 
_struct_ref_seq_dif.db_mon_id 
_struct_ref_seq_dif.pdbx_seq_db_seq_num 
_struct_ref_seq_dif.details 
_struct_ref_seq_dif.pdbx_auth_seq_num 
_struct_ref_seq_dif.pdbx_ordinal 
1 7KNL MET A 1   ? UNP P22629 ?   ?   'initiating methionine' 1   1  
1 7KNL ALA A 2   ? UNP P22629 ?   ?   'expression tag'        2   2  
1 7KNL SER A 3   ? UNP P22629 ?   ?   'expression tag'        3   3  
1 7KNL MET A 4   ? UNP P22629 ?   ?   'expression tag'        4   4  
1 7KNL THR A 5   ? UNP P22629 ?   ?   'expression tag'        5   5  
1 7KNL GLY A 6   ? UNP P22629 ?   ?   'expression tag'        6   6  
1 7KNL GLY A 7   ? UNP P22629 ?   ?   'expression tag'        7   7  
1 7KNL GLN A 8   ? UNP P22629 ?   ?   'expression tag'        8   8  
1 7KNL GLN A 9   ? UNP P22629 ?   ?   'expression tag'        9   9  
1 7KNL MET A 10  ? UNP P22629 ?   ?   'expression tag'        10  10 
1 7KNL GLY A 11  ? UNP P22629 ?   ?   'expression tag'        11  11 
1 7KNL ARG A 12  ? UNP P22629 ?   ?   'expression tag'        12  12 
1 7KNL ASP A 13  ? UNP P22629 ?   ?   'expression tag'        13  13 
1 7KNL ALA A 121 ? UNP P22629 LYS 145 'engineered mutation'   121 14 
1 7KNL TYR A 124 ? UNP P22629 LEU 148 'engineered mutation'   124 15 
# 
loop_
_chem_comp.id 
_chem_comp.type 
_chem_comp.mon_nstd_flag 
_chem_comp.name 
_chem_comp.pdbx_synonyms 
_chem_comp.formula 
_chem_comp.formula_weight 
ALA 'L-peptide linking' y ALANINE         ? 'C3 H7 N O2'     89.093  
ARG 'L-peptide linking' y ARGININE        ? 'C6 H15 N4 O2 1' 175.209 
ASN 'L-peptide linking' y ASPARAGINE      ? 'C4 H8 N2 O3'    132.118 
ASP 'L-peptide linking' y 'ASPARTIC ACID' ? 'C4 H7 N O4'     133.103 
GLN 'L-peptide linking' y GLUTAMINE       ? 'C5 H10 N2 O3'   146.144 
GLU 'L-peptide linking' y 'GLUTAMIC ACID' ? 'C5 H9 N O4'     147.129 
GLY 'peptide linking'   y GLYCINE         ? 'C2 H5 N O2'     75.067  
HIS 'L-peptide linking' y HISTIDINE       ? 'C6 H10 N3 O2 1' 156.162 
HOH non-polymer         . WATER           ? 'H2 O'           18.015  
ILE 'L-peptide linking' y ISOLEUCINE      ? 'C6 H13 N O2'    131.173 
LEU 'L-peptide linking' y LEUCINE         ? 'C6 H13 N O2'    131.173 
LYS 'L-peptide linking' y LYSINE          ? 'C6 H15 N2 O2 1' 147.195 
MET 'L-peptide linking' y METHIONINE      ? 'C5 H11 N O2 S'  149.211 
PHE 'L-peptide linking' y PHENYLALANINE   ? 'C9 H11 N O2'    165.189 
PRO 'L-peptide linking' y PROLINE         ? 'C5 H9 N O2'     115.130 
SER 'L-peptide linking' y SERINE          ? 'C3 H7 N O3'     105.093 
THR 'L-peptide linking' y THREONINE       ? 'C4 H9 N O3'     119.119 
TRP 'L-peptide linking' y TRYPTOPHAN      ? 'C11 H12 N2 O2'  204.225 
TYR 'L-peptide linking' y TYROSINE        ? 'C9 H11 N O3'    181.189 
VAL 'L-peptide linking' y VALINE          ? 'C5 H11 N O2'    117.146 
# 
_exptl.absorpt_coefficient_mu     ? 
_exptl.absorpt_correction_T_max   ? 
_exptl.absorpt_correction_T_min   ? 
_exptl.absorpt_correction_type    ? 
_exptl.absorpt_process_details    ? 
_exptl.entry_id                   7KNL 
_exptl.crystals_number            1 
_exptl.details                    ? 
_exptl.method                     'X-RAY DIFFRACTION' 
_exptl.method_details             ? 
# 
_exptl_crystal.colour                      ? 
_exptl_crystal.density_diffrn              ? 
_exptl_crystal.density_Matthews            2.16 
_exptl_crystal.density_method              ? 
_exptl_crystal.density_percent_sol         42.94 
_exptl_crystal.description                 ? 
_exptl_crystal.F_000                       ? 
_exptl_crystal.id                          1 
_exptl_crystal.preparation                 ? 
_exptl_crystal.size_max                    ? 
_exptl_crystal.size_mid                    ? 
_exptl_crystal.size_min                    ? 
_exptl_crystal.size_rad                    ? 
_exptl_crystal.colour_lustre               ? 
_exptl_crystal.colour_modifier             ? 
_exptl_crystal.colour_primary              ? 
_exptl_crystal.density_meas                ? 
_exptl_crystal.density_meas_esd            ? 
_exptl_crystal.density_meas_gt             ? 
_exptl_crystal.density_meas_lt             ? 
_exptl_crystal.density_meas_temp           ? 
_exptl_crystal.density_meas_temp_esd       ? 
_exptl_crystal.density_meas_temp_gt        ? 
_exptl_crystal.density_meas_temp_lt        ? 
_exptl_crystal.pdbx_crystal_image_url      ? 
_exptl_crystal.pdbx_crystal_image_format   ? 
_exptl_crystal.pdbx_mosaicity              ? 
_exptl_crystal.pdbx_mosaicity_esd          ? 
# 
_exptl_crystal_grow.apparatus       ? 
_exptl_crystal_grow.atmosphere      ? 
_exptl_crystal_grow.crystal_id      1 
_exptl_crystal_grow.details         ? 
_exptl_crystal_grow.method          'VAPOR DIFFUSION, SITTING DROP' 
_exptl_crystal_grow.method_ref      ? 
_exptl_crystal_grow.pH              4 
_exptl_crystal_grow.pressure        ? 
_exptl_crystal_grow.pressure_esd    ? 
_exptl_crystal_grow.seeding         ? 
_exptl_crystal_grow.seeding_ref     ? 
_exptl_crystal_grow.temp            298 
_exptl_crystal_grow.temp_details    ? 
_exptl_crystal_grow.temp_esd        ? 
_exptl_crystal_grow.time            ? 
_exptl_crystal_grow.pdbx_details    '2.0 M Ammonium Sulfate, 0.1 M Sodium Acetate pH 4' 
_exptl_crystal_grow.pdbx_pH_range   ? 
# 
_diffrn.ambient_environment              ? 
_diffrn.ambient_temp                     100 
_diffrn.ambient_temp_details             ? 
_diffrn.ambient_temp_esd                 ? 
_diffrn.crystal_id                       1 
_diffrn.crystal_support                  ? 
_diffrn.crystal_treatment                ? 
_diffrn.details                          ? 
_diffrn.id                               1 
_diffrn.ambient_pressure                 ? 
_diffrn.ambient_pressure_esd             ? 
_diffrn.ambient_pressure_gt              ? 
_diffrn.ambient_pressure_lt              ? 
_diffrn.ambient_temp_gt                  ? 
_diffrn.ambient_temp_lt                  ? 
_diffrn.pdbx_serial_crystal_experiment   N 
# 
_diffrn_detector.details                      ? 
_diffrn_detector.detector                     PIXEL 
_diffrn_detector.diffrn_id                    1 
_diffrn_detector.type                         'DECTRIS PILATUS3 6M' 
_diffrn_detector.area_resol_mean              ? 
_diffrn_detector.dtime                        ? 
_diffrn_detector.pdbx_frames_total            ? 
_diffrn_detector.pdbx_collection_time_total   ? 
_diffrn_detector.pdbx_collection_date         2020-10-10 
_diffrn_detector.pdbx_frequency               ? 
# 
_diffrn_radiation.collimation                      ? 
_diffrn_radiation.diffrn_id                        1 
_diffrn_radiation.filter_edge                      ? 
_diffrn_radiation.inhomogeneity                    ? 
_diffrn_radiation.monochromator                    ? 
_diffrn_radiation.polarisn_norm                    ? 
_diffrn_radiation.polarisn_ratio                   ? 
_diffrn_radiation.probe                            ? 
_diffrn_radiation.type                             ? 
_diffrn_radiation.xray_symbol                      ? 
_diffrn_radiation.wavelength_id                    1 
_diffrn_radiation.pdbx_monochromatic_or_laue_m_l   M 
_diffrn_radiation.pdbx_wavelength_list             ? 
_diffrn_radiation.pdbx_wavelength                  ? 
_diffrn_radiation.pdbx_diffrn_protocol             'SINGLE WAVELENGTH' 
_diffrn_radiation.pdbx_analyzer                    ? 
_diffrn_radiation.pdbx_scattering_type             x-ray 
# 
_diffrn_radiation_wavelength.id           1 
_diffrn_radiation_wavelength.wavelength   1 
_diffrn_radiation_wavelength.wt           1.0 
# 
_diffrn_source.current                     ? 
_diffrn_source.details                     ? 
_diffrn_source.diffrn_id                   1 
_diffrn_source.power                       ? 
_diffrn_source.size                        ? 
_diffrn_source.source                      SYNCHROTRON 
_diffrn_source.target                      ? 
_diffrn_source.type                        'ALS BEAMLINE 5.0.2' 
_diffrn_source.voltage                     ? 
_diffrn_source.take-off_angle              ? 
_diffrn_source.pdbx_wavelength_list        1 
_diffrn_source.pdbx_wavelength             ? 
_diffrn_source.pdbx_synchrotron_beamline   5.0.2 
_diffrn_source.pdbx_synchrotron_site       ALS 
# 
_reflns.B_iso_Wilson_estimate            ? 
_reflns.entry_id                         7KNL 
_reflns.data_reduction_details           ? 
_reflns.data_reduction_method            ? 
_reflns.d_resolution_high                1.350 
_reflns.d_resolution_low                 40.760 
_reflns.details                          ? 
_reflns.limit_h_max                      ? 
_reflns.limit_h_min                      ? 
_reflns.limit_k_max                      ? 
_reflns.limit_k_min                      ? 
_reflns.limit_l_max                      ? 
_reflns.limit_l_min                      ? 
_reflns.number_all                       ? 
_reflns.number_obs                       32429 
_reflns.observed_criterion               ? 
_reflns.observed_criterion_F_max         ? 
_reflns.observed_criterion_F_min         ? 
_reflns.observed_criterion_I_max         ? 
_reflns.observed_criterion_I_min         ? 
_reflns.observed_criterion_sigma_F       ? 
_reflns.observed_criterion_sigma_I       ? 
_reflns.percent_possible_obs             100.000 
_reflns.R_free_details                   ? 
_reflns.Rmerge_F_all                     ? 
_reflns.Rmerge_F_obs                     ? 
_reflns.Friedel_coverage                 ? 
_reflns.number_gt                        ? 
_reflns.threshold_expression             ? 
_reflns.pdbx_redundancy                  13.700 
_reflns.pdbx_Rmerge_I_obs                0.032 
_reflns.pdbx_Rmerge_I_all                ? 
_reflns.pdbx_Rsym_value                  ? 
_reflns.pdbx_netI_over_av_sigmaI         ? 
_reflns.pdbx_netI_over_sigmaI            38.300 
_reflns.pdbx_res_netI_over_av_sigmaI_2   ? 
_reflns.pdbx_res_netI_over_sigmaI_2      ? 
_reflns.pdbx_chi_squared                 ? 
_reflns.pdbx_scaling_rejects             8 
_reflns.pdbx_d_res_high_opt              ? 
_reflns.pdbx_d_res_low_opt               ? 
_reflns.pdbx_d_res_opt_method            ? 
_reflns.phase_calculation_details        ? 
_reflns.pdbx_Rrim_I_all                  0.033 
_reflns.pdbx_Rpim_I_all                  0.009 
_reflns.pdbx_d_opt                       ? 
_reflns.pdbx_number_measured_all         445698 
_reflns.pdbx_diffrn_id                   1 
_reflns.pdbx_ordinal                     1 
_reflns.pdbx_CC_half                     1.000 
_reflns.pdbx_CC_star                     ? 
_reflns.pdbx_R_split                     ? 
# 
loop_
_reflns_shell.d_res_high 
_reflns_shell.d_res_low 
_reflns_shell.meanI_over_sigI_all 
_reflns_shell.meanI_over_sigI_obs 
_reflns_shell.number_measured_all 
_reflns_shell.number_measured_obs 
_reflns_shell.number_possible 
_reflns_shell.number_unique_all 
_reflns_shell.number_unique_obs 
_reflns_shell.percent_possible_all 
_reflns_shell.percent_possible_obs 
_reflns_shell.Rmerge_F_all 
_reflns_shell.Rmerge_F_obs 
_reflns_shell.Rmerge_I_all 
_reflns_shell.Rmerge_I_obs 
_reflns_shell.meanI_over_sigI_gt 
_reflns_shell.meanI_over_uI_all 
_reflns_shell.meanI_over_uI_gt 
_reflns_shell.number_measured_gt 
_reflns_shell.number_unique_gt 
_reflns_shell.percent_possible_gt 
_reflns_shell.Rmerge_F_gt 
_reflns_shell.Rmerge_I_gt 
_reflns_shell.pdbx_redundancy 
_reflns_shell.pdbx_Rsym_value 
_reflns_shell.pdbx_chi_squared 
_reflns_shell.pdbx_netI_over_sigmaI_all 
_reflns_shell.pdbx_netI_over_sigmaI_obs 
_reflns_shell.pdbx_Rrim_I_all 
_reflns_shell.pdbx_Rpim_I_all 
_reflns_shell.pdbx_rejects 
_reflns_shell.pdbx_ordinal 
_reflns_shell.pdbx_diffrn_id 
_reflns_shell.pdbx_CC_half 
_reflns_shell.pdbx_CC_star 
_reflns_shell.pdbx_R_split 
1.350 1.370  ? ? 21650 ? ? ? 1593 99.900 ? ? ? ? 0.977 ? ? ? ? ? ? ? ? 13.600 ? ? ? 2.800  1.016 0.275 ? 1 1 0.879 ? ? 
7.390 40.760 ? ? 3006  ? ? ? 250  99.400 ? ? ? ? 0.024 ? ? ? ? ? ? ? ? 12.000 ? ? ? 94.500 0.025 0.007 ? 2 1 1.000 ? ? 
# 
_refine.aniso_B[1][1]                            0.5600 
_refine.aniso_B[1][2]                            0.0000 
_refine.aniso_B[1][3]                            0.0000 
_refine.aniso_B[2][2]                            0.5600 
_refine.aniso_B[2][3]                            0.0000 
_refine.aniso_B[3][3]                            -1.1200 
_refine.B_iso_max                                93.830 
_refine.B_iso_mean                               23.0450 
_refine.B_iso_min                                11.070 
_refine.correlation_coeff_Fo_to_Fc               0.9530 
_refine.correlation_coeff_Fo_to_Fc_free          0.9440 
_refine.details                                  
'HYDROGENS HAVE BEEN ADDED IN THE RIDING POSITIONS U VALUES      : REFINED INDIVIDUALLY' 
_refine.diff_density_max                         ? 
_refine.diff_density_max_esd                     ? 
_refine.diff_density_min                         ? 
_refine.diff_density_min_esd                     ? 
_refine.diff_density_rms                         ? 
_refine.diff_density_rms_esd                     ? 
_refine.entry_id                                 7KNL 
_refine.pdbx_refine_id                           'X-RAY DIFFRACTION' 
_refine.ls_abs_structure_details                 ? 
_refine.ls_abs_structure_Flack                   ? 
_refine.ls_abs_structure_Flack_esd               ? 
_refine.ls_abs_structure_Rogers                  ? 
_refine.ls_abs_structure_Rogers_esd              ? 
_refine.ls_d_res_high                            1.3500 
_refine.ls_d_res_low                             40.6700 
_refine.ls_extinction_coef                       ? 
_refine.ls_extinction_coef_esd                   ? 
_refine.ls_extinction_expression                 ? 
_refine.ls_extinction_method                     ? 
_refine.ls_goodness_of_fit_all                   ? 
_refine.ls_goodness_of_fit_all_esd               ? 
_refine.ls_goodness_of_fit_obs                   ? 
_refine.ls_goodness_of_fit_obs_esd               ? 
_refine.ls_hydrogen_treatment                    ? 
_refine.ls_matrix_type                           ? 
_refine.ls_number_constraints                    ? 
_refine.ls_number_parameters                     ? 
_refine.ls_number_reflns_all                     ? 
_refine.ls_number_reflns_obs                     30695 
_refine.ls_number_reflns_R_free                  1694 
_refine.ls_number_reflns_R_work                  ? 
_refine.ls_number_restraints                     ? 
_refine.ls_percent_reflns_obs                    99.9500 
_refine.ls_percent_reflns_R_free                 5.2000 
_refine.ls_R_factor_all                          ? 
_refine.ls_R_factor_obs                          0.2173 
_refine.ls_R_factor_R_free                       0.2415 
_refine.ls_R_factor_R_free_error                 ? 
_refine.ls_R_factor_R_free_error_details         ? 
_refine.ls_R_factor_R_work                       0.2160 
_refine.ls_R_Fsqd_factor_obs                     ? 
_refine.ls_R_I_factor_obs                        ? 
_refine.ls_redundancy_reflns_all                 ? 
_refine.ls_redundancy_reflns_obs                 ? 
_refine.ls_restrained_S_all                      ? 
_refine.ls_restrained_S_obs                      ? 
_refine.ls_shift_over_esd_max                    ? 
_refine.ls_shift_over_esd_mean                   ? 
_refine.ls_structure_factor_coef                 ? 
_refine.ls_weighting_details                     ? 
_refine.ls_weighting_scheme                      ? 
_refine.ls_wR_factor_all                         ? 
_refine.ls_wR_factor_obs                         ? 
_refine.ls_wR_factor_R_free                      ? 
_refine.ls_wR_factor_R_work                      ? 
_refine.occupancy_max                            ? 
_refine.occupancy_min                            ? 
_refine.solvent_model_details                    MASK 
_refine.solvent_model_param_bsol                 ? 
_refine.solvent_model_param_ksol                 ? 
_refine.pdbx_R_complete                          ? 
_refine.ls_R_factor_gt                           ? 
_refine.ls_goodness_of_fit_gt                    ? 
_refine.ls_goodness_of_fit_ref                   ? 
_refine.ls_shift_over_su_max                     ? 
_refine.ls_shift_over_su_max_lt                  ? 
_refine.ls_shift_over_su_mean                    ? 
_refine.ls_shift_over_su_mean_lt                 ? 
_refine.pdbx_ls_sigma_I                          ? 
_refine.pdbx_ls_sigma_F                          0.000 
_refine.pdbx_ls_sigma_Fsqd                       ? 
_refine.pdbx_data_cutoff_high_absF               ? 
_refine.pdbx_data_cutoff_high_rms_absF           ? 
_refine.pdbx_data_cutoff_low_absF                ? 
_refine.pdbx_isotropic_thermal_model             ? 
_refine.pdbx_ls_cross_valid_method               THROUGHOUT 
_refine.pdbx_method_to_determine_struct          'MOLECULAR REPLACEMENT' 
_refine.pdbx_starting_model                      2QCB 
_refine.pdbx_stereochemistry_target_values       'MAXIMUM LIKELIHOOD' 
_refine.pdbx_R_Free_selection_details            RANDOM 
_refine.pdbx_stereochem_target_val_spec_case     ? 
_refine.pdbx_overall_ESU_R                       0.0600 
_refine.pdbx_overall_ESU_R_Free                  0.0620 
_refine.pdbx_solvent_vdw_probe_radii             1.2000 
_refine.pdbx_solvent_ion_probe_radii             0.8000 
_refine.pdbx_solvent_shrinkage_radii             0.8000 
_refine.pdbx_real_space_R                        ? 
_refine.pdbx_density_correlation                 ? 
_refine.pdbx_pd_number_of_powder_patterns        ? 
_refine.pdbx_pd_number_of_points                 ? 
_refine.pdbx_pd_meas_number_of_points            ? 
_refine.pdbx_pd_proc_ls_prof_R_factor            ? 
_refine.pdbx_pd_proc_ls_prof_wR_factor           ? 
_refine.pdbx_pd_Marquardt_correlation_coeff      ? 
_refine.pdbx_pd_Fsqrd_R_factor                   ? 
_refine.pdbx_pd_ls_matrix_band_width             ? 
_refine.pdbx_overall_phase_error                 ? 
_refine.pdbx_overall_SU_R_free_Cruickshank_DPI   ? 
_refine.pdbx_overall_SU_R_free_Blow_DPI          ? 
_refine.pdbx_overall_SU_R_Blow_DPI               ? 
_refine.pdbx_TLS_residual_ADP_flag               ? 
_refine.pdbx_diffrn_id                           1 
_refine.overall_SU_B                             0.8880 
_refine.overall_SU_ML                            0.0370 
_refine.overall_SU_R_Cruickshank_DPI             ? 
_refine.overall_SU_R_free                        ? 
_refine.overall_FOM_free_R_set                   ? 
_refine.overall_FOM_work_R_set                   ? 
_refine.pdbx_average_fsc_overall                 ? 
_refine.pdbx_average_fsc_work                    ? 
_refine.pdbx_average_fsc_free                    ? 
# 
_refine_hist.pdbx_refine_id                   'X-RAY DIFFRACTION' 
_refine_hist.cycle_id                         final 
_refine_hist.details                          ? 
_refine_hist.d_res_high                       1.3500 
_refine_hist.d_res_low                        40.6700 
_refine_hist.number_atoms_solvent             63 
_refine_hist.number_atoms_total               1000 
_refine_hist.number_reflns_all                ? 
_refine_hist.number_reflns_obs                ? 
_refine_hist.number_reflns_R_free             ? 
_refine_hist.number_reflns_R_work             ? 
_refine_hist.R_factor_all                     ? 
_refine_hist.R_factor_obs                     ? 
_refine_hist.R_factor_R_free                  ? 
_refine_hist.R_factor_R_work                  ? 
_refine_hist.pdbx_number_residues_total       125 
_refine_hist.pdbx_B_iso_mean_ligand           ? 
_refine_hist.pdbx_B_iso_mean_solvent          34.55 
_refine_hist.pdbx_number_atoms_protein        937 
_refine_hist.pdbx_number_atoms_nucleic_acid   0 
_refine_hist.pdbx_number_atoms_ligand         0 
_refine_hist.pdbx_number_atoms_lipid          ? 
_refine_hist.pdbx_number_atoms_carb           ? 
_refine_hist.pdbx_pseudo_atom_details         ? 
# 
loop_
_refine_ls_restr.pdbx_refine_id 
_refine_ls_restr.criterion 
_refine_ls_restr.dev_ideal 
_refine_ls_restr.dev_ideal_target 
_refine_ls_restr.number 
_refine_ls_restr.rejects 
_refine_ls_restr.type 
_refine_ls_restr.weight 
_refine_ls_restr.pdbx_restraint_function 
'X-RAY DIFFRACTION' ? 0.015  0.012  1034 ? r_bond_refined_d       ? ? 
'X-RAY DIFFRACTION' ? 0.001  0.018  868  ? r_bond_other_d         ? ? 
'X-RAY DIFFRACTION' ? 2.116  1.649  1429 ? r_angle_refined_deg    ? ? 
'X-RAY DIFFRACTION' ? 1.637  1.573  2018 ? r_angle_other_deg      ? ? 
'X-RAY DIFFRACTION' ? 8.096  5.000  141  ? r_dihedral_angle_1_deg ? ? 
'X-RAY DIFFRACTION' ? 25.048 22.075 53   ? r_dihedral_angle_2_deg ? ? 
'X-RAY DIFFRACTION' ? 14.922 15.000 142  ? r_dihedral_angle_3_deg ? ? 
'X-RAY DIFFRACTION' ? 32.653 15.000 6    ? r_dihedral_angle_4_deg ? ? 
'X-RAY DIFFRACTION' ? 0.106  0.200  143  ? r_chiral_restr         ? ? 
'X-RAY DIFFRACTION' ? 0.011  0.020  1238 ? r_gen_planes_refined   ? ? 
'X-RAY DIFFRACTION' ? 0.003  0.020  248  ? r_gen_planes_other     ? ? 
# 
_refine_ls_shell.pdbx_refine_id                   'X-RAY DIFFRACTION' 
_refine_ls_shell.d_res_high                       1.3500 
_refine_ls_shell.d_res_low                        1.3850 
_refine_ls_shell.number_reflns_all                2352 
_refine_ls_shell.number_reflns_obs                ? 
_refine_ls_shell.number_reflns_R_free             124 
_refine_ls_shell.number_reflns_R_work             2228 
_refine_ls_shell.percent_reflns_obs               99.9200 
_refine_ls_shell.percent_reflns_R_free            ? 
_refine_ls_shell.R_factor_all                     ? 
_refine_ls_shell.R_factor_obs                     ? 
_refine_ls_shell.R_factor_R_free                  0.4250 
_refine_ls_shell.R_factor_R_free_error            0.0000 
_refine_ls_shell.R_factor_R_work                  0.4320 
_refine_ls_shell.redundancy_reflns_all            ? 
_refine_ls_shell.redundancy_reflns_obs            ? 
_refine_ls_shell.wR_factor_all                    ? 
_refine_ls_shell.wR_factor_obs                    ? 
_refine_ls_shell.wR_factor_R_free                 ? 
_refine_ls_shell.wR_factor_R_work                 ? 
_refine_ls_shell.pdbx_R_complete                  ? 
_refine_ls_shell.pdbx_total_number_of_bins_used   20 
_refine_ls_shell.pdbx_phase_error                 ? 
_refine_ls_shell.pdbx_fsc_work                    ? 
_refine_ls_shell.pdbx_fsc_free                    ? 
# 
_struct.entry_id                     7KNL 
_struct.title                        'Artificial Metalloproteins with Dinuclear Iron Centers' 
_struct.pdbx_model_details           ? 
_struct.pdbx_formula_weight          ? 
_struct.pdbx_formula_weight_method   ? 
_struct.pdbx_model_type_details      ? 
_struct.pdbx_CASP_flag               N 
# 
_struct_keywords.entry_id        7KNL 
_struct_keywords.text            'Biotin binding Artificial Metalloprotein, METAL BINDING PROTEIN' 
_struct_keywords.pdbx_keywords   'METAL BINDING PROTEIN' 
# 
loop_
_struct_asym.id 
_struct_asym.pdbx_blank_PDB_chainid_flag 
_struct_asym.pdbx_modified 
_struct_asym.entity_id 
_struct_asym.details 
A N N 1 ? 
B N N 2 ? 
# 
loop_
_struct_conf.conf_type_id 
_struct_conf.id 
_struct_conf.pdbx_PDB_helix_id 
_struct_conf.beg_label_comp_id 
_struct_conf.beg_label_asym_id 
_struct_conf.beg_label_seq_id 
_struct_conf.pdbx_beg_PDB_ins_code 
_struct_conf.end_label_comp_id 
_struct_conf.end_label_asym_id 
_struct_conf.end_label_seq_id 
_struct_conf.pdbx_end_PDB_ins_code 
_struct_conf.beg_auth_comp_id 
_struct_conf.beg_auth_asym_id 
_struct_conf.beg_auth_seq_id 
_struct_conf.end_auth_comp_id 
_struct_conf.end_auth_asym_id 
_struct_conf.end_auth_seq_id 
_struct_conf.pdbx_PDB_helix_class 
_struct_conf.details 
_struct_conf.pdbx_PDB_helix_length 
HELX_P HELX_P1 AA1 ARG A 12  ? THR A 18  ? ARG A 12  THR A 18  1 ? 7 
HELX_P HELX_P2 AA2 ASN A 49  ? ARG A 53  ? ASN A 49  ARG A 53  5 ? 5 
HELX_P HELX_P3 AA3 THR A 115 ? ALA A 121 ? THR A 115 ALA A 121 5 ? 7 
# 
_struct_conf_type.id          HELX_P 
_struct_conf_type.criteria    ? 
_struct_conf_type.reference   ? 
# 
_struct_sheet.id               AA1 
_struct_sheet.type             ? 
_struct_sheet.number_strands   9 
_struct_sheet.details          ? 
# 
loop_
_struct_sheet_order.sheet_id 
_struct_sheet_order.range_id_1 
_struct_sheet_order.range_id_2 
_struct_sheet_order.offset 
_struct_sheet_order.sense 
AA1 1 2 ? anti-parallel 
AA1 2 3 ? anti-parallel 
AA1 3 4 ? anti-parallel 
AA1 4 5 ? anti-parallel 
AA1 5 6 ? anti-parallel 
AA1 6 7 ? anti-parallel 
AA1 7 8 ? anti-parallel 
AA1 8 9 ? anti-parallel 
# 
loop_
_struct_sheet_range.sheet_id 
_struct_sheet_range.id 
_struct_sheet_range.beg_label_comp_id 
_struct_sheet_range.beg_label_asym_id 
_struct_sheet_range.beg_label_seq_id 
_struct_sheet_range.pdbx_beg_PDB_ins_code 
_struct_sheet_range.end_label_comp_id 
_struct_sheet_range.end_label_asym_id 
_struct_sheet_range.end_label_seq_id 
_struct_sheet_range.pdbx_end_PDB_ins_code 
_struct_sheet_range.beg_auth_comp_id 
_struct_sheet_range.beg_auth_asym_id 
_struct_sheet_range.beg_auth_seq_id 
_struct_sheet_range.end_auth_comp_id 
_struct_sheet_range.end_auth_asym_id 
_struct_sheet_range.end_auth_seq_id 
AA1 1 GLY A 19  ? TYR A 22  ? GLY A 19  TYR A 22  
AA1 2 THR A 28  ? ALA A 33  ? THR A 28  ALA A 33  
AA1 3 ALA A 38  ? GLU A 44  ? ALA A 38  GLU A 44  
AA1 4 TYR A 54  ? ASP A 61  ? TYR A 54  ASP A 61  
AA1 5 THR A 71  ? LYS A 80  ? THR A 71  LYS A 80  
AA1 6 ASN A 85  ? VAL A 97  ? ASN A 85  VAL A 97  
AA1 7 ARG A 103 ? SER A 112 ? ARG A 103 SER A 112 
AA1 8 THR A 123 ? THR A 131 ? THR A 123 THR A 131 
AA1 9 GLY A 19  ? TYR A 22  ? GLY A 19  TYR A 22  
# 
loop_
_pdbx_struct_sheet_hbond.sheet_id 
_pdbx_struct_sheet_hbond.range_id_1 
_pdbx_struct_sheet_hbond.range_id_2 
_pdbx_struct_sheet_hbond.range_1_label_atom_id 
_pdbx_struct_sheet_hbond.range_1_label_comp_id 
_pdbx_struct_sheet_hbond.range_1_label_asym_id 
_pdbx_struct_sheet_hbond.range_1_label_seq_id 
_pdbx_struct_sheet_hbond.range_1_PDB_ins_code 
_pdbx_struct_sheet_hbond.range_1_auth_atom_id 
_pdbx_struct_sheet_hbond.range_1_auth_comp_id 
_pdbx_struct_sheet_hbond.range_1_auth_asym_id 
_pdbx_struct_sheet_hbond.range_1_auth_seq_id 
_pdbx_struct_sheet_hbond.range_2_label_atom_id 
_pdbx_struct_sheet_hbond.range_2_label_comp_id 
_pdbx_struct_sheet_hbond.range_2_label_asym_id 
_pdbx_struct_sheet_hbond.range_2_label_seq_id 
_pdbx_struct_sheet_hbond.range_2_PDB_ins_code 
_pdbx_struct_sheet_hbond.range_2_auth_atom_id 
_pdbx_struct_sheet_hbond.range_2_auth_comp_id 
_pdbx_struct_sheet_hbond.range_2_auth_asym_id 
_pdbx_struct_sheet_hbond.range_2_auth_seq_id 
AA1 1 2 N GLY A 19  ? N GLY A 19  O VAL A 31  ? O VAL A 31  
AA1 2 3 N THR A 28  ? N THR A 28  O GLU A 44  ? O GLU A 44  
AA1 3 4 N TYR A 43  ? N TYR A 43  O TYR A 54  ? O TYR A 54  
AA1 4 5 N ASP A 61  ? N ASP A 61  O ALA A 72  ? O ALA A 72  
AA1 5 6 N TRP A 79  ? N TRP A 79  O ALA A 86  ? O ALA A 86  
AA1 6 7 N SER A 93  ? N SER A 93  O GLN A 107 ? O GLN A 107 
AA1 7 8 N LEU A 110 ? N LEU A 110 O TYR A 124 ? O TYR A 124 
AA1 8 9 O THR A 131 ? O THR A 131 N TYR A 22  ? N TYR A 22  
# 
_atom_sites.entry_id                    7KNL 
_atom_sites.Cartn_transf_matrix[1][1]   ? 
_atom_sites.Cartn_transf_matrix[1][2]   ? 
_atom_sites.Cartn_transf_matrix[1][3]   ? 
_atom_sites.Cartn_transf_matrix[2][1]   ? 
_atom_sites.Cartn_transf_matrix[2][2]   ? 
_atom_sites.Cartn_transf_matrix[2][3]   ? 
_atom_sites.Cartn_transf_matrix[3][1]   ? 
_atom_sites.Cartn_transf_matrix[3][2]   ? 
_atom_sites.Cartn_transf_matrix[3][3]   ? 
_atom_sites.Cartn_transf_vector[1]      ? 
_atom_sites.Cartn_transf_vector[2]      ? 
_atom_sites.Cartn_transf_vector[3]      ? 
_atom_sites.fract_transf_matrix[1][1]   -0.00615015 
_atom_sites.fract_transf_matrix[1][2]   0.01070804 
_atom_sites.fract_transf_matrix[1][3]   -0.01218469 
_atom_sites.fract_transf_matrix[2][1]   0.00245482 
_atom_sites.fract_transf_matrix[2][2]   -0.01226659 
_atom_sites.fract_transf_matrix[2][3]   -0.01201906 
_atom_sites.fract_transf_matrix[3][1]   -0.00537654 
_atom_sites.fract_transf_matrix[3][2]   -0.00200689 
_atom_sites.fract_transf_matrix[3][3]   0.00095010 
_atom_sites.fract_transf_vector[1]      0.223554 
_atom_sites.fract_transf_vector[2]      0.429763 
_atom_sites.fract_transf_vector[3]      -0.010105 
_atom_sites.solution_primary            ? 
_atom_sites.solution_secondary          ? 
_atom_sites.solution_hydrogens          ? 
_atom_sites.special_details             ? 
# 
loop_
_atom_type.symbol 
C 
N 
O 
# 
loop_
_atom_site.group_PDB 
_atom_site.id 
_atom_site.type_symbol 
_atom_site.label_atom_id 
_atom_site.label_alt_id 
_atom_site.label_comp_id 
_atom_site.label_asym_id 
_atom_site.label_entity_id 
_atom_site.label_seq_id 
_atom_site.pdbx_PDB_ins_code 
_atom_site.Cartn_x 
_atom_site.Cartn_y 
_atom_site.Cartn_z 
_atom_site.occupancy 
_atom_site.B_iso_or_equiv 
_atom_site.pdbx_formal_charge 
_atom_site.auth_seq_id 
_atom_site.auth_comp_id 
_atom_site.auth_asym_id 
_atom_site.auth_atom_id 
_atom_site.pdbx_PDB_model_num 
ATOM   1    N N   . ARG A 1 12  ? -11.856 -12.865 10.063  1.00 49.50 ? 12  ARG A N   1 
ATOM   2    C CA  . ARG A 1 12  ? -12.039 -11.409 10.295  1.00 40.72 ? 12  ARG A CA  1 
ATOM   3    C C   . ARG A 1 12  ? -11.077 -10.609 9.405   1.00 34.14 ? 12  ARG A C   1 
ATOM   4    O O   . ARG A 1 12  ? -9.929  -11.071 9.096   1.00 28.95 ? 12  ARG A O   1 
ATOM   5    C CB  . ARG A 1 12  ? -11.863 -11.015 11.763  1.00 44.41 ? 12  ARG A CB  1 
ATOM   6    C CG  . ARG A 1 12  ? -12.443 -9.654  12.120  1.00 48.67 ? 12  ARG A CG  1 
ATOM   7    C CD  . ARG A 1 12  ? -13.957 -9.606  11.956  1.00 51.99 ? 12  ARG A CD  1 
ATOM   8    N NE  . ARG A 1 12  ? -14.450 -8.313  11.488  1.00 54.44 ? 12  ARG A NE  1 
ATOM   9    C CZ  . ARG A 1 12  ? -15.456 -8.125  10.632  1.00 54.38 ? 12  ARG A CZ  1 
ATOM   10   N NH1 . ARG A 1 12  ? -15.801 -6.893  10.294  1.00 52.25 ? 12  ARG A NH1 1 
ATOM   11   N NH2 . ARG A 1 12  ? -16.118 -9.149  10.110  1.00 49.75 ? 12  ARG A NH2 1 
ATOM   12   N N   . ASP A 1 13  ? -11.555 -9.439  8.993   1.00 32.18 ? 13  ASP A N   1 
ATOM   13   C CA  . ASP A 1 13  ? -10.863 -8.550  8.026   1.00 32.22 ? 13  ASP A CA  1 
ATOM   14   C C   . ASP A 1 13  ? -9.632  -7.987  8.698   1.00 31.17 ? 13  ASP A C   1 
ATOM   15   O O   . ASP A 1 13  ? -8.517  -8.003  8.104   1.00 24.30 ? 13  ASP A O   1 
ATOM   16   C CB  . ASP A 1 13  ? -11.715 -7.329  7.669   1.00 36.62 ? 13  ASP A CB  1 
ATOM   17   C CG  . ASP A 1 13  ? -13.048 -7.646  7.034   1.00 44.67 ? 13  ASP A CG  1 
ATOM   18   O OD1 . ASP A 1 13  ? -13.237 -8.807  6.611   1.00 51.05 ? 13  ASP A OD1 1 
ATOM   19   O OD2 . ASP A 1 13  ? -13.886 -6.724  6.966   1.00 47.04 ? 13  ASP A OD2 1 
ATOM   20   N N   . GLU A 1 14  ? -9.858  -7.428  9.873   1.00 32.77 ? 14  GLU A N   1 
ATOM   21   C CA  . GLU A 1 14  ? -8.810  -6.770  10.668  1.00 35.64 ? 14  GLU A CA  1 
ATOM   22   C C   . GLU A 1 14  ? -7.656  -7.765  10.769  1.00 32.81 ? 14  GLU A C   1 
ATOM   23   O O   . GLU A 1 14  ? -6.533  -7.378  10.383  1.00 37.36 ? 14  GLU A O   1 
ATOM   24   C CB  . GLU A 1 14  ? -9.377  -6.326  12.008  1.00 37.76 ? 14  GLU A CB  1 
ATOM   25   C CG  . GLU A 1 14  ? -8.400  -5.481  12.760  1.00 37.77 ? 14  GLU A CG  1 
ATOM   26   C CD  . GLU A 1 14  ? -8.714  -5.225  14.216  1.00 40.11 ? 14  GLU A CD  1 
ATOM   27   O OE1 . GLU A 1 14  ? -7.812  -4.773  14.915  1.00 38.68 ? 14  GLU A OE1 1 
ATOM   28   O OE2 . GLU A 1 14  ? -9.868  -5.457  14.629  1.00 45.99 ? 14  GLU A OE2 1 
ATOM   29   N N   . ALA A 1 15  ? -7.952  -9.040  11.085  1.00 35.64 ? 15  ALA A N   1 
ATOM   30   C CA  . ALA A 1 15  ? -6.981  -10.136 11.293  1.00 33.41 ? 15  ALA A CA  1 
ATOM   31   C C   . ALA A 1 15  ? -6.241  -10.468 9.995   1.00 32.23 ? 15  ALA A C   1 
ATOM   32   O O   . ALA A 1 15  ? -4.996  -10.597 10.088  1.00 36.55 ? 15  ALA A O   1 
ATOM   33   C CB  . ALA A 1 15  ? -7.644  -11.371 11.863  1.00 36.16 ? 15  ALA A CB  1 
ATOM   34   N N   . GLY A 1 16  ? -6.963  -10.674 8.873   1.00 24.99 ? 16  GLY A N   1 
ATOM   35   C CA  . GLY A 1 16  ? -6.458  -11.103 7.564   1.00 24.63 ? 16  GLY A CA  1 
ATOM   36   C C   . GLY A 1 16  ? -5.566  -10.037 6.931   1.00 20.73 ? 16  GLY A C   1 
ATOM   37   O O   . GLY A 1 16  ? -4.670  -10.415 6.144   1.00 21.81 ? 16  GLY A O   1 
ATOM   38   N N   . ILE A 1 17  ? -5.863  -8.775  7.181   1.00 19.20 ? 17  ILE A N   1 
ATOM   39   C CA  . ILE A 1 17  ? -5.107  -7.644  6.573   1.00 18.33 ? 17  ILE A CA  1 
ATOM   40   C C   . ILE A 1 17  ? -3.802  -7.458  7.339   1.00 18.36 ? 17  ILE A C   1 
ATOM   41   O O   . ILE A 1 17  ? -2.758  -7.192  6.717   1.00 17.20 ? 17  ILE A O   1 
ATOM   42   C CB  . ILE A 1 17  ? -5.940  -6.352  6.534   1.00 18.11 ? 17  ILE A CB  1 
ATOM   43   C CG1 . ILE A 1 17  ? -7.089  -6.516  5.548   1.00 19.73 ? 17  ILE A CG1 1 
ATOM   44   C CG2 . ILE A 1 17  ? -5.045  -5.169  6.228   1.00 17.99 ? 17  ILE A CG2 1 
ATOM   45   C CD1 . ILE A 1 17  ? -8.157  -5.467  5.678   1.00 19.59 ? 17  ILE A CD1 1 
ATOM   46   N N   . THR A 1 18  ? -3.820  -7.436  8.662   1.00 17.38 ? 18  THR A N   1 
ATOM   47   C CA  . THR A 1 18  ? -2.615  -7.114  9.453   1.00 17.33 ? 18  THR A CA  1 
ATOM   48   C C   . THR A 1 18  ? -1.507  -8.120  9.114   1.00 18.05 ? 18  THR A C   1 
ATOM   49   O O   . THR A 1 18  ? -1.711  -9.355  9.039   1.00 19.41 ? 18  THR A O   1 
ATOM   50   C CB  . THR A 1 18  ? -2.890  -7.239  10.952  1.00 18.27 ? 18  THR A CB  1 
ATOM   51   O OG1 . THR A 1 18  ? -3.769  -6.181  11.296  1.00 18.82 ? 18  THR A OG1 1 
ATOM   52   C CG2 . THR A 1 18  ? -1.624  -7.149  11.751  1.00 19.35 ? 18  THR A CG2 1 
ATOM   53   N N   . GLY A 1 19  ? -0.327  -7.571  8.825   1.00 17.60 ? 19  GLY A N   1 
ATOM   54   C CA  . GLY A 1 19  ? 0.871   -8.350  8.482   1.00 18.62 ? 19  GLY A CA  1 
ATOM   55   C C   . GLY A 1 19  ? 1.643   -7.801  7.309   1.00 18.38 ? 19  GLY A C   1 
ATOM   56   O O   . GLY A 1 19  ? 1.540   -6.613  6.986   1.00 18.11 ? 19  GLY A O   1 
ATOM   57   N N   . THR A 1 20  ? 2.373   -8.659  6.642   1.00 18.02 ? 20  THR A N   1 
ATOM   58   C CA  . THR A 1 20  ? 3.328   -8.283  5.578   1.00 16.83 ? 20  THR A CA  1 
ATOM   59   C C   . THR A 1 20  ? 2.814   -8.765  4.272   1.00 17.17 ? 20  THR A C   1 
ATOM   60   O O   . THR A 1 20  ? 2.308   -9.886  4.141   1.00 18.56 ? 20  THR A O   1 
ATOM   61   C CB  . THR A 1 20  ? 4.672   -9.019  5.737   1.00 19.94 ? 20  THR A CB  1 
ATOM   62   O OG1 . THR A 1 20  ? 5.074   -8.746  7.050   1.00 23.43 ? 20  THR A OG1 1 
ATOM   63   C CG2 . THR A 1 20  ? 5.725   -8.474  4.808   1.00 20.02 ? 20  THR A CG2 1 
ATOM   64   N N   . TRP A 1 21  ? 2.923   -7.917  3.248   1.00 15.65 ? 21  TRP A N   1 
ATOM   65   C CA  . TRP A 1 21  ? 2.436   -8.181  1.910   1.00 16.18 ? 21  TRP A CA  1 
ATOM   66   C C   . TRP A 1 21  ? 3.562   -7.843  0.944   1.00 15.52 ? 21  TRP A C   1 
ATOM   67   O O   . TRP A 1 21  ? 4.377   -6.963  1.251   1.00 17.66 ? 21  TRP A O   1 
ATOM   68   C CB  . TRP A 1 21  ? 1.196   -7.283  1.676   1.00 15.51 ? 21  TRP A CB  1 
ATOM   69   C CG  . TRP A 1 21  ? 0.015   -7.660  2.518   1.00 15.15 ? 21  TRP A CG  1 
ATOM   70   C CD1 . TRP A 1 21  ? -0.268  -7.196  3.762   1.00 16.22 ? 21  TRP A CD1 1 
ATOM   71   C CD2 . TRP A 1 21  ? -0.988  -8.604  2.191   1.00 15.74 ? 21  TRP A CD2 1 
ATOM   72   N NE1 . TRP A 1 21  ? -1.437  -7.754  4.205   1.00 16.00 ? 21  TRP A NE1 1 
ATOM   73   C CE2 . TRP A 1 21  ? -1.875  -8.651  3.285   1.00 15.20 ? 21  TRP A CE2 1 
ATOM   74   C CE3 . TRP A 1 21  ? -1.224  -9.373  1.069   1.00 16.49 ? 21  TRP A CE3 1 
ATOM   75   C CZ2 . TRP A 1 21  ? -3.021  -9.446  3.236   1.00 17.20 ? 21  TRP A CZ2 1 
ATOM   76   C CZ3 . TRP A 1 21  ? -2.336  -10.175 1.045   1.00 16.99 ? 21  TRP A CZ3 1 
ATOM   77   C CH2 . TRP A 1 21  ? -3.190  -10.224 2.121   1.00 18.32 ? 21  TRP A CH2 1 
ATOM   78   N N   . TYR A 1 22  ? 3.570   -8.510  -0.172  1.00 15.51 ? 22  TYR A N   1 
ATOM   79   C CA  . TYR A 1 22  ? 4.618   -8.365  -1.196  1.00 16.18 ? 22  TYR A CA  1 
ATOM   80   C C   . TYR A 1 22  ? 3.994   -8.173  -2.549  1.00 17.33 ? 22  TYR A C   1 
ATOM   81   O O   . TYR A 1 22  ? 3.116   -8.865  -2.906  1.00 17.07 ? 22  TYR A O   1 
ATOM   82   C CB  . TYR A 1 22  ? 5.451   -9.654  -1.264  1.00 17.65 ? 22  TYR A CB  1 
ATOM   83   C CG  . TYR A 1 22  ? 6.093   -10.046 0.031   1.00 18.15 ? 22  TYR A CG  1 
ATOM   84   C CD1 . TYR A 1 22  ? 7.250   -9.421  0.476   1.00 20.64 ? 22  TYR A CD1 1 
ATOM   85   C CD2 . TYR A 1 22  ? 5.463   -10.934 0.877   1.00 17.76 ? 22  TYR A CD2 1 
ATOM   86   C CE1 . TYR A 1 22  ? 7.834   -9.763  1.686   1.00 20.80 ? 22  TYR A CE1 1 
ATOM   87   C CE2 . TYR A 1 22  ? 6.030   -11.278 2.092   1.00 18.17 ? 22  TYR A CE2 1 
ATOM   88   C CZ  . TYR A 1 22  ? 7.227   -10.718 2.499   1.00 19.55 ? 22  TYR A CZ  1 
ATOM   89   O OH  . TYR A 1 22  ? 7.835   -11.016 3.700   1.00 22.50 ? 22  TYR A OH  1 
ATOM   90   N N   . ASN A 1 23  ? 4.485   -7.208  -3.310  1.00 18.96 ? 23  ASN A N   1 
ATOM   91   C CA  . ASN A 1 23  ? 4.019   -7.036  -4.698  1.00 22.50 ? 23  ASN A CA  1 
ATOM   92   C C   . ASN A 1 23  ? 4.813   -7.964  -5.604  1.00 25.61 ? 23  ASN A C   1 
ATOM   93   O O   . ASN A 1 23  ? 5.621   -8.728  -5.106  1.00 23.80 ? 23  ASN A O   1 
ATOM   94   C CB  . ASN A 1 23  ? 4.041   -5.580  -5.171  1.00 21.45 ? 23  ASN A CB  1 
ATOM   95   C CG  . ASN A 1 23  ? 5.409   -5.076  -5.585  1.00 22.54 ? 23  ASN A CG  1 
ATOM   96   O OD1 . ASN A 1 23  ? 6.406   -5.740  -5.354  1.00 22.34 ? 23  ASN A OD1 1 
ATOM   97   N ND2 . ASN A 1 23  ? 5.407   -3.883  -6.166  1.00 22.30 ? 23  ASN A ND2 1 
ATOM   98   N N   . GLN A 1 24  ? 4.618   -7.854  -6.912  1.00 28.71 ? 24  GLN A N   1 
ATOM   99   C CA  . GLN A 1 24  ? 5.198   -8.798  -7.896  1.00 32.02 ? 24  GLN A CA  1 
ATOM   100  C C   . GLN A 1 24  ? 6.721   -8.624  -7.985  1.00 32.17 ? 24  GLN A C   1 
ATOM   101  O O   . GLN A 1 24  ? 7.370   -9.523  -8.478  1.00 35.15 ? 24  GLN A O   1 
ATOM   102  C CB  . GLN A 1 24  ? 4.569   -8.582  -9.275  1.00 39.61 ? 24  GLN A CB  1 
ATOM   103  C CG  . GLN A 1 24  ? 3.205   -9.232  -9.438  1.00 45.14 ? 24  GLN A CG  1 
ATOM   104  C CD  . GLN A 1 24  ? 2.613   -8.966  -10.800 1.00 48.36 ? 24  GLN A CD  1 
ATOM   105  O OE1 . GLN A 1 24  ? 3.310   -8.599  -11.744 1.00 54.57 ? 24  GLN A OE1 1 
ATOM   106  N NE2 . GLN A 1 24  ? 1.313   -9.170  -10.918 1.00 53.52 ? 24  GLN A NE2 1 
ATOM   107  N N   . LEU A 1 25  ? 7.249   -7.507  -7.486  1.00 28.38 ? 25  LEU A N   1 
ATOM   108  C CA  . LEU A 1 25  ? 8.692   -7.157  -7.491  1.00 32.22 ? 25  LEU A CA  1 
ATOM   109  C C   . LEU A 1 25  ? 9.246   -7.284  -6.058  1.00 29.92 ? 25  LEU A C   1 
ATOM   110  O O   . LEU A 1 25  ? 10.378  -6.917  -5.797  1.00 34.65 ? 25  LEU A O   1 
ATOM   111  C CB  . LEU A 1 25  ? 8.793   -5.735  -8.031  1.00 32.98 ? 25  LEU A CB  1 
ATOM   112  C CG  . LEU A 1 25  ? 8.126   -5.519  -9.383  1.00 35.66 ? 25  LEU A CG  1 
ATOM   113  C CD1 . LEU A 1 25  ? 8.175   -4.053  -9.774  1.00 39.46 ? 25  LEU A CD1 1 
ATOM   114  C CD2 . LEU A 1 25  ? 8.785   -6.385  -10.449 1.00 39.03 ? 25  LEU A CD2 1 
ATOM   115  N N   . GLY A 1 26  ? 8.437   -7.807  -5.140  1.00 30.83 ? 26  GLY A N   1 
ATOM   116  C CA  . GLY A 1 26  ? 8.818   -8.021  -3.737  1.00 27.17 ? 26  GLY A CA  1 
ATOM   117  C C   . GLY A 1 26  ? 9.018   -6.723  -2.972  1.00 25.76 ? 26  GLY A C   1 
ATOM   118  O O   . GLY A 1 26  ? 9.495   -6.793  -1.836  1.00 27.64 ? 26  GLY A O   1 
ATOM   119  N N   . SER A 1 27  ? 8.603   -5.561  -3.494  1.00 23.40 ? 27  SER A N   1 
ATOM   120  C CA  . SER A 1 27  ? 8.352   -4.417  -2.590  1.00 20.34 ? 27  SER A CA  1 
ATOM   121  C C   . SER A 1 27  ? 7.475   -4.961  -1.472  1.00 20.29 ? 27  SER A C   1 
ATOM   122  O O   . SER A 1 27  ? 6.651   -5.879  -1.717  1.00 24.75 ? 27  SER A O   1 
ATOM   123  C CB  . SER A 1 27  ? 7.713   -3.236  -3.245  1.00 20.99 ? 27  SER A CB  1 
ATOM   124  O OG  . SER A 1 27  ? 8.554   -2.755  -4.293  1.00 26.93 ? 27  SER A OG  1 
ATOM   125  N N   . THR A 1 28  ? 7.624   -4.407  -0.304  1.00 17.79 ? 28  THR A N   1 
ATOM   126  C CA  . THR A 1 28  ? 7.097   -5.003  0.941   1.00 18.82 ? 28  THR A CA  1 
ATOM   127  C C   . THR A 1 28  ? 6.279   -3.939  1.620   1.00 18.83 ? 28  THR A C   1 
ATOM   128  O O   . THR A 1 28  ? 6.815   -2.849  1.866   1.00 20.31 ? 28  THR A O   1 
ATOM   129  C CB  . THR A 1 28  ? 8.252   -5.480  1.839   1.00 22.81 ? 28  THR A CB  1 
ATOM   130  O OG1 . THR A 1 28  ? 8.988   -6.418  1.048   1.00 28.34 ? 28  THR A OG1 1 
ATOM   131  C CG2 . THR A 1 28  ? 7.745   -6.208  3.075   1.00 25.35 ? 28  THR A CG2 1 
ATOM   132  N N   A PHE A 1 29  ? 5.043   -4.299  2.054   0.50 17.11 ? 29  PHE A N   1 
ATOM   133  N N   B PHE A 1 29  ? 5.111   -4.264  2.052   0.50 16.96 ? 29  PHE A N   1 
ATOM   134  C CA  A PHE A 1 29  ? 3.957   -3.474  2.700   0.50 15.82 ? 29  PHE A CA  1 
ATOM   135  C CA  B PHE A 1 29  ? 4.686   -3.395  3.132   0.50 16.11 ? 29  PHE A CA  1 
ATOM   136  C C   A PHE A 1 29  ? 3.696   -4.087  4.105   0.50 16.96 ? 29  PHE A C   1 
ATOM   137  C C   B PHE A 1 29  ? 4.191   -4.256  4.239   0.50 17.10 ? 29  PHE A C   1 
ATOM   138  O O   A PHE A 1 29  ? 3.148   -5.205  4.073   0.50 16.43 ? 29  PHE A O   1 
ATOM   139  O O   B PHE A 1 29  ? 3.897   -5.456  4.211   0.50 16.34 ? 29  PHE A O   1 
ATOM   140  C CB  A PHE A 1 29  ? 2.762   -3.440  1.714   0.50 15.05 ? 29  PHE A CB  1 
ATOM   141  C CB  B PHE A 1 29  ? 3.616   -2.403  2.724   0.50 14.67 ? 29  PHE A CB  1 
ATOM   142  C CG  A PHE A 1 29  ? 1.428   -2.951  2.202   0.50 15.29 ? 29  PHE A CG  1 
ATOM   143  C CG  B PHE A 1 29  ? 2.280   -2.978  2.343   0.50 13.61 ? 29  PHE A CG  1 
ATOM   144  C CD1 A PHE A 1 29  ? 0.255   -3.605  1.880   0.50 15.79 ? 29  PHE A CD1 1 
ATOM   145  C CD1 B PHE A 1 29  ? 1.978   -3.227  1.026   0.50 15.63 ? 29  PHE A CD1 1 
ATOM   146  C CD2 A PHE A 1 29  ? 1.331   -1.731  2.831   0.50 15.02 ? 29  PHE A CD2 1 
ATOM   147  C CD2 B PHE A 1 29  ? 1.306   -3.220  3.299   0.50 16.38 ? 29  PHE A CD2 1 
ATOM   148  C CE1 A PHE A 1 29  ? -0.966  -3.120  2.308   0.50 15.11 ? 29  PHE A CE1 1 
ATOM   149  C CE1 B PHE A 1 29  ? 0.728   -3.686  0.651   0.50 16.21 ? 29  PHE A CE1 1 
ATOM   150  C CE2 A PHE A 1 29  ? 0.113   -1.236  3.248   0.50 14.44 ? 29  PHE A CE2 1 
ATOM   151  C CE2 B PHE A 1 29  ? 0.074   -3.740  2.937   0.50 14.27 ? 29  PHE A CE2 1 
ATOM   152  C CZ  A PHE A 1 29  ? -1.029  -1.954  3.023   0.50 13.60 ? 29  PHE A CZ  1 
ATOM   153  C CZ  B PHE A 1 29  ? -0.235  -3.922  1.603   0.50 16.59 ? 29  PHE A CZ  1 
ATOM   154  N N   . ILE A 1 30  ? 4.119   -3.488  5.261   1.00 18.13 ? 30  ILE A N   1 
ATOM   155  C CA  . ILE A 1 30  ? 3.910   -4.030  6.603   1.00 19.88 ? 30  ILE A CA  1 
ATOM   156  C C   . ILE A 1 30  ? 2.820   -3.174  7.231   1.00 18.49 ? 30  ILE A C   1 
ATOM   157  O O   . ILE A 1 30  ? 3.017   -1.970  7.329   1.00 21.11 ? 30  ILE A O   1 
ATOM   158  C CB  . ILE A 1 30  ? 5.262   -3.826  7.287   1.00 27.83 ? 30  ILE A CB  1 
ATOM   159  C CG1 . ILE A 1 30  ? 6.350   -4.712  6.669   1.00 28.24 ? 30  ILE A CG1 1 
ATOM   160  C CG2 . ILE A 1 30  ? 5.117   -4.024  8.763   1.00 28.58 ? 30  ILE A CG2 1 
ATOM   161  C CD1 . ILE A 1 30  ? 7.755   -4.244  6.970   1.00 30.18 ? 30  ILE A CD1 1 
ATOM   162  N N   . VAL A 1 31  ? 1.676   -3.769  7.535   1.00 16.40 ? 31  VAL A N   1 
ATOM   163  C CA  . VAL A 1 31  ? 0.491   -2.970  7.936   1.00 16.95 ? 31  VAL A CA  1 
ATOM   164  C C   . VAL A 1 31  ? -0.116  -3.560  9.218   1.00 16.59 ? 31  VAL A C   1 
ATOM   165  O O   . VAL A 1 31  ? -0.179  -4.795  9.365   1.00 18.11 ? 31  VAL A O   1 
ATOM   166  C CB  . VAL A 1 31  ? -0.502  -2.845  6.768   1.00 16.42 ? 31  VAL A CB  1 
ATOM   167  C CG1 . VAL A 1 31  ? -1.139  -4.158  6.395   1.00 17.05 ? 31  VAL A CG1 1 
ATOM   168  C CG2 . VAL A 1 31  ? -1.536  -1.751  7.017   1.00 18.07 ? 31  VAL A CG2 1 
ATOM   169  N N   . THR A 1 32  ? -0.679  -2.669  10.009  1.00 17.72 ? 32  THR A N   1 
ATOM   170  C CA  . THR A 1 32  ? -1.584  -3.052  11.111  1.00 18.87 ? 32  THR A CA  1 
ATOM   171  C C   . THR A 1 32  ? -2.958  -2.460  10.799  1.00 18.66 ? 32  THR A C   1 
ATOM   172  O O   . THR A 1 32  ? -3.004  -1.236  10.588  1.00 17.59 ? 32  THR A O   1 
ATOM   173  C CB  . THR A 1 32  ? -1.059  -2.601  12.474  1.00 22.63 ? 32  THR A CB  1 
ATOM   174  O OG1 . THR A 1 32  ? 0.186   -3.275  12.688  1.00 23.83 ? 32  THR A OG1 1 
ATOM   175  C CG2 . THR A 1 32  ? -2.031  -2.915  13.586  1.00 23.46 ? 32  THR A CG2 1 
ATOM   176  N N   . ALA A 1 33  ? -3.958  -3.325  10.782  1.00 18.28 ? 33  ALA A N   1 
ATOM   177  C CA  . ALA A 1 33  ? -5.367  -2.872  10.639  1.00 19.16 ? 33  ALA A CA  1 
ATOM   178  C C   . ALA A 1 33  ? -5.959  -2.660  12.032  1.00 19.71 ? 33  ALA A C   1 
ATOM   179  O O   . ALA A 1 33  ? -6.011  -3.677  12.773  1.00 23.02 ? 33  ALA A O   1 
ATOM   180  C CB  . ALA A 1 33  ? -6.111  -3.851  9.818   1.00 18.81 ? 33  ALA A CB  1 
ATOM   181  N N   . GLY A 1 34  ? -6.282  -1.449  12.401  1.00 21.25 ? 34  GLY A N   1 
ATOM   182  C CA  . GLY A 1 34  ? -6.904  -1.096  13.697  1.00 21.80 ? 34  GLY A CA  1 
ATOM   183  C C   . GLY A 1 34  ? -8.390  -1.395  13.751  1.00 25.30 ? 34  GLY A C   1 
ATOM   184  O O   . GLY A 1 34  ? -9.045  -1.601  12.707  1.00 24.10 ? 34  GLY A O   1 
ATOM   185  N N   . ALA A 1 35  ? -8.962  -1.435  14.968  1.00 27.60 ? 35  ALA A N   1 
ATOM   186  C CA  . ALA A 1 35  ? -10.369 -1.847  15.161  1.00 29.47 ? 35  ALA A CA  1 
ATOM   187  C C   . ALA A 1 35  ? -11.322 -0.811  14.562  1.00 29.44 ? 35  ALA A C   1 
ATOM   188  O O   . ALA A 1 35  ? -12.433 -1.179  14.201  1.00 35.14 ? 35  ALA A O   1 
ATOM   189  C CB  . ALA A 1 35  ? -10.656 -2.053  16.631  1.00 29.34 ? 35  ALA A CB  1 
ATOM   190  N N   . ASP A 1 36  ? -10.915 0.451   14.484  1.00 29.06 ? 36  ASP A N   1 
ATOM   191  C CA  . ASP A 1 36  ? -11.825 1.521   14.007  1.00 29.68 ? 36  ASP A CA  1 
ATOM   192  C C   . ASP A 1 36  ? -11.383 1.977   12.614  1.00 26.36 ? 36  ASP A C   1 
ATOM   193  O O   . ASP A 1 36  ? -11.696 3.133   12.255  1.00 28.54 ? 36  ASP A O   1 
ATOM   194  C CB  . ASP A 1 36  ? -11.896 2.663   15.018  1.00 36.96 ? 36  ASP A CB  1 
ATOM   195  C CG  . ASP A 1 36  ? -12.514 2.252   16.350  1.00 43.63 ? 36  ASP A CG  1 
ATOM   196  O OD1 . ASP A 1 36  ? -12.421 3.041   17.292  1.00 49.09 ? 36  ASP A OD1 1 
ATOM   197  O OD2 . ASP A 1 36  ? -13.081 1.146   16.425  1.00 46.97 ? 36  ASP A OD2 1 
ATOM   198  N N   . GLY A 1 37  ? -10.815 1.056   11.830  1.00 22.20 ? 37  GLY A N   1 
ATOM   199  C CA  . GLY A 1 37  ? -10.681 1.256   10.375  1.00 20.60 ? 37  GLY A CA  1 
ATOM   200  C C   . GLY A 1 37  ? -9.318  1.801   9.970   1.00 18.22 ? 37  GLY A C   1 
ATOM   201  O O   . GLY A 1 37  ? -9.158  2.084   8.758   1.00 17.77 ? 37  GLY A O   1 
ATOM   202  N N   . ALA A 1 38  ? -8.387  2.073   10.876  1.00 18.09 ? 38  ALA A N   1 
ATOM   203  C CA  . ALA A 1 38  ? -7.062  2.624   10.534  1.00 17.66 ? 38  ALA A CA  1 
ATOM   204  C C   . ALA A 1 38  ? -6.181  1.544   9.936   1.00 16.74 ? 38  ALA A C   1 
ATOM   205  O O   . ALA A 1 38  ? -6.191  0.372   10.320  1.00 18.26 ? 38  ALA A O   1 
ATOM   206  C CB  . ALA A 1 38  ? -6.391  3.190   11.766  1.00 20.65 ? 38  ALA A CB  1 
ATOM   207  N N   . LEU A 1 39  ? -5.394  1.958   8.936   1.00 16.40 ? 39  LEU A N   1 
ATOM   208  C CA  . LEU A 1 39  ? -4.206  1.230   8.458   1.00 16.66 ? 39  LEU A CA  1 
ATOM   209  C C   . LEU A 1 39  ? -2.978  2.056   8.789   1.00 15.84 ? 39  LEU A C   1 
ATOM   210  O O   . LEU A 1 39  ? -2.890  3.239   8.516   1.00 15.86 ? 39  LEU A O   1 
ATOM   211  C CB  . LEU A 1 39  ? -4.227  1.012   6.952   1.00 15.25 ? 39  LEU A CB  1 
ATOM   212  C CG  . LEU A 1 39  ? -5.381  0.197   6.428   1.00 16.03 ? 39  LEU A CG  1 
ATOM   213  C CD1 . LEU A 1 39  ? -5.310  0.090   4.919   1.00 15.72 ? 39  LEU A CD1 1 
ATOM   214  C CD2 . LEU A 1 39  ? -5.440  -1.206  7.024   1.00 16.84 ? 39  LEU A CD2 1 
ATOM   215  N N   . THR A 1 40  ? -1.998  1.418   9.446   1.00 15.95 ? 40  THR A N   1 
ATOM   216  C CA  A THR A 1 40  ? -0.721  2.054   9.805   0.50 16.39 ? 40  THR A CA  1 
ATOM   217  C CA  B THR A 1 40  ? -0.702  2.076   9.777   0.50 15.94 ? 40  THR A CA  1 
ATOM   218  C C   . THR A 1 40  ? 0.415   1.083   9.479   1.00 16.22 ? 40  THR A C   1 
ATOM   219  O O   . THR A 1 40  ? 0.250   -0.090  9.734   1.00 19.65 ? 40  THR A O   1 
ATOM   220  C CB  A THR A 1 40  ? -0.772  2.431   11.290  0.50 16.74 ? 40  THR A CB  1 
ATOM   221  C CB  B THR A 1 40  ? -0.553  2.538   11.245  0.50 15.69 ? 40  THR A CB  1 
ATOM   222  O OG1 A THR A 1 40  ? -2.019  3.051   11.627  0.50 17.18 ? 40  THR A OG1 1 
ATOM   223  O OG1 B THR A 1 40  ? -0.770  1.389   12.070  0.50 17.73 ? 40  THR A OG1 1 
ATOM   224  C CG2 A THR A 1 40  ? 0.339   3.380   11.635  0.50 18.51 ? 40  THR A CG2 1 
ATOM   225  C CG2 B THR A 1 40  ? -1.463  3.687   11.639  0.50 15.79 ? 40  THR A CG2 1 
ATOM   226  N N   . GLY A 1 41  ? 1.545   1.604   9.052   1.00 15.89 ? 41  GLY A N   1 
ATOM   227  C CA  . GLY A 1 41  ? 2.681   0.711   8.791   1.00 15.47 ? 41  GLY A CA  1 
ATOM   228  C C   . GLY A 1 41  ? 3.796   1.368   8.027   1.00 14.65 ? 41  GLY A C   1 
ATOM   229  O O   . GLY A 1 41  ? 3.976   2.557   8.103   1.00 15.58 ? 41  GLY A O   1 
ATOM   230  N N   . THR A 1 42  ? 4.501   0.532   7.271   1.00 15.96 ? 42  THR A N   1 
ATOM   231  C CA  A THR A 1 42  ? 5.738   0.909   6.546   0.50 16.04 ? 42  THR A CA  1 
ATOM   232  C CA  B THR A 1 42  ? 5.640   1.040   6.469   0.50 15.33 ? 42  THR A CA  1 
ATOM   233  C C   . THR A 1 42  ? 5.664   0.322   5.131   1.00 15.57 ? 42  THR A C   1 
ATOM   234  O O   . THR A 1 42  ? 5.208   -0.843  5.007   1.00 18.38 ? 42  THR A O   1 
ATOM   235  C CB  A THR A 1 42  ? 6.937   0.358   7.354   0.50 16.31 ? 42  THR A CB  1 
ATOM   236  C CB  B THR A 1 42  ? 6.996   0.851   7.170   0.50 18.30 ? 42  THR A CB  1 
ATOM   237  O OG1 A THR A 1 42  ? 6.954   0.976   8.634   0.50 18.67 ? 42  THR A OG1 1 
ATOM   238  O OG1 B THR A 1 42  ? 7.137   -0.556  7.342   0.50 17.79 ? 42  THR A OG1 1 
ATOM   239  C CG2 A THR A 1 42  ? 8.270   0.646   6.717   0.50 17.98 ? 42  THR A CG2 1 
ATOM   240  C CG2 B THR A 1 42  ? 7.093   1.619   8.471   0.50 16.82 ? 42  THR A CG2 1 
ATOM   241  N N   . TYR A 1 43  ? 6.167   1.012   4.147   1.00 14.92 ? 43  TYR A N   1 
ATOM   242  C CA  . TYR A 1 43  ? 6.300   0.482   2.791   1.00 15.07 ? 43  TYR A CA  1 
ATOM   243  C C   . TYR A 1 43  ? 7.775   0.519   2.471   1.00 15.34 ? 43  TYR A C   1 
ATOM   244  O O   . TYR A 1 43  ? 8.392   1.544   2.699   1.00 16.75 ? 43  TYR A O   1 
ATOM   245  C CB  . TYR A 1 43  ? 5.436   1.326   1.836   1.00 15.18 ? 43  TYR A CB  1 
ATOM   246  C CG  . TYR A 1 43  ? 5.241   0.694   0.502   1.00 15.78 ? 43  TYR A CG  1 
ATOM   247  C CD1 . TYR A 1 43  ? 6.166   0.820   -0.509  1.00 18.44 ? 43  TYR A CD1 1 
ATOM   248  C CD2 . TYR A 1 43  ? 4.077   0.010   0.242   1.00 17.44 ? 43  TYR A CD2 1 
ATOM   249  C CE1 . TYR A 1 43  ? 5.941   0.178   -1.717  1.00 17.84 ? 43  TYR A CE1 1 
ATOM   250  C CE2 . TYR A 1 43  ? 3.839   -0.595  -0.967  1.00 17.96 ? 43  TYR A CE2 1 
ATOM   251  C CZ  . TYR A 1 43  ? 4.791   -0.536  -1.939  1.00 17.37 ? 43  TYR A CZ  1 
ATOM   252  O OH  . TYR A 1 43  ? 4.487   -1.215  -3.111  1.00 23.65 ? 43  TYR A OH  1 
ATOM   253  N N   A GLU A 1 44  ? 8.362   -0.591  2.066   0.50 16.59 ? 44  GLU A N   1 
ATOM   254  N N   B GLU A 1 44  ? 8.270   -0.518  1.784   0.50 16.97 ? 44  GLU A N   1 
ATOM   255  C CA  A GLU A 1 44  ? 9.830   -0.625  1.846   0.50 19.14 ? 44  GLU A CA  1 
ATOM   256  C CA  B GLU A 1 44  ? 9.721   -0.733  1.525   0.50 18.96 ? 44  GLU A CA  1 
ATOM   257  C C   A GLU A 1 44  ? 10.144  -1.441  0.589   0.50 22.60 ? 44  GLU A C   1 
ATOM   258  C C   B GLU A 1 44  ? 10.061  -1.409  0.198   0.50 21.38 ? 44  GLU A C   1 
ATOM   259  O O   A GLU A 1 44  ? 9.287   -2.036  -0.018  0.50 19.25 ? 44  GLU A O   1 
ATOM   260  O O   B GLU A 1 44  ? 9.259   -2.088  -0.423  0.50 18.07 ? 44  GLU A O   1 
ATOM   261  C CB  A GLU A 1 44  ? 10.504  -1.178  3.103   0.50 22.28 ? 44  GLU A CB  1 
ATOM   262  C CB  B GLU A 1 44  ? 10.237  -1.758  2.523   0.50 20.75 ? 44  GLU A CB  1 
ATOM   263  C CG  A GLU A 1 44  ? 10.155  -2.625  3.382   0.50 23.52 ? 44  GLU A CG  1 
ATOM   264  C CG  B GLU A 1 44  ? 11.711  -1.680  2.825   0.50 28.00 ? 44  GLU A CG  1 
ATOM   265  C CD  A GLU A 1 44  ? 10.414  -3.149  4.784   0.50 27.39 ? 44  GLU A CD  1 
ATOM   266  C CD  B GLU A 1 44  ? 11.921  -2.359  4.167   0.50 31.31 ? 44  GLU A CD  1 
ATOM   267  O OE1 A GLU A 1 44  ? 10.750  -4.341  4.907   0.50 33.07 ? 44  GLU A OE1 1 
ATOM   268  O OE1 B GLU A 1 44  ? 10.911  -2.625  4.849   0.50 34.29 ? 44  GLU A OE1 1 
ATOM   269  O OE2 A GLU A 1 44  ? 10.244  -2.383  5.754   0.50 31.32 ? 44  GLU A OE2 1 
ATOM   270  O OE2 B GLU A 1 44  ? 13.055  -2.622  4.521   0.50 33.63 ? 44  GLU A OE2 1 
ATOM   271  N N   A SER A 1 45  ? 11.400  -1.539  0.168   0.50 28.20 ? 45  SER A N   1 
ATOM   272  N N   B SER A 1 45  ? 11.363  -1.389  -0.103  0.50 25.34 ? 45  SER A N   1 
ATOM   273  C CA  A SER A 1 45  ? 11.624  -2.347  -1.056  0.50 32.58 ? 45  SER A CA  1 
ATOM   274  C CA  B SER A 1 45  ? 11.986  -2.228  -1.156  0.50 27.20 ? 45  SER A CA  1 
ATOM   275  C C   A SER A 1 45  ? 12.515  -3.555  -0.760  0.50 37.10 ? 45  SER A C   1 
ATOM   276  C C   B SER A 1 45  ? 12.122  -3.679  -0.663  0.50 30.28 ? 45  SER A C   1 
ATOM   277  O O   A SER A 1 45  ? 13.340  -3.465  0.184   0.50 42.67 ? 45  SER A O   1 
ATOM   278  O O   B SER A 1 45  ? 12.007  -3.937  0.554   0.50 26.79 ? 45  SER A O   1 
ATOM   279  C CB  A SER A 1 45  ? 12.063  -1.517  -2.222  0.50 31.24 ? 45  SER A CB  1 
ATOM   280  C CB  B SER A 1 45  ? 13.308  -1.697  -1.544  0.50 27.49 ? 45  SER A CB  1 
ATOM   281  O OG  A SER A 1 45  ? 11.098  -1.639  -3.277  0.50 29.08 ? 45  SER A OG  1 
ATOM   282  O OG  B SER A 1 45  ? 14.245  -2.002  -0.530  0.50 28.47 ? 45  SER A OG  1 
ATOM   283  N N   . ALA A 1 46  ? 12.365  -4.597  -1.597  1.00 37.33 ? 46  ALA A N   1 
ATOM   284  C CA  . ALA A 1 46  ? 12.670  -6.020  -1.303  1.00 42.17 ? 46  ALA A CA  1 
ATOM   285  C C   . ALA A 1 46  ? 13.871  -6.170  -0.355  1.00 48.42 ? 46  ALA A C   1 
ATOM   286  O O   . ALA A 1 46  ? 13.756  -6.955  0.600   1.00 54.36 ? 46  ALA A O   1 
ATOM   287  C CB  . ALA A 1 46  ? 12.889  -6.760  -2.599  1.00 40.49 ? 46  ALA A CB  1 
ATOM   288  N N   . VAL A 1 47  ? 14.972  -5.449  -0.601  1.00 46.84 ? 47  VAL A N   1 
ATOM   289  C CA  . VAL A 1 47  ? 16.248  -5.621  0.157   1.00 53.48 ? 47  VAL A CA  1 
ATOM   290  C C   . VAL A 1 47  ? 16.022  -5.159  1.603   1.00 58.45 ? 47  VAL A C   1 
ATOM   291  O O   . VAL A 1 47  ? 16.740  -5.626  2.499   1.00 62.11 ? 47  VAL A O   1 
ATOM   292  C CB  . VAL A 1 47  ? 17.436  -4.918  -0.535  1.00 55.27 ? 47  VAL A CB  1 
ATOM   293  C CG1 . VAL A 1 47  ? 17.675  -5.478  -1.928  1.00 56.27 ? 47  VAL A CG1 1 
ATOM   294  C CG2 . VAL A 1 47  ? 17.283  -3.411  -0.595  1.00 57.21 ? 47  VAL A CG2 1 
ATOM   295  N N   . GLY A 1 48  ? 15.035  -4.289  1.817   1.00 62.06 ? 48  GLY A N   1 
ATOM   296  C CA  . GLY A 1 48  ? 14.445  -4.035  3.142   1.00 60.16 ? 48  GLY A CA  1 
ATOM   297  C C   . GLY A 1 48  ? 15.298  -3.107  3.991   1.00 61.15 ? 48  GLY A C   1 
ATOM   298  O O   . GLY A 1 48  ? 15.152  -3.140  5.235   1.00 58.15 ? 48  GLY A O   1 
ATOM   299  N N   . ASN A 1 49  ? 16.153  -2.302  3.352   1.00 53.52 ? 49  ASN A N   1 
ATOM   300  C CA  . ASN A 1 49  ? 17.014  -1.300  4.028   1.00 46.06 ? 49  ASN A CA  1 
ATOM   301  C C   . ASN A 1 49  ? 16.131  -0.127  4.454   1.00 47.82 ? 49  ASN A C   1 
ATOM   302  O O   . ASN A 1 49  ? 15.213  0.201   3.666   1.00 44.67 ? 49  ASN A O   1 
ATOM   303  C CB  . ASN A 1 49  ? 18.185  -0.885  3.131   1.00 45.57 ? 49  ASN A CB  1 
ATOM   304  C CG  . ASN A 1 49  ? 17.784  -0.564  1.704   1.00 44.85 ? 49  ASN A CG  1 
ATOM   305  O OD1 . ASN A 1 49  ? 17.123  -1.352  1.026   1.00 44.06 ? 49  ASN A OD1 1 
ATOM   306  N ND2 . ASN A 1 49  ? 18.186  0.593   1.226   1.00 43.63 ? 49  ASN A ND2 1 
ATOM   307  N N   . ALA A 1 50  ? 16.416  0.470   5.624   1.00 47.71 ? 50  ALA A N   1 
ATOM   308  C CA  . ALA A 1 50  ? 15.768  1.687   6.186   1.00 45.22 ? 50  ALA A CA  1 
ATOM   309  C C   . ALA A 1 50  ? 15.835  2.820   5.164   1.00 43.53 ? 50  ALA A C   1 
ATOM   310  O O   . ALA A 1 50  ? 14.981  3.740   5.155   1.00 34.83 ? 50  ALA A O   1 
ATOM   311  C CB  . ALA A 1 50  ? 16.455  2.111   7.467   1.00 45.43 ? 50  ALA A CB  1 
ATOM   312  N N   . GLU A 1 51  ? 16.851  2.771   4.317   1.00 35.30 ? 51  GLU A N   1 
ATOM   313  C CA  . GLU A 1 51  ? 16.998  3.781   3.268   1.00 33.47 ? 51  GLU A CA  1 
ATOM   314  C C   . GLU A 1 51  ? 15.724  3.773   2.412   1.00 25.31 ? 51  GLU A C   1 
ATOM   315  O O   . GLU A 1 51  ? 15.395  4.816   1.931   1.00 24.83 ? 51  GLU A O   1 
ATOM   316  C CB  . GLU A 1 51  ? 18.291  3.564   2.490   1.00 37.63 ? 51  GLU A CB  1 
ATOM   317  C CG  . GLU A 1 51  ? 19.419  3.051   3.375   1.00 42.19 ? 51  GLU A CG  1 
ATOM   318  C CD  . GLU A 1 51  ? 20.751  3.706   3.112   1.00 47.10 ? 51  GLU A CD  1 
ATOM   319  O OE1 . GLU A 1 51  ? 20.852  4.428   2.094   1.00 49.60 ? 51  GLU A OE1 1 
ATOM   320  O OE2 . GLU A 1 51  ? 21.664  3.515   3.944   1.00 43.01 ? 51  GLU A OE2 1 
ATOM   321  N N   . SER A 1 52  ? 15.083  2.614   2.199   1.00 21.99 ? 52  SER A N   1 
ATOM   322  C CA  . SER A 1 52  ? 13.920  2.486   1.280   1.00 21.57 ? 52  SER A CA  1 
ATOM   323  C C   . SER A 1 52  ? 12.599  2.301   2.045   1.00 18.87 ? 52  SER A C   1 
ATOM   324  O O   . SER A 1 52  ? 11.609  1.964   1.377   1.00 21.12 ? 52  SER A O   1 
ATOM   325  C CB  . SER A 1 52  ? 14.126  1.424   0.234   1.00 24.87 ? 52  SER A CB  1 
ATOM   326  O OG  . SER A 1 52  ? 13.666  0.136   0.669   1.00 29.96 ? 52  SER A OG  1 
ATOM   327  N N   . ARG A 1 53  ? 12.570  2.587   3.325   1.00 17.55 ? 53  ARG A N   1 
ATOM   328  C CA  . ARG A 1 53  ? 11.375  2.410   4.189   1.00 18.84 ? 53  ARG A CA  1 
ATOM   329  C C   . ARG A 1 53  ? 10.701  3.754   4.415   1.00 16.83 ? 53  ARG A C   1 
ATOM   330  O O   . ARG A 1 53  ? 11.317  4.731   4.750   1.00 16.63 ? 53  ARG A O   1 
ATOM   331  C CB  . ARG A 1 53  ? 11.786  1.880   5.558   1.00 23.93 ? 53  ARG A CB  1 
ATOM   332  C CG  . ARG A 1 53  ? 10.746  1.019   6.236   1.00 34.98 ? 53  ARG A CG  1 
ATOM   333  C CD  . ARG A 1 53  ? 11.399  -0.120  6.994   1.00 39.51 ? 53  ARG A CD  1 
ATOM   334  N NE  . ARG A 1 53  ? 12.400  0.385   7.918   1.00 45.12 ? 53  ARG A NE  1 
ATOM   335  C CZ  . ARG A 1 53  ? 13.573  -0.188  8.155   1.00 47.48 ? 53  ARG A CZ  1 
ATOM   336  N NH1 . ARG A 1 53  ? 14.417  0.366   9.010   1.00 49.13 ? 53  ARG A NH1 1 
ATOM   337  N NH2 . ARG A 1 53  ? 13.908  -1.302  7.529   1.00 52.28 ? 53  ARG A NH2 1 
ATOM   338  N N   . TYR A 1 54  ? 9.386   3.780   4.163   1.00 15.60 ? 54  TYR A N   1 
ATOM   339  C CA  . TYR A 1 54  ? 8.548   4.989   4.272   1.00 14.98 ? 54  TYR A CA  1 
ATOM   340  C C   . TYR A 1 54  ? 7.301   4.713   5.085   1.00 14.02 ? 54  TYR A C   1 
ATOM   341  O O   . TYR A 1 54  ? 6.750   3.613   5.070   1.00 16.09 ? 54  TYR A O   1 
ATOM   342  C CB  . TYR A 1 54  ? 8.177   5.480   2.875   1.00 14.79 ? 54  TYR A CB  1 
ATOM   343  C CG  . TYR A 1 54  ? 9.343   5.777   1.990   1.00 13.87 ? 54  TYR A CG  1 
ATOM   344  C CD1 . TYR A 1 54  ? 9.924   4.776   1.253   1.00 14.08 ? 54  TYR A CD1 1 
ATOM   345  C CD2 . TYR A 1 54  ? 9.801   7.060   1.849   1.00 14.25 ? 54  TYR A CD2 1 
ATOM   346  C CE1 . TYR A 1 54  ? 11.030  5.041   0.434   1.00 15.80 ? 54  TYR A CE1 1 
ATOM   347  C CE2 . TYR A 1 54  ? 10.881  7.354   1.027   1.00 15.76 ? 54  TYR A CE2 1 
ATOM   348  C CZ  . TYR A 1 54  ? 11.452  6.347   0.299   1.00 15.65 ? 54  TYR A CZ  1 
ATOM   349  O OH  . TYR A 1 54  ? 12.546  6.669   -0.472  1.00 18.96 ? 54  TYR A OH  1 
ATOM   350  N N   . VAL A 1 55  ? 6.834   5.714   5.789   1.00 13.73 ? 55  VAL A N   1 
ATOM   351  C CA  . VAL A 1 55  ? 5.566   5.617   6.534   1.00 14.78 ? 55  VAL A CA  1 
ATOM   352  C C   . VAL A 1 55  ? 4.396   5.476   5.580   1.00 14.57 ? 55  VAL A C   1 
ATOM   353  O O   . VAL A 1 55  ? 4.346   6.165   4.565   1.00 15.93 ? 55  VAL A O   1 
ATOM   354  C CB  . VAL A 1 55  ? 5.392   6.821   7.454   1.00 15.07 ? 55  VAL A CB  1 
ATOM   355  C CG1 . VAL A 1 55  ? 4.002   6.843   8.082   1.00 17.39 ? 55  VAL A CG1 1 
ATOM   356  C CG2 . VAL A 1 55  ? 6.500   6.912   8.508   1.00 18.70 ? 55  VAL A CG2 1 
ATOM   357  N N   . LEU A 1 56  ? 3.485   4.608   5.962   1.00 15.90 ? 56  LEU A N   1 
ATOM   358  C CA  . LEU A 1 56  ? 2.165   4.637   5.309   1.00 18.13 ? 56  LEU A CA  1 
ATOM   359  C C   . LEU A 1 56  ? 1.042   4.720   6.299   1.00 19.90 ? 56  LEU A C   1 
ATOM   360  O O   . LEU A 1 56  ? 1.109   4.235   7.430   1.00 18.36 ? 56  LEU A O   1 
ATOM   361  C CB  . LEU A 1 56  ? 2.001   3.452   4.426   1.00 22.05 ? 56  LEU A CB  1 
ATOM   362  C CG  . LEU A 1 56  ? 1.748   2.168   5.165   1.00 21.01 ? 56  LEU A CG  1 
ATOM   363  C CD1 . LEU A 1 56  ? 0.214   1.908   5.414   1.00 20.30 ? 56  LEU A CD1 1 
ATOM   364  C CD2 . LEU A 1 56  ? 2.334   1.011   4.412   1.00 25.62 ? 56  LEU A CD2 1 
ATOM   365  N N   . THR A 1 57  ? -0.028  5.318   5.814   1.00 16.92 ? 57  THR A N   1 
ATOM   366  C CA  A THR A 1 57  ? -1.272  5.488   6.603   0.50 15.19 ? 57  THR A CA  1 
ATOM   367  C CA  B THR A 1 57  ? -1.277  5.458   6.602   0.50 15.12 ? 57  THR A CA  1 
ATOM   368  C C   . THR A 1 57  ? -2.452  5.337   5.650   1.00 14.23 ? 57  THR A C   1 
ATOM   369  O O   . THR A 1 57  ? -2.362  5.817   4.507   1.00 13.63 ? 57  THR A O   1 
ATOM   370  C CB  A THR A 1 57  ? -1.353  6.837   7.305   0.50 16.73 ? 57  THR A CB  1 
ATOM   371  C CB  B THR A 1 57  ? -1.274  6.749   7.409   0.50 16.81 ? 57  THR A CB  1 
ATOM   372  O OG1 A THR A 1 57  ? -2.458  6.740   8.194   0.50 18.01 ? 57  THR A OG1 1 
ATOM   373  O OG1 B THR A 1 57  ? -1.505  7.998   6.754   0.50 19.98 ? 57  THR A OG1 1 
ATOM   374  C CG2 A THR A 1 57  ? -1.437  8.045   6.401   0.50 18.75 ? 57  THR A CG2 1 
ATOM   375  C CG2 B THR A 1 57  ? 0.105   6.854   8.027   0.50 14.74 ? 57  THR A CG2 1 
ATOM   376  N N   . GLY A 1 58  ? -3.504  4.700   6.104   1.00 14.04 ? 58  GLY A N   1 
ATOM   377  C CA  . GLY A 1 58  ? -4.718  4.621   5.277   1.00 13.18 ? 58  GLY A CA  1 
ATOM   378  C C   . GLY A 1 58  ? -5.908  4.189   6.078   1.00 13.41 ? 58  GLY A C   1 
ATOM   379  O O   . GLY A 1 58  ? -5.916  4.350   7.356   1.00 14.63 ? 58  GLY A O   1 
ATOM   380  N N   . ARG A 1 59  ? -6.909  3.694   5.392   1.00 13.46 ? 59  ARG A N   1 
ATOM   381  C CA  . ARG A 1 59  ? -8.183  3.298   5.987   1.00 12.72 ? 59  ARG A CA  1 
ATOM   382  C C   . ARG A 1 59  ? -8.681  2.037   5.318   1.00 14.09 ? 59  ARG A C   1 
ATOM   383  O O   . ARG A 1 59  ? -8.408  1.792   4.124   1.00 13.52 ? 59  ARG A O   1 
ATOM   384  C CB  . ARG A 1 59  ? -9.269  4.360   5.815   1.00 14.15 ? 59  ARG A CB  1 
ATOM   385  C CG  . ARG A 1 59  ? -8.880  5.699   6.371   1.00 14.91 ? 59  ARG A CG  1 
ATOM   386  C CD  . ARG A 1 59  ? -8.926  5.907   7.872   1.00 16.37 ? 59  ARG A CD  1 
ATOM   387  N NE  . ARG A 1 59  ? -10.266 5.633   8.388   1.00 15.55 ? 59  ARG A NE  1 
ATOM   388  C CZ  . ARG A 1 59  ? -10.536 5.246   9.626   1.00 18.01 ? 59  ARG A CZ  1 
ATOM   389  N NH1 . ARG A 1 59  ? -9.570  5.190   10.518  1.00 19.84 ? 59  ARG A NH1 1 
ATOM   390  N NH2 . ARG A 1 59  ? -11.794 4.995   9.944   1.00 17.83 ? 59  ARG A NH2 1 
ATOM   391  N N   . TYR A 1 60  ? -9.512  1.240   6.002   1.00 14.76 ? 60  TYR A N   1 
ATOM   392  C CA  . TYR A 1 60  ? -10.231 0.120   5.399   1.00 15.56 ? 60  TYR A CA  1 
ATOM   393  C C   . TYR A 1 60  ? -11.676 0.105   5.871   1.00 14.80 ? 60  TYR A C   1 
ATOM   394  O O   . TYR A 1 60  ? -11.933 0.673   6.932   1.00 16.23 ? 60  TYR A O   1 
ATOM   395  C CB  . TYR A 1 60  ? -9.539  -1.225  5.670   1.00 16.05 ? 60  TYR A CB  1 
ATOM   396  C CG  . TYR A 1 60  ? -9.665  -1.745  7.085   1.00 16.21 ? 60  TYR A CG  1 
ATOM   397  C CD1 . TYR A 1 60  ? -8.899  -1.213  8.101   1.00 16.65 ? 60  TYR A CD1 1 
ATOM   398  C CD2 . TYR A 1 60  ? -10.534 -2.780  7.378   1.00 19.19 ? 60  TYR A CD2 1 
ATOM   399  C CE1 . TYR A 1 60  ? -9.000  -1.678  9.413   1.00 19.28 ? 60  TYR A CE1 1 
ATOM   400  C CE2 . TYR A 1 60  ? -10.648 -3.253  8.683   1.00 18.81 ? 60  TYR A CE2 1 
ATOM   401  C CZ  . TYR A 1 60  ? -9.918  -2.660  9.688   1.00 19.40 ? 60  TYR A CZ  1 
ATOM   402  O OH  . TYR A 1 60  ? -10.074 -3.159  10.970  1.00 23.29 ? 60  TYR A OH  1 
ATOM   403  N N   . ASP A 1 61  ? -12.524 -0.458  5.043   1.00 15.31 ? 61  ASP A N   1 
ATOM   404  C CA  . ASP A 1 61  ? -13.987 -0.492  5.285   1.00 18.33 ? 61  ASP A CA  1 
ATOM   405  C C   . ASP A 1 61  ? -14.397 -1.923  5.501   1.00 19.75 ? 61  ASP A C   1 
ATOM   406  O O   . ASP A 1 61  ? -14.640 -2.613  4.540   1.00 20.21 ? 61  ASP A O   1 
ATOM   407  C CB  . ASP A 1 61  ? -14.705 0.157   4.098   1.00 17.53 ? 61  ASP A CB  1 
ATOM   408  C CG  . ASP A 1 61  ? -16.198 0.236   4.300   1.00 17.37 ? 61  ASP A CG  1 
ATOM   409  O OD1 . ASP A 1 61  ? -16.692 -0.459  5.239   1.00 20.47 ? 61  ASP A OD1 1 
ATOM   410  O OD2 . ASP A 1 61  ? -16.831 0.958   3.560   1.00 16.57 ? 61  ASP A OD2 1 
ATOM   411  N N   . SER A 1 62  ? -14.340 -2.388  6.739   1.00 23.11 ? 62  SER A N   1 
ATOM   412  C CA  . SER A 1 62  ? -14.907 -3.728  7.098   1.00 26.07 ? 62  SER A CA  1 
ATOM   413  C C   . SER A 1 62  ? -16.446 -3.745  7.015   1.00 23.47 ? 62  SER A C   1 
ATOM   414  O O   . SER A 1 62  ? -17.113 -2.809  7.538   1.00 23.14 ? 62  SER A O   1 
ATOM   415  C CB  . SER A 1 62  ? -14.413 -4.159  8.450   1.00 30.14 ? 62  SER A CB  1 
ATOM   416  O OG  . SER A 1 62  ? -14.646 -3.163  9.409   1.00 38.98 ? 62  SER A OG  1 
ATOM   417  N N   . ALA A 1 63  ? -17.009 -4.769  6.385   1.00 27.36 ? 63  ALA A N   1 
ATOM   418  C CA  . ALA A 1 63  ? -18.473 -4.858  6.218   1.00 27.78 ? 63  ALA A CA  1 
ATOM   419  C C   . ALA A 1 63  ? -18.872 -6.332  6.186   1.00 34.95 ? 63  ALA A C   1 
ATOM   420  O O   . ALA A 1 63  ? -18.098 -7.187  5.766   1.00 33.54 ? 63  ALA A O   1 
ATOM   421  C CB  . ALA A 1 63  ? -18.876 -4.129  4.964   1.00 30.48 ? 63  ALA A CB  1 
ATOM   422  N N   . PRO A 1 64  ? -20.097 -6.682  6.631   1.00 43.43 ? 64  PRO A N   1 
ATOM   423  C CA  . PRO A 1 64  ? -20.535 -8.087  6.663   1.00 48.89 ? 64  PRO A CA  1 
ATOM   424  C C   . PRO A 1 64  ? -20.099 -8.932  5.451   1.00 54.87 ? 64  PRO A C   1 
ATOM   425  O O   . PRO A 1 64  ? -20.300 -8.512  4.315   1.00 46.40 ? 64  PRO A O   1 
ATOM   426  C CB  . PRO A 1 64  ? -22.061 -7.938  6.731   1.00 50.42 ? 64  PRO A CB  1 
ATOM   427  C CG  . PRO A 1 64  ? -22.251 -6.678  7.553   1.00 47.53 ? 64  PRO A CG  1 
ATOM   428  C CD  . PRO A 1 64  ? -21.127 -5.753  7.125   1.00 44.28 ? 64  PRO A CD  1 
ATOM   429  N N   . ALA A 1 65  ? -19.486 -10.090 5.731   1.00 58.47 ? 65  ALA A N   1 
ATOM   430  C CA  . ALA A 1 65  ? -18.948 -11.044 4.736   1.00 63.39 ? 65  ALA A CA  1 
ATOM   431  C C   . ALA A 1 65  ? -20.118 -11.676 3.981   1.00 69.13 ? 65  ALA A C   1 
ATOM   432  O O   . ALA A 1 65  ? -20.750 -12.595 4.522   1.00 72.57 ? 65  ALA A O   1 
ATOM   433  C CB  . ALA A 1 65  ? -18.092 -12.088 5.413   1.00 62.40 ? 65  ALA A CB  1 
ATOM   434  N N   . THR A 1 66  ? -20.415 -11.158 2.790   1.00 76.05 ? 66  THR A N   1 
ATOM   435  C CA  . THR A 1 66  ? -21.480 -11.669 1.889   1.00 78.00 ? 66  THR A CA  1 
ATOM   436  C C   . THR A 1 66  ? -20.905 -11.780 0.473   1.00 79.85 ? 66  THR A C   1 
ATOM   437  O O   . THR A 1 66  ? -20.077 -10.918 0.108   1.00 76.35 ? 66  THR A O   1 
ATOM   438  C CB  . THR A 1 66  ? -22.734 -10.787 1.959   1.00 78.88 ? 66  THR A CB  1 
ATOM   439  O OG1 . THR A 1 66  ? -22.443 -9.525  1.356   1.00 77.30 ? 66  THR A OG1 1 
ATOM   440  C CG2 . THR A 1 66  ? -23.225 -10.571 3.375   1.00 79.53 ? 66  THR A CG2 1 
ATOM   441  N N   . ASP A 1 67  ? -21.299 -12.837 -0.251  1.00 81.23 ? 67  ASP A N   1 
ATOM   442  C CA  . ASP A 1 67  ? -21.010 -13.116 -1.687  1.00 79.55 ? 67  ASP A CA  1 
ATOM   443  C C   . ASP A 1 67  ? -19.494 -13.189 -1.946  1.00 75.28 ? 67  ASP A C   1 
ATOM   444  O O   . ASP A 1 67  ? -19.109 -13.085 -3.133  1.00 76.44 ? 67  ASP A O   1 
ATOM   445  C CB  . ASP A 1 67  ? -21.728 -12.110 -2.599  1.00 86.18 ? 67  ASP A CB  1 
ATOM   446  C CG  . ASP A 1 67  ? -21.311 -10.654 -2.425  1.00 90.40 ? 67  ASP A CG  1 
ATOM   447  O OD1 . ASP A 1 67  ? -20.232 -10.286 -2.931  1.00 93.83 ? 67  ASP A OD1 1 
ATOM   448  O OD2 . ASP A 1 67  ? -22.070 -9.896  -1.781  1.00 90.26 ? 67  ASP A OD2 1 
ATOM   449  N N   . GLY A 1 68  ? -18.678 -13.418 -0.903  1.00 67.38 ? 68  GLY A N   1 
ATOM   450  C CA  . GLY A 1 68  ? -17.199 -13.430 -0.967  1.00 60.87 ? 68  GLY A CA  1 
ATOM   451  C C   . GLY A 1 68  ? -16.628 -12.104 -1.456  1.00 54.74 ? 68  GLY A C   1 
ATOM   452  O O   . GLY A 1 68  ? -15.533 -12.112 -2.076  1.00 50.31 ? 68  GLY A O   1 
ATOM   453  N N   . SER A 1 69  ? -17.345 -11.006 -1.192  1.00 48.21 ? 69  SER A N   1 
ATOM   454  C CA  . SER A 1 69  ? -16.976 -9.617  -1.571  1.00 44.43 ? 69  SER A CA  1 
ATOM   455  C C   . SER A 1 69  ? -15.633 -9.283  -0.912  1.00 38.43 ? 69  SER A C   1 
ATOM   456  O O   . SER A 1 69  ? -15.422 -9.682  0.237   1.00 38.46 ? 69  SER A O   1 
ATOM   457  C CB  . SER A 1 69  ? -18.055 -8.650  -1.146  1.00 50.05 ? 69  SER A CB  1 
ATOM   458  O OG  . SER A 1 69  ? -18.076 -7.501  -1.975  1.00 56.78 ? 69  SER A OG  1 
ATOM   459  N N   . GLY A 1 70  ? -14.746 -8.573  -1.596  1.00 29.95 ? 70  GLY A N   1 
ATOM   460  C CA  . GLY A 1 70  ? -13.531 -8.067  -0.934  1.00 23.22 ? 70  GLY A CA  1 
ATOM   461  C C   . GLY A 1 70  ? -13.796 -6.916  0.030   1.00 23.08 ? 70  GLY A C   1 
ATOM   462  O O   . GLY A 1 70  ? -14.918 -6.353  0.064   1.00 23.43 ? 70  GLY A O   1 
ATOM   463  N N   . THR A 1 71  ? -12.799 -6.557  0.838   1.00 17.58 ? 71  THR A N   1 
ATOM   464  C CA  . THR A 1 71  ? -12.818 -5.445  1.790   1.00 16.91 ? 71  THR A CA  1 
ATOM   465  C C   . THR A 1 71  ? -12.105 -4.252  1.165   1.00 16.96 ? 71  THR A C   1 
ATOM   466  O O   . THR A 1 71  ? -10.889 -4.317  0.876   1.00 16.93 ? 71  THR A O   1 
ATOM   467  C CB  . THR A 1 71  ? -12.083 -5.810  3.066   1.00 17.76 ? 71  THR A CB  1 
ATOM   468  O OG1 . THR A 1 71  ? -12.811 -6.936  3.588   1.00 21.25 ? 71  THR A OG1 1 
ATOM   469  C CG2 . THR A 1 71  ? -11.990 -4.696  4.078   1.00 19.41 ? 71  THR A CG2 1 
ATOM   470  N N   . ALA A 1 72  ? -12.814 -3.156  0.967   1.00 14.15 ? 72  ALA A N   1 
ATOM   471  C CA  . ALA A 1 72  ? -12.246 -1.950  0.323   1.00 14.08 ? 72  ALA A CA  1 
ATOM   472  C C   . ALA A 1 72  ? -11.275 -1.277  1.271   1.00 13.85 ? 72  ALA A C   1 
ATOM   473  O O   . ALA A 1 72  ? -11.521 -1.185  2.479   1.00 15.50 ? 72  ALA A O   1 
ATOM   474  C CB  . ALA A 1 72  ? -13.359 -0.996  -0.082  1.00 15.76 ? 72  ALA A CB  1 
ATOM   475  N N   . LEU A 1 73  ? -10.206 -0.742  0.707   1.00 13.63 ? 73  LEU A N   1 
ATOM   476  C CA  . LEU A 1 73  ? -9.174  -0.053  1.508   1.00 13.78 ? 73  LEU A CA  1 
ATOM   477  C C   . LEU A 1 73  ? -8.355  0.882   0.626   1.00 13.12 ? 73  LEU A C   1 
ATOM   478  O O   . LEU A 1 73  ? -8.491  0.861   -0.606  1.00 15.07 ? 73  LEU A O   1 
ATOM   479  C CB  . LEU A 1 73  ? -8.267  -1.066  2.211   1.00 15.15 ? 73  LEU A CB  1 
ATOM   480  C CG  . LEU A 1 73  ? -7.655  -2.153  1.321   1.00 17.67 ? 73  LEU A CG  1 
ATOM   481  C CD1 . LEU A 1 73  ? -6.607  -1.671  0.328   1.00 21.47 ? 73  LEU A CD1 1 
ATOM   482  C CD2 . LEU A 1 73  ? -7.048  -3.221  2.252   1.00 20.58 ? 73  LEU A CD2 1 
ATOM   483  N N   . GLY A 1 74  ? -7.562  1.701   1.266   1.00 12.58 ? 74  GLY A N   1 
ATOM   484  C CA  . GLY A 1 74  ? -6.612  2.564   0.562   1.00 12.50 ? 74  GLY A CA  1 
ATOM   485  C C   . GLY A 1 74  ? -5.539  3.033   1.493   1.00 12.41 ? 74  GLY A C   1 
ATOM   486  O O   . GLY A 1 74  ? -5.738  3.031   2.725   1.00 12.42 ? 74  GLY A O   1 
ATOM   487  N N   . TRP A 1 75  ? -4.391  3.428   0.951   1.00 11.89 ? 75  TRP A N   1 
ATOM   488  C CA  . TRP A 1 75  ? -3.344  4.028   1.774   1.00 12.20 ? 75  TRP A CA  1 
ATOM   489  C C   . TRP A 1 75  ? -2.499  4.969   0.965   1.00 11.07 ? 75  TRP A C   1 
ATOM   490  O O   . TRP A 1 75  ? -2.530  4.919   -0.264  1.00 12.08 ? 75  TRP A O   1 
ATOM   491  C CB  . TRP A 1 75  ? -2.488  2.957   2.491   1.00 12.12 ? 75  TRP A CB  1 
ATOM   492  C CG  . TRP A 1 75  ? -1.627  2.121   1.584   1.00 12.19 ? 75  TRP A CG  1 
ATOM   493  C CD1 . TRP A 1 75  ? -0.343  2.403   1.243   1.00 14.17 ? 75  TRP A CD1 1 
ATOM   494  C CD2 . TRP A 1 75  ? -1.941  0.868   0.988   1.00 12.77 ? 75  TRP A CD2 1 
ATOM   495  N NE1 . TRP A 1 75  ? 0.138   1.388   0.452   1.00 14.48 ? 75  TRP A NE1 1 
ATOM   496  C CE2 . TRP A 1 75  ? -0.818  0.486   0.220   1.00 13.80 ? 75  TRP A CE2 1 
ATOM   497  C CE3 . TRP A 1 75  ? -3.096  0.089   0.917   1.00 14.77 ? 75  TRP A CE3 1 
ATOM   498  C CZ2 . TRP A 1 75  ? -0.803  -0.691  -0.519  1.00 15.38 ? 75  TRP A CZ2 1 
ATOM   499  C CZ3 . TRP A 1 75  ? -3.070  -1.083  0.178   1.00 16.46 ? 75  TRP A CZ3 1 
ATOM   500  C CH2 . TRP A 1 75  ? -1.904  -1.460  -0.495  1.00 16.21 ? 75  TRP A CH2 1 
ATOM   501  N N   . THR A 1 76  ? -1.711  5.762   1.641   1.00 11.97 ? 76  THR A N   1 
ATOM   502  C CA  . THR A 1 76  ? -0.825  6.752   1.045   1.00 11.49 ? 76  THR A CA  1 
ATOM   503  C C   . THR A 1 76  ? 0.589   6.544   1.585   1.00 12.58 ? 76  THR A C   1 
ATOM   504  O O   . THR A 1 76  ? 0.755   6.269   2.820   1.00 13.18 ? 76  THR A O   1 
ATOM   505  C CB  . THR A 1 76  ? -1.238  8.187   1.419   1.00 11.97 ? 76  THR A CB  1 
ATOM   506  O OG1 . THR A 1 76  ? -2.606  8.402   0.993   1.00 12.80 ? 76  THR A OG1 1 
ATOM   507  C CG2 . THR A 1 76  ? -0.392  9.221   0.717   1.00 12.64 ? 76  THR A CG2 1 
ATOM   508  N N   . VAL A 1 77  ? 1.565   6.727   0.717   1.00 11.83 ? 77  VAL A N   1 
ATOM   509  C CA  . VAL A 1 77  ? 2.997   6.897   1.088   1.00 12.22 ? 77  VAL A CA  1 
ATOM   510  C C   . VAL A 1 77  ? 3.472   8.215   0.548   1.00 13.24 ? 77  VAL A C   1 
ATOM   511  O O   . VAL A 1 77  ? 3.347   8.410   -0.687  1.00 13.77 ? 77  VAL A O   1 
ATOM   512  C CB  . VAL A 1 77  ? 3.858   5.733   0.580   1.00 12.65 ? 77  VAL A CB  1 
ATOM   513  C CG1 . VAL A 1 77  ? 5.335   6.062   0.779   1.00 13.88 ? 77  VAL A CG1 1 
ATOM   514  C CG2 . VAL A 1 77  ? 3.450   4.445   1.247   1.00 13.52 ? 77  VAL A CG2 1 
ATOM   515  N N   . ALA A 1 78  ? 3.951   9.123   1.392   1.00 12.79 ? 78  ALA A N   1 
ATOM   516  C CA  . ALA A 1 78  ? 4.706   10.283  0.915   1.00 12.81 ? 78  ALA A CA  1 
ATOM   517  C C   . ALA A 1 78  ? 6.163   9.824   0.831   1.00 13.57 ? 78  ALA A C   1 
ATOM   518  O O   . ALA A 1 78  ? 6.677   9.252   1.814   1.00 14.74 ? 78  ALA A O   1 
ATOM   519  C CB  . ALA A 1 78  ? 4.582   11.487  1.786   1.00 13.46 ? 78  ALA A CB  1 
ATOM   520  N N   . TRP A 1 79  ? 6.810   10.059  -0.296  1.00 13.23 ? 79  TRP A N   1 
ATOM   521  C CA  . TRP A 1 79  ? 8.161   9.493   -0.600  1.00 14.19 ? 79  TRP A CA  1 
ATOM   522  C C   . TRP A 1 79  ? 9.293   10.332  0.025   1.00 15.35 ? 79  TRP A C   1 
ATOM   523  O O   . TRP A 1 79  ? 10.222  10.800  -0.667  1.00 15.90 ? 79  TRP A O   1 
ATOM   524  C CB  . TRP A 1 79  ? 8.335   9.237   -2.099  1.00 13.26 ? 79  TRP A CB  1 
ATOM   525  C CG  . TRP A 1 79  ? 7.348   8.250   -2.622  1.00 13.01 ? 79  TRP A CG  1 
ATOM   526  C CD1 . TRP A 1 79  ? 6.282   8.505   -3.429  1.00 13.27 ? 79  TRP A CD1 1 
ATOM   527  C CD2 . TRP A 1 79  ? 7.334   6.838   -2.366  1.00 13.02 ? 79  TRP A CD2 1 
ATOM   528  N NE1 . TRP A 1 79  ? 5.604   7.341   -3.680  1.00 13.28 ? 79  TRP A NE1 1 
ATOM   529  C CE2 . TRP A 1 79  ? 6.207   6.291   -3.025  1.00 13.82 ? 79  TRP A CE2 1 
ATOM   530  C CE3 . TRP A 1 79  ? 8.148   5.966   -1.662  1.00 14.84 ? 79  TRP A CE3 1 
ATOM   531  C CZ2 . TRP A 1 79  ? 5.906   4.942   -3.061  1.00 14.02 ? 79  TRP A CZ2 1 
ATOM   532  C CZ3 . TRP A 1 79  ? 7.860   4.619   -1.677  1.00 15.53 ? 79  TRP A CZ3 1 
ATOM   533  C CH2 . TRP A 1 79  ? 6.720   4.108   -2.306  1.00 15.94 ? 79  TRP A CH2 1 
ATOM   534  N N   . LYS A 1 80  ? 9.189   10.547  1.306   1.00 14.53 ? 80  LYS A N   1 
ATOM   535  C CA  . LYS A 1 80  ? 10.169  11.293  2.133   1.00 15.23 ? 80  LYS A CA  1 
ATOM   536  C C   . LYS A 1 80  ? 10.481  10.473  3.359   1.00 15.96 ? 80  LYS A C   1 
ATOM   537  O O   . LYS A 1 80  ? 9.570   10.035  4.054   1.00 16.13 ? 80  LYS A O   1 
ATOM   538  C CB  . LYS A 1 80  ? 9.625   12.669  2.485   1.00 16.51 ? 80  LYS A CB  1 
ATOM   539  C CG  . LYS A 1 80  ? 10.579  13.518  3.313   1.00 18.40 ? 80  LYS A CG  1 
ATOM   540  C CD  . LYS A 1 80  ? 9.897   14.780  3.855   1.00 23.88 ? 80  LYS A CD  1 
ATOM   541  C CE  . LYS A 1 80  ? 10.851  15.702  4.575   1.00 28.95 ? 80  LYS A CE  1 
ATOM   542  N NZ  . LYS A 1 80  ? 11.126  15.189  5.938   1.00 34.96 ? 80  LYS A NZ  1 
ATOM   543  N N   . ASN A 1 81  ? 11.768  10.230  3.596   1.00 16.04 ? 81  ASN A N   1 
ATOM   544  C CA  . ASN A 1 81  ? 12.277  9.562   4.802   1.00 16.13 ? 81  ASN A CA  1 
ATOM   545  C C   . ASN A 1 81  ? 13.597  10.281  5.120   1.00 17.07 ? 81  ASN A C   1 
ATOM   546  O O   . ASN A 1 81  ? 13.843  11.331  4.597   1.00 17.52 ? 81  ASN A O   1 
ATOM   547  C CB  . ASN A 1 81  ? 12.308  8.062   4.658   1.00 15.53 ? 81  ASN A CB  1 
ATOM   548  C CG  . ASN A 1 81  ? 13.331  7.564   3.678   1.00 15.96 ? 81  ASN A CG  1 
ATOM   549  O OD1 . ASN A 1 81  ? 14.159  8.347   3.179   1.00 16.12 ? 81  ASN A OD1 1 
ATOM   550  N ND2 . ASN A 1 81  ? 13.290  6.292   3.399   1.00 16.10 ? 81  ASN A ND2 1 
ATOM   551  N N   . ASN A 1 82  ? 14.384  9.688   5.999   1.00 18.28 ? 82  ASN A N   1 
ATOM   552  C CA  . ASN A 1 82  ? 15.632  10.396  6.402   1.00 20.27 ? 82  ASN A CA  1 
ATOM   553  C C   . ASN A 1 82  ? 16.687  10.298  5.310   1.00 18.59 ? 82  ASN A C   1 
ATOM   554  O O   . ASN A 1 82  ? 17.745  10.949  5.457   1.00 21.07 ? 82  ASN A O   1 
ATOM   555  C CB  . ASN A 1 82  ? 16.169  9.873   7.737   1.00 23.11 ? 82  ASN A CB  1 
ATOM   556  C CG  . ASN A 1 82  ? 15.278  10.171  8.926   1.00 26.47 ? 82  ASN A CG  1 
ATOM   557  O OD1 . ASN A 1 82  ? 14.573  11.175  8.918   1.00 32.95 ? 82  ASN A OD1 1 
ATOM   558  N ND2 . ASN A 1 82  ? 15.409  9.368   9.968   1.00 33.65 ? 82  ASN A ND2 1 
ATOM   559  N N   . TYR A 1 83  ? 16.491  9.554   4.249   1.00 16.55 ? 83  TYR A N   1 
ATOM   560  C CA  . TYR A 1 83  ? 17.477  9.300   3.168   1.00 16.08 ? 83  TYR A CA  1 
ATOM   561  C C   . TYR A 1 83  ? 17.075  9.914   1.823   1.00 16.93 ? 83  TYR A C   1 
ATOM   562  O O   . TYR A 1 83  ? 17.903  10.033  0.920   1.00 16.26 ? 83  TYR A O   1 
ATOM   563  C CB  . TYR A 1 83  ? 17.720  7.810   3.005   1.00 18.70 ? 83  TYR A CB  1 
ATOM   564  C CG  . TYR A 1 83  ? 18.198  7.163   4.263   1.00 22.12 ? 83  TYR A CG  1 
ATOM   565  C CD1 . TYR A 1 83  ? 17.296  6.769   5.231   1.00 23.94 ? 83  TYR A CD1 1 
ATOM   566  C CD2 . TYR A 1 83  ? 19.558  7.049   4.501   1.00 24.64 ? 83  TYR A CD2 1 
ATOM   567  C CE1 . TYR A 1 83  ? 17.730  6.237   6.429   1.00 33.22 ? 83  TYR A CE1 1 
ATOM   568  C CE2 . TYR A 1 83  ? 20.013  6.489   5.699   1.00 28.57 ? 83  TYR A CE2 1 
ATOM   569  C CZ  . TYR A 1 83  ? 19.087  6.091   6.652   1.00 33.85 ? 83  TYR A CZ  1 
ATOM   570  O OH  . TYR A 1 83  ? 19.454  5.543   7.858   1.00 42.23 ? 83  TYR A OH  1 
ATOM   571  N N   . ARG A 1 84  ? 15.791  10.169  1.614   1.00 16.81 ? 84  ARG A N   1 
ATOM   572  C CA  . ARG A 1 84  ? 15.251  10.557  0.296   1.00 17.28 ? 84  ARG A CA  1 
ATOM   573  C C   . ARG A 1 84  ? 14.093  11.504  0.487   1.00 16.81 ? 84  ARG A C   1 
ATOM   574  O O   . ARG A 1 84  ? 13.343  11.335  1.454   1.00 18.04 ? 84  ARG A O   1 
ATOM   575  C CB  . ARG A 1 84  ? 14.790  9.306   -0.459  1.00 21.19 ? 84  ARG A CB  1 
ATOM   576  C CG  . ARG A 1 84  ? 14.299  9.605   -1.859  1.00 30.13 ? 84  ARG A CG  1 
ATOM   577  C CD  . ARG A 1 84  ? 14.692  8.532   -2.856  1.00 37.66 ? 84  ARG A CD  1 
ATOM   578  N NE  . ARG A 1 84  ? 14.084  8.723   -4.167  1.00 40.75 ? 84  ARG A NE  1 
ATOM   579  C CZ  . ARG A 1 84  ? 13.343  7.816   -4.810  1.00 49.37 ? 84  ARG A CZ  1 
ATOM   580  N NH1 . ARG A 1 84  ? 12.849  8.101   -6.004  1.00 54.36 ? 84  ARG A NH1 1 
ATOM   581  N NH2 . ARG A 1 84  ? 13.095  6.631   -4.273  1.00 50.10 ? 84  ARG A NH2 1 
ATOM   582  N N   . ASN A 1 85  ? 13.937  12.410  -0.450  1.00 15.50 ? 85  ASN A N   1 
ATOM   583  C CA  . ASN A 1 85  ? 12.752  13.287  -0.523  1.00 15.68 ? 85  ASN A CA  1 
ATOM   584  C C   . ASN A 1 85  ? 12.420  13.389  -1.985  1.00 16.78 ? 85  ASN A C   1 
ATOM   585  O O   . ASN A 1 85  ? 12.942  14.268  -2.714  1.00 16.87 ? 85  ASN A O   1 
ATOM   586  C CB  . ASN A 1 85  ? 12.995  14.618  0.163   1.00 17.99 ? 85  ASN A CB  1 
ATOM   587  C CG  . ASN A 1 85  ? 11.717  15.426  0.282   1.00 20.26 ? 85  ASN A CG  1 
ATOM   588  O OD1 . ASN A 1 85  ? 10.787  15.127  -0.441  1.00 19.74 ? 85  ASN A OD1 1 
ATOM   589  N ND2 . ASN A 1 85  ? 11.698  16.446  1.098   1.00 22.21 ? 85  ASN A ND2 1 
ATOM   590  N N   . ALA A 1 86  ? 11.517  12.517  -2.459  1.00 15.93 ? 86  ALA A N   1 
ATOM   591  C CA  . ALA A 1 86  ? 11.233  12.457  -3.897  1.00 16.10 ? 86  ALA A CA  1 
ATOM   592  C C   . ALA A 1 86  ? 10.215  13.514  -4.340  1.00 15.16 ? 86  ALA A C   1 
ATOM   593  O O   . ALA A 1 86  ? 9.847   13.546  -5.547  1.00 18.40 ? 86  ALA A O   1 
ATOM   594  C CB  . ALA A 1 86  ? 10.775  11.092  -4.318  1.00 17.20 ? 86  ALA A CB  1 
ATOM   595  N N   . HIS A 1 87  ? 9.705   14.304  -3.419  1.00 13.79 ? 87  HIS A N   1 
ATOM   596  C CA  . HIS A 1 87  ? 8.722   15.371  -3.760  1.00 15.75 ? 87  HIS A CA  1 
ATOM   597  C C   . HIS A 1 87  ? 7.491   14.754  -4.434  1.00 15.39 ? 87  HIS A C   1 
ATOM   598  O O   . HIS A 1 87  ? 7.008   15.254  -5.453  1.00 15.70 ? 87  HIS A O   1 
ATOM   599  C CB  . HIS A 1 87  ? 9.334   16.487  -4.613  1.00 17.91 ? 87  HIS A CB  1 
ATOM   600  C CG  . HIS A 1 87  ? 10.537  17.222  -4.089  1.00 19.93 ? 87  HIS A CG  1 
ATOM   601  N ND1 . HIS A 1 87  ? 11.683  16.640  -3.544  1.00 19.94 ? 87  HIS A ND1 1 
ATOM   602  C CD2 . HIS A 1 87  ? 10.842  18.519  -4.303  1.00 21.74 ? 87  HIS A CD2 1 
ATOM   603  C CE1 . HIS A 1 87  ? 12.551  17.591  -3.276  1.00 18.92 ? 87  HIS A CE1 1 
ATOM   604  N NE2 . HIS A 1 87  ? 12.089  18.771  -3.785  1.00 22.55 ? 87  HIS A NE2 1 
ATOM   605  N N   . SER A 1 88  ? 7.004   13.650  -3.887  1.00 13.75 ? 88  SER A N   1 
ATOM   606  C CA  A SER A 1 88  ? 5.992   12.800  -4.545  0.50 13.85 ? 88  SER A CA  1 
ATOM   607  C CA  B SER A 1 88  ? 5.935   12.866  -4.523  0.50 13.08 ? 88  SER A CA  1 
ATOM   608  C C   . SER A 1 88  ? 5.234   12.040  -3.470  1.00 12.89 ? 88  SER A C   1 
ATOM   609  O O   . SER A 1 88  ? 5.726   11.852  -2.352  1.00 13.48 ? 88  SER A O   1 
ATOM   610  C CB  A SER A 1 88  ? 6.619   11.845  -5.531  0.50 15.37 ? 88  SER A CB  1 
ATOM   611  C CB  B SER A 1 88  ? 6.467   12.024  -5.635  0.50 13.52 ? 88  SER A CB  1 
ATOM   612  O OG  A SER A 1 88  ? 7.380   12.511  -6.536  0.50 17.45 ? 88  SER A OG  1 
ATOM   613  O OG  B SER A 1 88  ? 7.408   11.062  -5.161  0.50 13.86 ? 88  SER A OG  1 
ATOM   614  N N   . ALA A 1 89  ? 4.047   11.576  -3.826  1.00 11.91 ? 89  ALA A N   1 
ATOM   615  C CA  . ALA A 1 89  ? 3.263   10.685  -2.957  1.00 12.74 ? 89  ALA A CA  1 
ATOM   616  C C   . ALA A 1 89  ? 2.470   9.729   -3.813  1.00 11.37 ? 89  ALA A C   1 
ATOM   617  O O   . ALA A 1 89  ? 1.987   10.147  -4.876  1.00 12.18 ? 89  ALA A O   1 
ATOM   618  C CB  . ALA A 1 89  ? 2.358   11.492  -2.064  1.00 13.34 ? 89  ALA A CB  1 
ATOM   619  N N   . THR A 1 90  ? 2.315   8.506   -3.391  1.00 11.81 ? 90  THR A N   1 
ATOM   620  C CA  . THR A 1 90  ? 1.475   7.510   -4.058  1.00 11.81 ? 90  THR A CA  1 
ATOM   621  C C   . THR A 1 90  ? 0.287   7.160   -3.172  1.00 12.27 ? 90  THR A C   1 
ATOM   622  O O   . THR A 1 90  ? 0.475   6.965   -1.935  1.00 11.88 ? 90  THR A O   1 
ATOM   623  C CB  . THR A 1 90  ? 2.267   6.229   -4.369  1.00 11.76 ? 90  THR A CB  1 
ATOM   624  O OG1 . THR A 1 90  ? 3.302   6.649   -5.272  1.00 13.10 ? 90  THR A OG1 1 
ATOM   625  C CG2 . THR A 1 90  ? 1.447   5.166   -5.035  1.00 12.11 ? 90  THR A CG2 1 
ATOM   626  N N   . THR A 1 91  ? -0.887  7.004   -3.768  1.00 11.51 ? 91  THR A N   1 
ATOM   627  C CA  . THR A 1 91  ? -2.030  6.399   -3.109  1.00 11.33 ? 91  THR A CA  1 
ATOM   628  C C   . THR A 1 91  ? -2.397  5.092   -3.793  1.00 12.15 ? 91  THR A C   1 
ATOM   629  O O   . THR A 1 91  ? -2.408  5.033   -5.022  1.00 14.71 ? 91  THR A O   1 
ATOM   630  C CB  . THR A 1 91  ? -3.253  7.320   -3.077  1.00 12.35 ? 91  THR A CB  1 
ATOM   631  O OG1 . THR A 1 91  ? -3.721  7.583   -4.420  1.00 14.79 ? 91  THR A OG1 1 
ATOM   632  C CG2 . THR A 1 91  ? -2.963  8.613   -2.360  1.00 13.62 ? 91  THR A CG2 1 
ATOM   633  N N   . TRP A 1 92  ? -2.700  4.072   -3.044  1.00 12.04 ? 92  TRP A N   1 
ATOM   634  C CA  . TRP A 1 92  ? -3.209  2.797   -3.540  1.00 11.58 ? 92  TRP A CA  1 
ATOM   635  C C   . TRP A 1 92  ? -4.652  2.678   -3.093  1.00 11.20 ? 92  TRP A C   1 
ATOM   636  O O   . TRP A 1 92  ? -4.959  2.866   -1.914  1.00 12.21 ? 92  TRP A O   1 
ATOM   637  C CB  . TRP A 1 92  ? -2.390  1.648   -2.933  1.00 11.39 ? 92  TRP A CB  1 
ATOM   638  C CG  . TRP A 1 92  ? -0.986  1.467   -3.382  1.00 11.97 ? 92  TRP A CG  1 
ATOM   639  C CD1 . TRP A 1 92  ? -0.557  0.502   -4.257  1.00 12.78 ? 92  TRP A CD1 1 
ATOM   640  C CD2 . TRP A 1 92  ? 0.172   2.176   -2.939  1.00 12.35 ? 92  TRP A CD2 1 
ATOM   641  N NE1 . TRP A 1 92  ? 0.802   0.586   -4.386  1.00 13.16 ? 92  TRP A NE1 1 
ATOM   642  C CE2 . TRP A 1 92  ? 1.279   1.577   -3.578  1.00 12.79 ? 92  TRP A CE2 1 
ATOM   643  C CE3 . TRP A 1 92  ? 0.380   3.216   -2.022  1.00 13.21 ? 92  TRP A CE3 1 
ATOM   644  C CZ2 . TRP A 1 92  ? 2.586   1.995   -3.293  1.00 13.40 ? 92  TRP A CZ2 1 
ATOM   645  C CZ3 . TRP A 1 92  ? 1.681   3.607   -1.759  1.00 14.46 ? 92  TRP A CZ3 1 
ATOM   646  C CH2 . TRP A 1 92  ? 2.759   2.981   -2.367  1.00 13.56 ? 92  TRP A CH2 1 
ATOM   647  N N   . SER A 1 93  ? -5.505  2.259   -4.000  1.00 11.33 ? 93  SER A N   1 
ATOM   648  C CA  . SER A 1 93  ? -6.939  2.021   -3.772  1.00 11.40 ? 93  SER A CA  1 
ATOM   649  C C   . SER A 1 93  ? -7.211  0.584   -4.203  1.00 12.76 ? 93  SER A C   1 
ATOM   650  O O   . SER A 1 93  ? -6.870  0.222   -5.332  1.00 14.04 ? 93  SER A O   1 
ATOM   651  C CB  . SER A 1 93  ? -7.703  2.974   -4.669  1.00 12.76 ? 93  SER A CB  1 
ATOM   652  O OG  . SER A 1 93  ? -9.100  2.855   -4.414  1.00 16.41 ? 93  SER A OG  1 
ATOM   653  N N   . GLY A 1 94  ? -7.874  -0.211  -3.363  1.00 13.16 ? 94  GLY A N   1 
ATOM   654  C CA  . GLY A 1 94  ? -8.109  -1.588  -3.778  1.00 14.03 ? 94  GLY A CA  1 
ATOM   655  C C   . GLY A 1 94  ? -8.944  -2.313  -2.786  1.00 14.26 ? 94  GLY A C   1 
ATOM   656  O O   . GLY A 1 94  ? -9.695  -1.748  -2.008  1.00 14.36 ? 94  GLY A O   1 
ATOM   657  N N   . GLN A 1 95  ? -8.781  -3.630  -2.862  1.00 14.57 ? 95  GLN A N   1 
ATOM   658  C CA  . GLN A 1 95  ? -9.561  -4.508  -1.980  1.00 16.12 ? 95  GLN A CA  1 
ATOM   659  C C   . GLN A 1 95  ? -8.731  -5.709  -1.542  1.00 15.30 ? 95  GLN A C   1 
ATOM   660  O O   . GLN A 1 95  ? -7.947  -6.262  -2.342  1.00 15.78 ? 95  GLN A O   1 
ATOM   661  C CB  . GLN A 1 95  ? -10.889 -4.900  -2.569  1.00 21.29 ? 95  GLN A CB  1 
ATOM   662  C CG  . GLN A 1 95  ? -10.844 -5.690  -3.808  1.00 20.42 ? 95  GLN A CG  1 
ATOM   663  C CD  . GLN A 1 95  ? -12.266 -5.877  -4.336  1.00 24.57 ? 95  GLN A CD  1 
ATOM   664  O OE1 . GLN A 1 95  ? -13.176 -6.273  -3.605  1.00 24.91 ? 95  GLN A OE1 1 
ATOM   665  N NE2 . GLN A 1 95  ? -12.479 -5.610  -5.614  1.00 28.93 ? 95  GLN A NE2 1 
ATOM   666  N N   . TYR A 1 96  ? -8.958  -6.061  -0.306  1.00 15.16 ? 96  TYR A N   1 
ATOM   667  C CA  . TYR A 1 96  ? -8.444  -7.302  0.312   1.00 16.23 ? 96  TYR A CA  1 
ATOM   668  C C   . TYR A 1 96  ? -9.440  -8.413  0.099   1.00 17.32 ? 96  TYR A C   1 
ATOM   669  O O   . TYR A 1 96  ? -10.616 -8.277  0.406   1.00 17.09 ? 96  TYR A O   1 
ATOM   670  C CB  . TYR A 1 96  ? -8.172  -7.057  1.768   1.00 16.51 ? 96  TYR A CB  1 
ATOM   671  C CG  . TYR A 1 96  ? -8.064  -8.335  2.560   1.00 17.02 ? 96  TYR A CG  1 
ATOM   672  C CD1 . TYR A 1 96  ? -6.887  -9.060  2.558   1.00 18.22 ? 96  TYR A CD1 1 
ATOM   673  C CD2 . TYR A 1 96  ? -9.134  -8.821  3.291   1.00 18.97 ? 96  TYR A CD2 1 
ATOM   674  C CE1 . TYR A 1 96  ? -6.800  -10.259 3.252   1.00 22.67 ? 96  TYR A CE1 1 
ATOM   675  C CE2 . TYR A 1 96  ? -9.029  -9.962  4.085   1.00 20.09 ? 96  TYR A CE2 1 
ATOM   676  C CZ  . TYR A 1 96  ? -7.877  -10.692 3.995   1.00 21.19 ? 96  TYR A CZ  1 
ATOM   677  O OH  . TYR A 1 96  ? -7.728  -11.882 4.696   1.00 23.20 ? 96  TYR A OH  1 
ATOM   678  N N   . VAL A 1 97  ? -8.911  -9.552  -0.342  1.00 18.50 ? 97  VAL A N   1 
ATOM   679  C CA  . VAL A 1 97  ? -9.682  -10.821 -0.447  1.00 21.11 ? 97  VAL A CA  1 
ATOM   680  C C   . VAL A 1 97  ? -8.872  -11.866 0.313   1.00 21.74 ? 97  VAL A C   1 
ATOM   681  O O   . VAL A 1 97  ? -7.711  -12.095 0.001   1.00 21.94 ? 97  VAL A O   1 
ATOM   682  C CB  . VAL A 1 97  ? -9.925  -11.197 -1.913  1.00 25.23 ? 97  VAL A CB  1 
ATOM   683  C CG1 . VAL A 1 97  ? -10.712 -12.505 -2.034  1.00 30.34 ? 97  VAL A CG1 1 
ATOM   684  C CG2 . VAL A 1 97  ? -10.598 -10.060 -2.688  1.00 27.68 ? 97  VAL A CG2 1 
ATOM   685  N N   . GLY A 1 98  ? -9.517  -12.523 1.286   1.00 25.86 ? 98  GLY A N   1 
ATOM   686  C CA  . GLY A 1 98  ? -8.825  -13.443 2.200   1.00 27.55 ? 98  GLY A CA  1 
ATOM   687  C C   . GLY A 1 98  ? -8.697  -14.836 1.613   1.00 29.52 ? 98  GLY A C   1 
ATOM   688  O O   . GLY A 1 98  ? -9.165  -15.066 0.496   1.00 31.53 ? 98  GLY A O   1 
ATOM   689  N N   . GLY A 1 99  ? -8.124  -15.764 2.392   1.00 30.90 ? 99  GLY A N   1 
ATOM   690  C CA  . GLY A 1 99  ? -8.049  -17.188 2.030   1.00 28.37 ? 99  GLY A CA  1 
ATOM   691  C C   . GLY A 1 99  ? -6.629  -17.649 1.936   1.00 27.92 ? 99  GLY A C   1 
ATOM   692  O O   . GLY A 1 99  ? -5.659  -16.897 2.247   1.00 26.52 ? 99  GLY A O   1 
ATOM   693  N N   . ALA A 1 100 ? -6.471  -18.911 1.571   1.00 28.53 ? 100 ALA A N   1 
ATOM   694  C CA  . ALA A 1 100 ? -5.148  -19.551 1.460   1.00 31.22 ? 100 ALA A CA  1 
ATOM   695  C C   . ALA A 1 100 ? -4.311  -18.823 0.403   1.00 32.96 ? 100 ALA A C   1 
ATOM   696  O O   . ALA A 1 100 ? -3.046  -18.873 0.530   1.00 31.62 ? 100 ALA A O   1 
ATOM   697  C CB  . ALA A 1 100 ? -5.336  -21.016 1.179   1.00 33.54 ? 100 ALA A CB  1 
ATOM   698  N N   . GLU A 1 101 ? -4.970  -18.139 -0.556  1.00 32.53 ? 101 GLU A N   1 
ATOM   699  C CA  . GLU A 1 101 ? -4.305  -17.300 -1.591  1.00 27.13 ? 101 GLU A CA  1 
ATOM   700  C C   . GLU A 1 101 ? -4.809  -15.854 -1.445  1.00 24.49 ? 101 GLU A C   1 
ATOM   701  O O   . GLU A 1 101 ? -5.278  -15.223 -2.467  1.00 25.75 ? 101 GLU A O   1 
ATOM   702  C CB  . GLU A 1 101 ? -4.560  -17.850 -2.988  1.00 29.83 ? 101 GLU A CB  1 
ATOM   703  C CG  . GLU A 1 101 ? -4.144  -19.306 -3.124  0.50 32.70 ? 101 GLU A CG  1 
ATOM   704  C CD  . GLU A 1 101 ? -3.952  -19.772 -4.552  0.50 36.02 ? 101 GLU A CD  1 
ATOM   705  O OE1 . GLU A 1 101 ? -4.598  -20.766 -4.931  0.50 38.15 ? 101 GLU A OE1 1 
ATOM   706  O OE2 . GLU A 1 101 ? -3.133  -19.160 -5.269  0.50 41.25 ? 101 GLU A OE2 1 
ATOM   707  N N   . ALA A 1 102 ? -4.683  -15.350 -0.239  1.00 22.60 ? 102 ALA A N   1 
ATOM   708  C CA  . ALA A 1 102 ? -5.115  -13.970 0.095   1.00 21.77 ? 102 ALA A CA  1 
ATOM   709  C C   . ALA A 1 102 ? -4.378  -12.987 -0.820  1.00 20.28 ? 102 ALA A C   1 
ATOM   710  O O   . ALA A 1 102 ? -3.199  -13.137 -1.188  1.00 20.10 ? 102 ALA A O   1 
ATOM   711  C CB  . ALA A 1 102 ? -4.832  -13.682 1.528   1.00 21.21 ? 102 ALA A CB  1 
ATOM   712  N N   . ARG A 1 103 ? -5.078  -11.891 -1.163  1.00 18.85 ? 103 ARG A N   1 
ATOM   713  C CA  . ARG A 1 103 ? -4.508  -10.881 -2.068  1.00 18.02 ? 103 ARG A CA  1 
ATOM   714  C C   . ARG A 1 103 ? -5.062  -9.524  -1.716  1.00 17.11 ? 103 ARG A C   1 
ATOM   715  O O   . ARG A 1 103 ? -6.178  -9.437  -1.224  1.00 17.76 ? 103 ARG A O   1 
ATOM   716  C CB  . ARG A 1 103 ? -4.850  -11.236 -3.504  1.00 22.71 ? 103 ARG A CB  1 
ATOM   717  C CG  . ARG A 1 103 ? -6.314  -11.129 -3.867  0.50 24.98 ? 103 ARG A CG  1 
ATOM   718  C CD  . ARG A 1 103 ? -6.636  -12.082 -5.008  0.50 29.81 ? 103 ARG A CD  1 
ATOM   719  N NE  . ARG A 1 103 ? -6.290  -11.559 -6.323  0.50 34.03 ? 103 ARG A NE  1 
ATOM   720  C CZ  . ARG A 1 103 ? -5.123  -11.706 -6.944  0.50 33.50 ? 103 ARG A CZ  1 
ATOM   721  N NH1 . ARG A 1 103 ? -4.959  -11.175 -8.142  0.50 29.93 ? 103 ARG A NH1 1 
ATOM   722  N NH2 . ARG A 1 103 ? -4.133  -12.388 -6.389  0.50 34.26 ? 103 ARG A NH2 1 
ATOM   723  N N   . ILE A 1 104 ? -4.240  -8.535  -2.007  1.00 14.92 ? 104 ILE A N   1 
ATOM   724  C CA  . ILE A 1 104 ? -4.747  -7.127  -2.041  1.00 14.23 ? 104 ILE A CA  1 
ATOM   725  C C   . ILE A 1 104 ? -4.500  -6.657  -3.465  1.00 14.77 ? 104 ILE A C   1 
ATOM   726  O O   . ILE A 1 104 ? -3.340  -6.505  -3.877  1.00 15.66 ? 104 ILE A O   1 
ATOM   727  C CB  . ILE A 1 104 ? -4.099  -6.251  -0.987  1.00 14.47 ? 104 ILE A CB  1 
ATOM   728  C CG1 . ILE A 1 104 ? -4.286  -6.801  0.428   1.00 16.48 ? 104 ILE A CG1 1 
ATOM   729  C CG2 . ILE A 1 104 ? -4.637  -4.811  -1.132  1.00 17.09 ? 104 ILE A CG2 1 
ATOM   730  C CD1 . ILE A 1 104 ? -3.608  -6.069  1.485   1.00 16.92 ? 104 ILE A CD1 1 
ATOM   731  N N   . ASN A 1 105 ? -5.582  -6.458  -4.208  1.00 15.65 ? 105 ASN A N   1 
ATOM   732  C CA  . ASN A 1 105 ? -5.541  -5.963  -5.600  1.00 17.42 ? 105 ASN A CA  1 
ATOM   733  C C   . ASN A 1 105 ? -5.710  -4.445  -5.568  1.00 15.33 ? 105 ASN A C   1 
ATOM   734  O O   . ASN A 1 105 ? -6.670  -4.008  -4.980  1.00 16.00 ? 105 ASN A O   1 
ATOM   735  C CB  . ASN A 1 105 ? -6.603  -6.606  -6.471  1.00 18.91 ? 105 ASN A CB  1 
ATOM   736  C CG  . ASN A 1 105 ? -6.391  -8.094  -6.651  1.00 23.94 ? 105 ASN A CG  1 
ATOM   737  O OD1 . ASN A 1 105 ? -5.254  -8.516  -6.814  1.00 26.82 ? 105 ASN A OD1 1 
ATOM   738  N ND2 . ASN A 1 105 ? -7.475  -8.841  -6.513  1.00 32.10 ? 105 ASN A ND2 1 
ATOM   739  N N   . THR A 1 106 ? -4.791  -3.742  -6.182  1.00 14.09 ? 106 THR A N   1 
ATOM   740  C CA  . THR A 1 106 ? -4.796  -2.251  -6.137  1.00 13.76 ? 106 THR A CA  1 
ATOM   741  C C   . THR A 1 106 ? -4.611  -1.621  -7.498  1.00 13.91 ? 106 THR A C   1 
ATOM   742  O O   . THR A 1 106 ? -3.973  -2.179  -8.404  1.00 13.84 ? 106 THR A O   1 
ATOM   743  C CB  . THR A 1 106 ? -3.764  -1.682  -5.169  1.00 14.36 ? 106 THR A CB  1 
ATOM   744  O OG1 . THR A 1 106 ? -2.467  -1.805  -5.740  1.00 15.37 ? 106 THR A OG1 1 
ATOM   745  C CG2 . THR A 1 106 ? -3.795  -2.358  -3.816  1.00 14.97 ? 106 THR A CG2 1 
ATOM   746  N N   . GLN A 1 107 ? -5.064  -0.374  -7.549  1.00 13.45 ? 107 GLN A N   1 
ATOM   747  C CA  . GLN A 1 107 ? -4.659  0.614   -8.558  1.00 13.66 ? 107 GLN A CA  1 
ATOM   748  C C   . GLN A 1 107 ? -4.056  1.771   -7.797  1.00 12.51 ? 107 GLN A C   1 
ATOM   749  O O   . GLN A 1 107 ? -4.415  1.977   -6.629  1.00 13.64 ? 107 GLN A O   1 
ATOM   750  C CB  . GLN A 1 107 ? -5.890  1.047   -9.326  1.00 15.88 ? 107 GLN A CB  1 
ATOM   751  C CG  A GLN A 1 107 ? -6.291  -0.248  -10.083 0.50 16.46 ? 107 GLN A CG  1 
ATOM   752  C CG  B GLN A 1 107 ? -6.777  0.041   -9.980  0.50 17.81 ? 107 GLN A CG  1 
ATOM   753  C CD  A GLN A 1 107 ? -7.201  -0.035  -11.261 0.50 16.33 ? 107 GLN A CD  1 
ATOM   754  C CD  B GLN A 1 107 ? -6.275  -0.101  -11.376 0.50 17.52 ? 107 GLN A CD  1 
ATOM   755  O OE1 A GLN A 1 107 ? -6.808  0.550   -12.259 0.50 17.66 ? 107 GLN A OE1 1 
ATOM   756  O OE1 B GLN A 1 107 ? -5.436  0.675   -11.834 0.50 17.96 ? 107 GLN A OE1 1 
ATOM   757  N NE2 A GLN A 1 107 ? -8.448  -0.409  -11.075 0.50 15.67 ? 107 GLN A NE2 1 
ATOM   758  N NE2 B GLN A 1 107 ? -6.795  -1.111  -12.024 0.50 17.70 ? 107 GLN A NE2 1 
ATOM   759  N N   . TRP A 1 108 ? -3.074  2.418   -8.365  1.00 11.99 ? 108 TRP A N   1 
ATOM   760  C CA  . TRP A 1 108 ? -2.379  3.505   -7.688  1.00 11.96 ? 108 TRP A CA  1 
ATOM   761  C C   . TRP A 1 108 ? -2.295  4.730   -8.556  1.00 11.86 ? 108 TRP A C   1 
ATOM   762  O O   . TRP A 1 108 ? -2.301  4.655   -9.779  1.00 12.06 ? 108 TRP A O   1 
ATOM   763  C CB  . TRP A 1 108 ? -1.025  3.064   -7.102  1.00 12.37 ? 108 TRP A CB  1 
ATOM   764  C CG  . TRP A 1 108 ? -0.035  2.472   -8.058  1.00 12.52 ? 108 TRP A CG  1 
ATOM   765  C CD1 . TRP A 1 108 ? 0.274   1.156   -8.179  1.00 13.51 ? 108 TRP A CD1 1 
ATOM   766  C CD2 . TRP A 1 108 ? 0.795   3.137   -9.022  1.00 12.56 ? 108 TRP A CD2 1 
ATOM   767  N NE1 . TRP A 1 108 ? 1.234   0.984   -9.126  1.00 14.61 ? 108 TRP A NE1 1 
ATOM   768  C CE2 . TRP A 1 108 ? 1.572   2.162   -9.701  1.00 13.48 ? 108 TRP A CE2 1 
ATOM   769  C CE3 . TRP A 1 108 ? 0.946   4.477   -9.429  1.00 13.19 ? 108 TRP A CE3 1 
ATOM   770  C CZ2 . TRP A 1 108 ? 2.512   2.484   -10.674 1.00 14.04 ? 108 TRP A CZ2 1 
ATOM   771  C CZ3 . TRP A 1 108 ? 1.867   4.789   -10.370 1.00 13.55 ? 108 TRP A CZ3 1 
ATOM   772  C CH2 . TRP A 1 108 ? 2.615   3.813   -11.009 1.00 13.56 ? 108 TRP A CH2 1 
ATOM   773  N N   . LEU A 1 109 ? -2.108  5.848   -7.857  1.00 11.24 ? 109 LEU A N   1 
ATOM   774  C CA  . LEU A 1 109 ? -1.822  7.173   -8.427  1.00 11.54 ? 109 LEU A CA  1 
ATOM   775  C C   . LEU A 1 109 ? -0.555  7.712   -7.779  1.00 12.43 ? 109 LEU A C   1 
ATOM   776  O O   . LEU A 1 109 ? -0.531  7.821   -6.521  1.00 14.50 ? 109 LEU A O   1 
ATOM   777  C CB  . LEU A 1 109 ? -2.958  8.170   -8.164  1.00 12.23 ? 109 LEU A CB  1 
ATOM   778  C CG  . LEU A 1 109 ? -4.278  7.801   -8.800  1.00 12.98 ? 109 LEU A CG  1 
ATOM   779  C CD1 . LEU A 1 109 ? -5.384  8.724   -8.307  1.00 15.05 ? 109 LEU A CD1 1 
ATOM   780  C CD2 . LEU A 1 109 ? -4.205  7.790   -10.277 1.00 15.27 ? 109 LEU A CD2 1 
ATOM   781  N N   . LEU A 1 110 ? 0.420   8.133   -8.529  1.00 12.56 ? 110 LEU A N   1 
ATOM   782  C CA  . LEU A 1 110 ? 1.642   8.761   -8.021  1.00 13.31 ? 110 LEU A CA  1 
ATOM   783  C C   . LEU A 1 110 ? 1.606   10.209  -8.468  1.00 14.65 ? 110 LEU A C   1 
ATOM   784  O O   . LEU A 1 110 ? 1.641   10.446  -9.732  1.00 15.79 ? 110 LEU A O   1 
ATOM   785  C CB  . LEU A 1 110 ? 2.854   7.973   -8.504  1.00 14.58 ? 110 LEU A CB  1 
ATOM   786  C CG  . LEU A 1 110 ? 4.207   8.661   -8.473  1.00 19.81 ? 110 LEU A CG  1 
ATOM   787  C CD1 . LEU A 1 110 ? 4.651   8.982   -7.097  1.00 21.02 ? 110 LEU A CD1 1 
ATOM   788  C CD2 . LEU A 1 110 ? 5.249   7.796   -9.161  1.00 22.61 ? 110 LEU A CD2 1 
ATOM   789  N N   . THR A 1 111 ? 1.575   11.158  -7.578  1.00 13.19 ? 111 THR A N   1 
ATOM   790  C CA  . THR A 1 111 ? 1.647   12.584  -7.949  1.00 13.93 ? 111 THR A CA  1 
ATOM   791  C C   . THR A 1 111 ? 2.997   13.138  -7.535  1.00 15.56 ? 111 THR A C   1 
ATOM   792  O O   . THR A 1 111 ? 3.444   12.914  -6.403  1.00 15.34 ? 111 THR A O   1 
ATOM   793  C CB  . THR A 1 111 ? 0.507   13.384  -7.335  1.00 15.34 ? 111 THR A CB  1 
ATOM   794  O OG1 . THR A 1 111 ? -0.754  12.891  -7.794  1.00 16.40 ? 111 THR A OG1 1 
ATOM   795  C CG2 . THR A 1 111 ? 0.637   14.845  -7.673  1.00 17.49 ? 111 THR A CG2 1 
ATOM   796  N N   . SER A 1 112 ? 3.626   13.826  -8.464  1.00 17.07 ? 112 SER A N   1 
ATOM   797  C CA  . SER A 1 112 ? 4.847   14.597  -8.199  1.00 20.10 ? 112 SER A CA  1 
ATOM   798  C C   . SER A 1 112 ? 4.515   16.068  -7.987  1.00 23.15 ? 112 SER A C   1 
ATOM   799  O O   . SER A 1 112 ? 3.624   16.592  -8.673  1.00 23.55 ? 112 SER A O   1 
ATOM   800  C CB  . SER A 1 112 ? 5.783   14.352  -9.304  1.00 24.21 ? 112 SER A CB  1 
ATOM   801  O OG  . SER A 1 112 ? 6.288   13.035  -9.188  1.00 30.98 ? 112 SER A OG  1 
ATOM   802  N N   . GLY A 1 113 ? 5.161   16.718  -7.017  1.00 21.56 ? 113 GLY A N   1 
ATOM   803  C CA  . GLY A 1 113 ? 5.121   18.196  -6.929  1.00 24.67 ? 113 GLY A CA  1 
ATOM   804  C C   . GLY A 1 113 ? 5.671   18.802  -8.226  1.00 25.41 ? 113 GLY A C   1 
ATOM   805  O O   . GLY A 1 113 ? 6.781   18.363  -8.631  1.00 28.12 ? 113 GLY A O   1 
ATOM   806  N N   . THR A 1 114 ? 4.887   19.654  -8.909  1.00 28.45 ? 114 THR A N   1 
ATOM   807  C CA  . THR A 1 114 ? 5.248   20.255  -10.227 1.00 32.03 ? 114 THR A CA  1 
ATOM   808  C C   . THR A 1 114 ? 4.935   21.756  -10.245 1.00 34.86 ? 114 THR A C   1 
ATOM   809  O O   . THR A 1 114 ? 4.113   22.228  -9.413  1.00 31.35 ? 114 THR A O   1 
ATOM   810  C CB  . THR A 1 114 ? 4.508   19.627  -11.423 1.00 31.93 ? 114 THR A CB  1 
ATOM   811  O OG1 . THR A 1 114 ? 3.151   20.070  -11.479 1.00 33.90 ? 114 THR A OG1 1 
ATOM   812  C CG2 . THR A 1 114 ? 4.506   18.110  -11.425 1.00 32.59 ? 114 THR A CG2 1 
ATOM   813  N N   . THR A 1 115 ? 5.489   22.460  -11.233 1.00 35.19 ? 115 THR A N   1 
ATOM   814  C CA  . THR A 1 115 ? 5.044   23.828  -11.607 1.00 37.57 ? 115 THR A CA  1 
ATOM   815  C C   . THR A 1 115 ? 3.636   23.766  -12.199 1.00 41.23 ? 115 THR A C   1 
ATOM   816  O O   . THR A 1 115 ? 3.225   22.654  -12.641 1.00 39.46 ? 115 THR A O   1 
ATOM   817  C CB  . THR A 1 115 ? 6.019   24.452  -12.609 1.00 38.95 ? 115 THR A CB  1 
ATOM   818  O OG1 . THR A 1 115 ? 5.932   23.676  -13.807 1.00 42.67 ? 115 THR A OG1 1 
ATOM   819  C CG2 . THR A 1 115 ? 7.433   24.475  -12.071 1.00 41.19 ? 115 THR A CG2 1 
ATOM   820  N N   . GLU A 1 116 ? 2.934   24.906  -12.217 1.00 45.12 ? 116 GLU A N   1 
ATOM   821  C CA  . GLU A 1 116 ? 1.581   25.042  -12.822 1.00 48.66 ? 116 GLU A CA  1 
ATOM   822  C C   . GLU A 1 116 ? 1.642   24.578  -14.289 1.00 46.44 ? 116 GLU A C   1 
ATOM   823  O O   . GLU A 1 116 ? 0.772   23.788  -14.680 1.00 43.57 ? 116 GLU A O   1 
ATOM   824  C CB  . GLU A 1 116 ? 1.067   26.480  -12.673 1.00 51.39 ? 116 GLU A CB  1 
ATOM   825  C CG  . GLU A 1 116 ? 0.786   26.882  -11.234 0.50 49.33 ? 116 GLU A CG  1 
ATOM   826  C CD  . GLU A 1 116 ? -0.217  28.014  -11.070 0.50 51.10 ? 116 GLU A CD  1 
ATOM   827  O OE1 . GLU A 1 116 ? -0.443  28.442  -9.919  0.50 49.80 ? 116 GLU A OE1 1 
ATOM   828  O OE2 . GLU A 1 116 ? -0.776  28.462  -12.090 0.50 50.81 ? 116 GLU A OE2 1 
ATOM   829  N N   . ALA A 1 117 ? 2.664   24.989  -15.050 1.00 49.46 ? 117 ALA A N   1 
ATOM   830  C CA  . ALA A 1 117 ? 2.825   24.645  -16.490 1.00 49.25 ? 117 ALA A CA  1 
ATOM   831  C C   . ALA A 1 117 ? 3.043   23.135  -16.694 1.00 48.94 ? 117 ALA A C   1 
ATOM   832  O O   . ALA A 1 117 ? 2.798   22.659  -17.817 1.00 42.94 ? 117 ALA A O   1 
ATOM   833  C CB  . ALA A 1 117 ? 3.963   25.430  -17.096 1.00 51.65 ? 117 ALA A CB  1 
ATOM   834  N N   . ASN A 1 118 ? 3.543   22.414  -15.683 1.00 44.76 ? 118 ASN A N   1 
ATOM   835  C CA  . ASN A 1 118 ? 3.924   20.978  -15.804 1.00 43.73 ? 118 ASN A CA  1 
ATOM   836  C C   . ASN A 1 118 ? 2.909   20.096  -15.069 1.00 40.47 ? 118 ASN A C   1 
ATOM   837  O O   . ASN A 1 118 ? 3.099   18.852  -15.067 1.00 37.82 ? 118 ASN A O   1 
ATOM   838  C CB  . ASN A 1 118 ? 5.328   20.711  -15.258 1.00 42.32 ? 118 ASN A CB  1 
ATOM   839  C CG  . ASN A 1 118 ? 6.440   21.182  -16.174 1.00 52.25 ? 118 ASN A CG  1 
ATOM   840  O OD1 . ASN A 1 118 ? 6.210   21.505  -17.340 1.00 53.61 ? 118 ASN A OD1 1 
ATOM   841  N ND2 . ASN A 1 118 ? 7.654   21.221  -15.650 1.00 48.61 ? 118 ASN A ND2 1 
ATOM   842  N N   . ALA A 1 119 ? 1.871   20.699  -14.486 1.00 37.33 ? 119 ALA A N   1 
ATOM   843  C CA  . ALA A 1 119 ? 0.871   20.026  -13.619 1.00 40.40 ? 119 ALA A CA  1 
ATOM   844  C C   . ALA A 1 119 ? 0.048   19.024  -14.439 1.00 43.34 ? 119 ALA A C   1 
ATOM   845  O O   . ALA A 1 119 ? -0.370  17.997  -13.865 1.00 40.93 ? 119 ALA A O   1 
ATOM   846  C CB  . ALA A 1 119 ? 0.002   21.049  -12.917 1.00 37.29 ? 119 ALA A CB  1 
ATOM   847  N N   . TRP A 1 120 ? -0.141  19.279  -15.742 1.00 46.13 ? 120 TRP A N   1 
ATOM   848  C CA  . TRP A 1 120 ? -0.803  18.323  -16.670 1.00 44.21 ? 120 TRP A CA  1 
ATOM   849  C C   . TRP A 1 120 ? -0.139  16.941  -16.526 1.00 41.43 ? 120 TRP A C   1 
ATOM   850  O O   . TRP A 1 120 ? -0.895  15.951  -16.579 1.00 40.65 ? 120 TRP A O   1 
ATOM   851  C CB  . TRP A 1 120 ? -0.801  18.832  -18.125 1.00 48.67 ? 120 TRP A CB  1 
ATOM   852  C CG  . TRP A 1 120 ? 0.554   18.902  -18.759 1.00 53.23 ? 120 TRP A CG  1 
ATOM   853  C CD1 . TRP A 1 120 ? 1.464   19.910  -18.625 1.00 51.32 ? 120 TRP A CD1 1 
ATOM   854  C CD2 . TRP A 1 120 ? 1.161   17.931  -19.634 1.00 55.77 ? 120 TRP A CD2 1 
ATOM   855  N NE1 . TRP A 1 120 ? 2.598   19.629  -19.337 1.00 52.92 ? 120 TRP A NE1 1 
ATOM   856  C CE2 . TRP A 1 120 ? 2.443   18.424  -19.970 1.00 56.15 ? 120 TRP A CE2 1 
ATOM   857  C CE3 . TRP A 1 120 ? 0.754   16.698  -20.161 1.00 59.63 ? 120 TRP A CE3 1 
ATOM   858  C CZ2 . TRP A 1 120 ? 3.316   17.728  -20.805 1.00 55.05 ? 120 TRP A CZ2 1 
ATOM   859  C CZ3 . TRP A 1 120 ? 1.621   16.009  -20.984 1.00 60.60 ? 120 TRP A CZ3 1 
ATOM   860  C CH2 . TRP A 1 120 ? 2.884   16.517  -21.298 1.00 57.46 ? 120 TRP A CH2 1 
ATOM   861  N N   . ALA A 1 121 ? 1.187   16.896  -16.278 1.00 35.42 ? 121 ALA A N   1 
ATOM   862  C CA  . ALA A 1 121 ? 2.077   15.706  -16.328 1.00 29.78 ? 121 ALA A CA  1 
ATOM   863  C C   . ALA A 1 121 ? 2.503   15.265  -14.918 1.00 26.00 ? 121 ALA A C   1 
ATOM   864  O O   . ALA A 1 121 ? 3.554   14.621  -14.736 1.00 29.58 ? 121 ALA A O   1 
ATOM   865  C CB  . ALA A 1 121 ? 3.272   16.005  -17.189 1.00 33.99 ? 121 ALA A CB  1 
ATOM   866  N N   . SER A 1 122 ? 1.683   15.572  -13.941 1.00 22.66 ? 122 SER A N   1 
ATOM   867  C CA  . SER A 1 122 ? 2.056   15.428  -12.528 1.00 21.75 ? 122 SER A CA  1 
ATOM   868  C C   . SER A 1 122 ? 1.663   14.042  -12.007 1.00 17.12 ? 122 SER A C   1 
ATOM   869  O O   . SER A 1 122 ? 2.168   13.703  -10.959 1.00 16.42 ? 122 SER A O   1 
ATOM   870  C CB  . SER A 1 122 ? 1.373   16.476  -11.694 1.00 25.09 ? 122 SER A CB  1 
ATOM   871  O OG  . SER A 1 122 ? -0.045  16.279  -11.719 1.00 28.31 ? 122 SER A OG  1 
ATOM   872  N N   . THR A 1 123 ? 0.757   13.301  -12.627 1.00 14.97 ? 123 THR A N   1 
ATOM   873  C CA  . THR A 1 123 ? 0.124   12.117  -12.007 1.00 13.49 ? 123 THR A CA  1 
ATOM   874  C C   . THR A 1 123 ? 0.262   10.888  -12.877 1.00 13.76 ? 123 THR A C   1 
ATOM   875  O O   . THR A 1 123 ? -0.228  10.898  -14.001 1.00 16.60 ? 123 THR A O   1 
ATOM   876  C CB  . THR A 1 123 ? -1.320  12.319  -11.598 1.00 15.09 ? 123 THR A CB  1 
ATOM   877  O OG1 . THR A 1 123 ? -1.357  13.471  -10.752 1.00 17.75 ? 123 THR A OG1 1 
ATOM   878  C CG2 . THR A 1 123 ? -1.904  11.197  -10.771 1.00 15.86 ? 123 THR A CG2 1 
ATOM   879  N N   . TYR A 1 124 ? 0.948   9.881   -12.419 1.00 14.12 ? 124 TYR A N   1 
ATOM   880  C CA  . TYR A 1 124 ? 1.081   8.541   -13.040 1.00 14.11 ? 124 TYR A CA  1 
ATOM   881  C C   . TYR A 1 124 ? 0.052   7.610   -12.449 1.00 14.01 ? 124 TYR A C   1 
ATOM   882  O O   . TYR A 1 124 ? -0.344  7.763   -11.290 1.00 13.80 ? 124 TYR A O   1 
ATOM   883  C CB  . TYR A 1 124 ? 2.457   7.954   -12.766 1.00 16.74 ? 124 TYR A CB  1 
ATOM   884  C CG  . TYR A 1 124 ? 3.609   8.838   -13.164 1.00 20.14 ? 124 TYR A CG  1 
ATOM   885  C CD1 . TYR A 1 124 ? 3.927   9.969   -12.403 1.00 22.38 ? 124 TYR A CD1 1 
ATOM   886  C CD2 . TYR A 1 124 ? 4.346   8.609   -14.320 1.00 24.53 ? 124 TYR A CD2 1 
ATOM   887  C CE1 . TYR A 1 124 ? 4.959   10.819  -12.764 1.00 25.22 ? 124 TYR A CE1 1 
ATOM   888  C CE2 . TYR A 1 124 ? 5.447   9.411   -14.656 1.00 25.66 ? 124 TYR A CE2 1 
ATOM   889  C CZ  . TYR A 1 124 ? 5.711   10.533  -13.890 1.00 30.31 ? 124 TYR A CZ  1 
ATOM   890  O OH  . TYR A 1 124 ? 6.755   11.361  -14.213 1.00 35.29 ? 124 TYR A OH  1 
ATOM   891  N N   . VAL A 1 125 ? -0.395  6.666   -13.251 1.00 13.55 ? 125 VAL A N   1 
ATOM   892  C CA  . VAL A 1 125 ? -1.316  5.621   -12.806 1.00 13.15 ? 125 VAL A CA  1 
ATOM   893  C C   . VAL A 1 125 ? -0.720  4.263   -13.099 1.00 12.89 ? 125 VAL A C   1 
ATOM   894  O O   . VAL A 1 125 ? 0.013   4.071   -14.065 1.00 13.82 ? 125 VAL A O   1 
ATOM   895  C CB  . VAL A 1 125 ? -2.677  5.787   -13.482 1.00 13.71 ? 125 VAL A CB  1 
ATOM   896  C CG1 . VAL A 1 125 ? -2.635  5.691   -14.988 1.00 16.24 ? 125 VAL A CG1 1 
ATOM   897  C CG2 . VAL A 1 125 ? -3.718  4.823   -12.967 1.00 14.64 ? 125 VAL A CG2 1 
ATOM   898  N N   . GLY A 1 126 ? -1.003  3.328   -12.211 1.00 12.82 ? 126 GLY A N   1 
ATOM   899  C CA  . GLY A 1 126 ? -0.581  1.926   -12.396 1.00 13.03 ? 126 GLY A CA  1 
ATOM   900  C C   . GLY A 1 126 ? -1.370  1.043   -11.488 1.00 13.08 ? 126 GLY A C   1 
ATOM   901  O O   . GLY A 1 126 ? -2.426  1.382   -10.953 1.00 12.95 ? 126 GLY A O   1 
ATOM   902  N N   . HIS A 1 127 ? -0.863  -0.176  -11.324 1.00 15.15 ? 127 HIS A N   1 
ATOM   903  C CA  . HIS A 1 127 ? -1.580  -1.225  -10.571 1.00 16.15 ? 127 HIS A CA  1 
ATOM   904  C C   . HIS A 1 127 ? -0.540  -2.098  -9.877  1.00 16.76 ? 127 HIS A C   1 
ATOM   905  O O   . HIS A 1 127 ? 0.594   -2.211  -10.325 1.00 19.38 ? 127 HIS A O   1 
ATOM   906  C CB  . HIS A 1 127 ? -2.533  -2.019  -11.451 1.00 17.69 ? 127 HIS A CB  1 
ATOM   907  C CG  . HIS A 1 127 ? -1.884  -2.523  -12.687 1.00 19.88 ? 127 HIS A CG  1 
ATOM   908  N ND1 . HIS A 1 127 ? -1.304  -3.781  -12.734 1.00 23.92 ? 127 HIS A ND1 1 
ATOM   909  C CD2 . HIS A 1 127 ? -1.623  -1.941  -13.888 1.00 19.82 ? 127 HIS A CD2 1 
ATOM   910  C CE1 . HIS A 1 127 ? -0.739  -3.962  -13.915 1.00 24.36 ? 127 HIS A CE1 1 
ATOM   911  N NE2 . HIS A 1 127 ? -0.926  -2.849  -14.653 1.00 24.08 ? 127 HIS A NE2 1 
ATOM   912  N N   A ASP A 1 128 ? -0.954  -2.746  -8.813  0.50 15.31 ? 128 ASP A N   1 
ATOM   913  N N   B ASP A 1 128 ? -0.913  -2.658  -8.719  0.50 14.91 ? 128 ASP A N   1 
ATOM   914  C CA  A ASP A 1 128 ? -0.055  -3.741  -8.205  0.50 16.43 ? 128 ASP A CA  1 
ATOM   915  C CA  B ASP A 1 128 ? -0.091  -3.602  -7.911  0.50 15.94 ? 128 ASP A CA  1 
ATOM   916  C C   A ASP A 1 128 ? -0.929  -4.682  -7.422  0.50 16.62 ? 128 ASP A C   1 
ATOM   917  C C   B ASP A 1 128 ? -0.993  -4.696  -7.411  0.50 16.46 ? 128 ASP A C   1 
ATOM   918  O O   A ASP A 1 128 ? -1.993  -4.311  -6.912  0.50 17.62 ? 128 ASP A O   1 
ATOM   919  O O   B ASP A 1 128 ? -2.104  -4.410  -6.945  0.50 16.87 ? 128 ASP A O   1 
ATOM   920  C CB  A ASP A 1 128 ? 0.997   -3.031  -7.371  0.50 16.06 ? 128 ASP A CB  1 
ATOM   921  C CB  B ASP A 1 128 ? 0.495   -2.982  -6.643  0.50 14.96 ? 128 ASP A CB  1 
ATOM   922  C CG  A ASP A 1 128 ? 2.334   -3.726  -7.318  0.50 18.61 ? 128 ASP A CG  1 
ATOM   923  C CG  B ASP A 1 128 ? 1.841   -2.352  -6.935  0.50 15.45 ? 128 ASP A CG  1 
ATOM   924  O OD1 A ASP A 1 128 ? 2.463   -4.933  -7.806  0.50 20.98 ? 128 ASP A OD1 1 
ATOM   925  O OD1 B ASP A 1 128 ? 2.712   -3.036  -7.576  0.50 16.24 ? 128 ASP A OD1 1 
ATOM   926  O OD2 A ASP A 1 128 ? 3.218   -3.044  -6.759  0.50 17.34 ? 128 ASP A OD2 1 
ATOM   927  O OD2 B ASP A 1 128 ? 2.031   -1.192  -6.519  0.50 15.18 ? 128 ASP A OD2 1 
ATOM   928  N N   . THR A 1 129 ? -0.471  -5.907  -7.345  1.00 16.30 ? 129 THR A N   1 
ATOM   929  C CA  . THR A 1 129 ? -1.155  -6.974  -6.629  1.00 17.75 ? 129 THR A CA  1 
ATOM   930  C C   . THR A 1 129 ? -0.215  -7.450  -5.546  1.00 15.68 ? 129 THR A C   1 
ATOM   931  O O   . THR A 1 129 ? 0.958   -7.688  -5.831  1.00 18.40 ? 129 THR A O   1 
ATOM   932  C CB  . THR A 1 129 ? -1.573  -8.108  -7.557  1.00 22.66 ? 129 THR A CB  1 
ATOM   933  O OG1 . THR A 1 129 ? -2.479  -7.699  -8.577  1.00 29.21 ? 129 THR A OG1 1 
ATOM   934  C CG2 . THR A 1 129 ? -2.285  -9.179  -6.786  1.00 20.93 ? 129 THR A CG2 1 
ATOM   935  N N   . PHE A 1 130 ? -0.721  -7.520  -4.339  1.00 15.56 ? 130 PHE A N   1 
ATOM   936  C CA  . PHE A 1 130 ? 0.057   -7.934  -3.156  1.00 16.48 ? 130 PHE A CA  1 
ATOM   937  C C   . PHE A 1 130 ? -0.441  -9.317  -2.749  1.00 15.96 ? 130 PHE A C   1 
ATOM   938  O O   . PHE A 1 130 ? -1.656  -9.589  -2.735  1.00 16.15 ? 130 PHE A O   1 
ATOM   939  C CB  . PHE A 1 130 ? -0.113  -6.936  -2.044  1.00 16.11 ? 130 PHE A CB  1 
ATOM   940  C CG  . PHE A 1 130 ? 0.443   -5.571  -2.360  1.00 16.35 ? 130 PHE A CG  1 
ATOM   941  C CD1 . PHE A 1 130 ? -0.385  -4.634  -2.976  1.00 16.78 ? 130 PHE A CD1 1 
ATOM   942  C CD2 . PHE A 1 130 ? 1.753   -5.242  -2.144  1.00 17.73 ? 130 PHE A CD2 1 
ATOM   943  C CE1 . PHE A 1 130 ? 0.086   -3.367  -3.255  1.00 16.57 ? 130 PHE A CE1 1 
ATOM   944  C CE2 . PHE A 1 130 ? 2.240   -3.983  -2.422  1.00 17.99 ? 130 PHE A CE2 1 
ATOM   945  C CZ  . PHE A 1 130 ? 1.401   -3.048  -3.021  1.00 16.45 ? 130 PHE A CZ  1 
ATOM   946  N N   . THR A 1 131 ? 0.537   -10.126 -2.315  1.00 17.32 ? 131 THR A N   1 
ATOM   947  C CA  . THR A 1 131 ? 0.224   -11.451 -1.705  1.00 17.43 ? 131 THR A CA  1 
ATOM   948  C C   . THR A 1 131 ? 1.032   -11.594 -0.446  1.00 17.37 ? 131 THR A C   1 
ATOM   949  O O   . THR A 1 131 ? 1.923   -10.825 -0.131  1.00 16.55 ? 131 THR A O   1 
ATOM   950  C CB  . THR A 1 131 ? 0.416   -12.636 -2.650  1.00 21.42 ? 131 THR A CB  1 
ATOM   951  O OG1 . THR A 1 131 ? 1.801   -12.912 -2.796  1.00 25.55 ? 131 THR A OG1 1 
ATOM   952  C CG2 . THR A 1 131 ? -0.189  -12.433 -4.016  1.00 22.55 ? 131 THR A CG2 1 
ATOM   953  N N   A LYS A 1 132 ? 0.722   -12.679 0.264   0.50 17.81 ? 132 LYS A N   1 
ATOM   954  N N   B LYS A 1 132 ? 0.735   -12.654 0.311   0.50 18.66 ? 132 LYS A N   1 
ATOM   955  C CA  A LYS A 1 132 ? 1.380   -12.996 1.544   0.50 16.93 ? 132 LYS A CA  1 
ATOM   956  C CA  B LYS A 1 132 ? 1.461   -12.886 1.580   0.50 18.33 ? 132 LYS A CA  1 
ATOM   957  C C   A LYS A 1 132 ? 2.720   -13.698 1.337   0.50 17.62 ? 132 LYS A C   1 
ATOM   958  C C   B LYS A 1 132 ? 2.753   -13.678 1.345   0.50 18.32 ? 132 LYS A C   1 
ATOM   959  O O   A LYS A 1 132 ? 3.438   -13.755 2.307   0.50 17.80 ? 132 LYS A O   1 
ATOM   960  O O   B LYS A 1 132 ? 3.512   -13.728 2.299   0.50 18.13 ? 132 LYS A O   1 
ATOM   961  C CB  A LYS A 1 132 ? 0.439   -13.878 2.356   0.50 16.91 ? 132 LYS A CB  1 
ATOM   962  C CB  B LYS A 1 132 ? 0.537   -13.549 2.602   0.50 19.71 ? 132 LYS A CB  1 
ATOM   963  C CG  A LYS A 1 132 ? -0.774  -13.134 2.882   0.50 16.07 ? 132 LYS A CG  1 
ATOM   964  C CG  B LYS A 1 132 ? -0.577  -12.640 3.087   0.50 20.51 ? 132 LYS A CG  1 
ATOM   965  C CD  A LYS A 1 132 ? -0.444  -12.033 3.911   0.50 16.11 ? 132 LYS A CD  1 
ATOM   966  C CD  B LYS A 1 132 ? -1.406  -13.219 4.218   0.50 23.62 ? 132 LYS A CD  1 
ATOM   967  C CE  A LYS A 1 132 ? 0.202   -12.507 5.207   0.50 17.12 ? 132 LYS A CE  1 
ATOM   968  C CE  B LYS A 1 132 ? -2.727  -12.504 4.381   0.50 26.69 ? 132 LYS A CE  1 
ATOM   969  N NZ  A LYS A 1 132 ? 0.538   -11.341 6.054   0.50 15.71 ? 132 LYS A NZ  1 
ATOM   970  N NZ  B LYS A 1 132 ? -3.653  -13.213 5.291   0.50 30.50 ? 132 LYS A NZ  1 
ATOM   971  N N   . VAL A 1 133 ? 3.042   -14.136 0.132   1.00 20.92 ? 133 VAL A N   1 
ATOM   972  C CA  . VAL A 1 133 ? 4.281   -14.941 -0.075  1.00 26.39 ? 133 VAL A CA  1 
ATOM   973  C C   . VAL A 1 133 ? 5.278   -14.144 -0.895  1.00 27.07 ? 133 VAL A C   1 
ATOM   974  O O   . VAL A 1 133 ? 4.881   -13.619 -1.901  1.00 24.59 ? 133 VAL A O   1 
ATOM   975  C CB  . VAL A 1 133 ? 3.928   -16.304 -0.682  1.00 34.65 ? 133 VAL A CB  1 
ATOM   976  C CG1 . VAL A 1 133 ? 3.104   -17.137 0.298   1.00 35.95 ? 133 VAL A CG1 1 
ATOM   977  C CG2 . VAL A 1 133 ? 3.209   -16.193 -2.005  1.00 39.68 ? 133 VAL A CG2 1 
ATOM   978  N N   . LYS A 1 134 ? 6.509   -14.036 -0.418  1.00 26.68 ? 134 LYS A N   1 
ATOM   979  C CA  . LYS A 1 134 ? 7.593   -13.247 -1.033  1.00 32.49 ? 134 LYS A CA  1 
ATOM   980  C C   . LYS A 1 134 ? 7.956   -13.944 -2.331  1.00 35.20 ? 134 LYS A C   1 
ATOM   981  O O   . LYS A 1 134 ? 8.276   -15.134 -2.296  1.00 32.02 ? 134 LYS A O   1 
ATOM   982  C CB  . LYS A 1 134 ? 8.761   -13.180 -0.041  1.00 38.54 ? 134 LYS A CB  1 
ATOM   983  C CG  . LYS A 1 134 ? 10.109  -12.849 -0.664  1.00 41.67 ? 134 LYS A CG  1 
ATOM   984  C CD  . LYS A 1 134 ? 11.167  -12.354 0.307   1.00 43.80 ? 134 LYS A CD  1 
ATOM   985  C CE  . LYS A 1 134 ? 11.050  -10.874 0.614   1.00 47.88 ? 134 LYS A CE  1 
ATOM   986  N NZ  . LYS A 1 134 ? 11.127  -10.018 -0.600  1.00 51.22 ? 134 LYS A NZ  1 
ATOM   987  N N   . PRO A 1 135 ? 7.900   -13.272 -3.503  1.00 29.93 ? 135 PRO A N   1 
ATOM   988  C CA  . PRO A 1 135 ? 8.254   -13.934 -4.755  1.00 37.11 ? 135 PRO A CA  1 
ATOM   989  C C   . PRO A 1 135 ? 9.759   -14.190 -4.889  1.00 40.31 ? 135 PRO A C   1 
ATOM   990  O O   . PRO A 1 135 ? 10.559  -13.630 -4.102  1.00 35.87 ? 135 PRO A O   1 
ATOM   991  C CB  . PRO A 1 135 ? 7.800   -12.975 -5.864  1.00 34.77 ? 135 PRO A CB  1 
ATOM   992  C CG  . PRO A 1 135 ? 7.836   -11.619 -5.186  1.00 33.05 ? 135 PRO A CG  1 
ATOM   993  C CD  . PRO A 1 135 ? 7.481   -11.875 -3.728  1.00 30.20 ? 135 PRO A CD  1 
ATOM   994  N N   . SER A 1 136 ? 10.068  -15.032 -5.886  1.00 49.49 ? 136 SER A N   1 
ATOM   995  C CA  . SER A 1 136 ? 11.403  -15.321 -6.475  1.00 50.37 ? 136 SER A CA  1 
ATOM   996  C C   . SER A 1 136 ? 12.153  -16.320 -5.596  1.00 52.18 ? 136 SER A C   1 
ATOM   997  O O   . SER A 1 136 ? 12.414  -17.398 -6.112  1.00 52.96 ? 136 SER A O   1 
ATOM   998  C CB  . SER A 1 136 ? 12.199  -14.067 -6.716  1.00 47.96 ? 136 SER A CB  1 
ATOM   999  O OG  . SER A 1 136 ? 13.589  -14.346 -6.633  1.00 51.47 ? 136 SER A OG  1 
HETATM 1000 O O   . HOH B 2 .   ? -2.775  -11.207 10.698  1.00 29.42 ? 201 HOH A O   1 
HETATM 1001 O O   . HOH B 2 .   ? -12.147 -10.877 5.912   1.00 45.49 ? 202 HOH A O   1 
HETATM 1002 O O   . HOH B 2 .   ? -9.473  3.319   -2.034  1.00 24.54 ? 203 HOH A O   1 
HETATM 1003 O O   . HOH B 2 .   ? 5.733   -14.681 2.871   1.00 30.48 ? 204 HOH A O   1 
HETATM 1004 O O   . HOH B 2 .   ? 10.214  -10.144 4.062   1.00 33.89 ? 205 HOH A O   1 
HETATM 1005 O O   . HOH B 2 .   ? -1.255  -14.640 -0.389  1.00 20.99 ? 206 HOH A O   1 
HETATM 1006 O O   . HOH B 2 .   ? -3.279  14.327  -9.233  1.00 27.88 ? 207 HOH A O   1 
HETATM 1007 O O   . HOH B 2 .   ? -2.581  -13.700 7.610   0.50 44.69 ? 208 HOH A O   1 
HETATM 1008 O O   . HOH B 2 .   ? 5.988   -0.392  -5.082  1.00 28.06 ? 209 HOH A O   1 
HETATM 1009 O O   . HOH B 2 .   ? 4.958   8.678   4.070   1.00 15.49 ? 210 HOH A O   1 
HETATM 1010 O O   . HOH B 2 .   ? -0.827  13.795  -15.049 1.00 22.41 ? 211 HOH A O   1 
HETATM 1011 O O   . HOH B 2 .   ? 7.731   -2.051  -6.712  1.00 32.04 ? 212 HOH A O   1 
HETATM 1012 O O   . HOH B 2 .   ? -4.834  -6.924  13.611  1.00 30.31 ? 213 HOH A O   1 
HETATM 1013 O O   . HOH B 2 .   ? -13.162 -4.585  11.090  1.00 42.23 ? 214 HOH A O   1 
HETATM 1014 O O   . HOH B 2 .   ? 3.301   -12.326 4.601   1.00 19.37 ? 215 HOH A O   1 
HETATM 1015 O O   . HOH B 2 .   ? -9.896  -12.737 6.038   1.00 34.31 ? 216 HOH A O   1 
HETATM 1016 O O   . HOH B 2 .   ? -17.051 -5.329  1.344   1.00 27.88 ? 217 HOH A O   1 
HETATM 1017 O O   . HOH B 2 .   ? -2.062  -10.932 6.871   1.00 28.36 ? 218 HOH A O   1 
HETATM 1018 O O   . HOH B 2 .   ? 3.457   -11.399 -4.331  1.00 32.55 ? 219 HOH A O   1 
HETATM 1019 O O   . HOH B 2 .   ? -13.957 1.559   8.527   1.00 25.47 ? 220 HOH A O   1 
HETATM 1020 O O   . HOH B 2 .   ? -4.102  7.462   3.184   0.50 13.32 ? 221 HOH A O   1 
HETATM 1021 O O   . HOH B 2 .   ? 14.779  13.663  3.515   1.00 33.58 ? 222 HOH A O   1 
HETATM 1022 O O   . HOH B 2 .   ? 4.216   27.184  -14.433 1.00 51.43 ? 223 HOH A O   1 
HETATM 1023 O O   . HOH B 2 .   ? -12.885 -9.438  2.418   1.00 42.20 ? 224 HOH A O   1 
HETATM 1024 O O   . HOH B 2 .   ? -3.510  0.699   12.500  1.00 26.84 ? 225 HOH A O   1 
HETATM 1025 O O   . HOH B 2 .   ? -15.569 -3.017  1.955   1.00 19.76 ? 226 HOH A O   1 
HETATM 1026 O O   . HOH B 2 .   ? 8.579   9.694   -7.273  1.00 35.90 ? 227 HOH A O   1 
HETATM 1027 O O   . HOH B 2 .   ? -1.276  -5.679  -10.700 1.00 30.18 ? 228 HOH A O   1 
HETATM 1028 O O   . HOH B 2 .   ? 8.678   8.065   5.807   1.00 19.24 ? 229 HOH A O   1 
HETATM 1029 O O   . HOH B 2 .   ? 2.240   -1.943  11.319  1.00 41.99 ? 230 HOH A O   1 
HETATM 1030 O O   . HOH B 2 .   ? -1.915  27.277  -14.372 1.00 53.84 ? 231 HOH A O   1 
HETATM 1031 O O   . HOH B 2 .   ? 13.871  4.476   -1.647  1.00 35.99 ? 232 HOH A O   1 
HETATM 1032 O O   . HOH B 2 .   ? -2.123  -16.461 1.661   1.00 25.94 ? 233 HOH A O   1 
HETATM 1033 O O   . HOH B 2 .   ? 7.457   20.983  -12.819 1.00 47.39 ? 234 HOH A O   1 
HETATM 1034 O O   . HOH B 2 .   ? 2.091   -10.301 -5.977  1.00 33.36 ? 235 HOH A O   1 
HETATM 1035 O O   . HOH B 2 .   ? -9.828  4.973   13.425  1.00 39.98 ? 236 HOH A O   1 
HETATM 1036 O O   . HOH B 2 .   ? -10.132 -7.854  -6.052  1.00 43.58 ? 237 HOH A O   1 
HETATM 1037 O O   . HOH B 2 .   ? 6.961   11.058  4.697   1.00 26.25 ? 238 HOH A O   1 
HETATM 1038 O O   . HOH B 2 .   ? 4.634   3.860   10.586  1.00 34.23 ? 239 HOH A O   1 
HETATM 1039 O O   . HOH B 2 .   ? -7.182  -1.736  17.226  1.00 37.83 ? 240 HOH A O   1 
HETATM 1040 O O   . HOH B 2 .   ? -4.390  5.503   9.963   1.00 25.41 ? 241 HOH A O   1 
HETATM 1041 O O   . HOH B 2 .   ? 5.531   -0.142  10.920  1.00 45.04 ? 242 HOH A O   1 
HETATM 1042 O O   . HOH B 2 .   ? -1.573  17.356  -9.478  1.00 43.29 ? 243 HOH A O   1 
HETATM 1043 O O   . HOH B 2 .   ? -17.919 -4.911  9.971   1.00 46.68 ? 244 HOH A O   1 
HETATM 1044 O O   . HOH B 2 .   ? 13.990  7.267   7.592   1.00 32.52 ? 245 HOH A O   1 
HETATM 1045 O O   . HOH B 2 .   ? 4.229   0.740   -6.653  1.00 29.12 ? 246 HOH A O   1 
HETATM 1046 O O   . HOH B 2 .   ? 1.577   -0.456  -12.958 1.00 26.45 ? 247 HOH A O   1 
HETATM 1047 O O   . HOH B 2 .   ? 13.947  16.238  3.073   1.00 36.15 ? 248 HOH A O   1 
HETATM 1048 O O   . HOH B 2 .   ? 2.459   -5.065  10.775  1.00 32.36 ? 249 HOH A O   1 
HETATM 1049 O O   . HOH B 2 .   ? 1.511   -15.567 -4.174  1.00 41.75 ? 250 HOH A O   1 
HETATM 1050 O O   . HOH B 2 .   ? -7.704  -17.162 -1.358  1.00 46.04 ? 251 HOH A O   1 
HETATM 1051 O O   . HOH B 2 .   ? -6.942  6.670   10.513  1.00 27.66 ? 252 HOH A O   1 
HETATM 1052 O O   . HOH B 2 .   ? 11.735  11.100  7.789   1.00 41.72 ? 253 HOH A O   1 
HETATM 1053 O O   . HOH B 2 .   ? 3.452   -1.066  -9.822  1.00 25.54 ? 254 HOH A O   1 
HETATM 1054 O O   . HOH B 2 .   ? 14.338  -6.144  5.462   1.00 61.61 ? 255 HOH A O   1 
HETATM 1055 O O   . HOH B 2 .   ? 16.579  13.438  1.271   0.50 27.89 ? 256 HOH A O   1 
HETATM 1056 O O   . HOH B 2 .   ? -2.850  6.737   11.792  1.00 38.95 ? 257 HOH A O   1 
HETATM 1057 O O   . HOH B 2 .   ? -6.162  0.546   16.817  1.00 52.05 ? 258 HOH A O   1 
HETATM 1058 O O   . HOH B 2 .   ? -0.494  6.701   11.961  1.00 37.09 ? 259 HOH A O   1 
HETATM 1059 O O   . HOH B 2 .   ? 3.659   2.009   12.423  1.00 40.08 ? 260 HOH A O   1 
HETATM 1060 O O   . HOH B 2 .   ? 9.328   4.210   8.735   1.00 47.73 ? 261 HOH A O   1 
HETATM 1061 O O   . HOH B 2 .   ? 7.736   0.764   -7.888  1.00 39.48 ? 262 HOH A O   1 
HETATM 1062 O O   . HOH B 2 .   ? 8.243   2.825   -5.801  1.00 34.19 ? 263 HOH A O   1 
# 
loop_
_pdbx_poly_seq_scheme.asym_id 
_pdbx_poly_seq_scheme.entity_id 
_pdbx_poly_seq_scheme.seq_id 
_pdbx_poly_seq_scheme.mon_id 
_pdbx_poly_seq_scheme.ndb_seq_num 
_pdbx_poly_seq_scheme.pdb_seq_num 
_pdbx_poly_seq_scheme.auth_seq_num 
_pdbx_poly_seq_scheme.pdb_mon_id 
_pdbx_poly_seq_scheme.auth_mon_id 
_pdbx_poly_seq_scheme.pdb_strand_id 
_pdbx_poly_seq_scheme.pdb_ins_code 
_pdbx_poly_seq_scheme.hetero 
A 1 1   MET 1   1   ?   ?   ?   A . n 
A 1 2   ALA 2   2   ?   ?   ?   A . n 
A 1 3   SER 3   3   ?   ?   ?   A . n 
A 1 4   MET 4   4   ?   ?   ?   A . n 
A 1 5   THR 5   5   ?   ?   ?   A . n 
A 1 6   GLY 6   6   ?   ?   ?   A . n 
A 1 7   GLY 7   7   ?   ?   ?   A . n 
A 1 8   GLN 8   8   ?   ?   ?   A . n 
A 1 9   GLN 9   9   ?   ?   ?   A . n 
A 1 10  MET 10  10  ?   ?   ?   A . n 
A 1 11  GLY 11  11  ?   ?   ?   A . n 
A 1 12  ARG 12  12  12  ARG ARG A . n 
A 1 13  ASP 13  13  13  ASP ASP A . n 
A 1 14  GLU 14  14  14  GLU GLU A . n 
A 1 15  ALA 15  15  15  ALA ALA A . n 
A 1 16  GLY 16  16  16  GLY GLY A . n 
A 1 17  ILE 17  17  17  ILE ILE A . n 
A 1 18  THR 18  18  18  THR THR A . n 
A 1 19  GLY 19  19  19  GLY GLY A . n 
A 1 20  THR 20  20  20  THR THR A . n 
A 1 21  TRP 21  21  21  TRP TRP A . n 
A 1 22  TYR 22  22  22  TYR TYR A . n 
A 1 23  ASN 23  23  23  ASN ASN A . n 
A 1 24  GLN 24  24  24  GLN GLN A . n 
A 1 25  LEU 25  25  25  LEU LEU A . n 
A 1 26  GLY 26  26  26  GLY GLY A . n 
A 1 27  SER 27  27  27  SER SER A . n 
A 1 28  THR 28  28  28  THR THR A . n 
A 1 29  PHE 29  29  29  PHE PHE A . n 
A 1 30  ILE 30  30  30  ILE ILE A . n 
A 1 31  VAL 31  31  31  VAL VAL A . n 
A 1 32  THR 32  32  32  THR THR A . n 
A 1 33  ALA 33  33  33  ALA ALA A . n 
A 1 34  GLY 34  34  34  GLY GLY A . n 
A 1 35  ALA 35  35  35  ALA ALA A . n 
A 1 36  ASP 36  36  36  ASP ASP A . n 
A 1 37  GLY 37  37  37  GLY GLY A . n 
A 1 38  ALA 38  38  38  ALA ALA A . n 
A 1 39  LEU 39  39  39  LEU LEU A . n 
A 1 40  THR 40  40  40  THR THR A . n 
A 1 41  GLY 41  41  41  GLY GLY A . n 
A 1 42  THR 42  42  42  THR THR A . n 
A 1 43  TYR 43  43  43  TYR TYR A . n 
A 1 44  GLU 44  44  44  GLU GLU A . n 
A 1 45  SER 45  45  45  SER SER A . n 
A 1 46  ALA 46  46  46  ALA ALA A . n 
A 1 47  VAL 47  47  47  VAL VAL A . n 
A 1 48  GLY 48  48  48  GLY GLY A . n 
A 1 49  ASN 49  49  49  ASN ASN A . n 
A 1 50  ALA 50  50  50  ALA ALA A . n 
A 1 51  GLU 51  51  51  GLU GLU A . n 
A 1 52  SER 52  52  52  SER SER A . n 
A 1 53  ARG 53  53  53  ARG ARG A . n 
A 1 54  TYR 54  54  54  TYR TYR A . n 
A 1 55  VAL 55  55  55  VAL VAL A . n 
A 1 56  LEU 56  56  56  LEU LEU A . n 
A 1 57  THR 57  57  57  THR THR A . n 
A 1 58  GLY 58  58  58  GLY GLY A . n 
A 1 59  ARG 59  59  59  ARG ARG A . n 
A 1 60  TYR 60  60  60  TYR TYR A . n 
A 1 61  ASP 61  61  61  ASP ASP A . n 
A 1 62  SER 62  62  62  SER SER A . n 
A 1 63  ALA 63  63  63  ALA ALA A . n 
A 1 64  PRO 64  64  64  PRO PRO A . n 
A 1 65  ALA 65  65  65  ALA ALA A . n 
A 1 66  THR 66  66  66  THR THR A . n 
A 1 67  ASP 67  67  67  ASP ASP A . n 
A 1 68  GLY 68  68  68  GLY GLY A . n 
A 1 69  SER 69  69  69  SER SER A . n 
A 1 70  GLY 70  70  70  GLY GLY A . n 
A 1 71  THR 71  71  71  THR THR A . n 
A 1 72  ALA 72  72  72  ALA ALA A . n 
A 1 73  LEU 73  73  73  LEU LEU A . n 
A 1 74  GLY 74  74  74  GLY GLY A . n 
A 1 75  TRP 75  75  75  TRP TRP A . n 
A 1 76  THR 76  76  76  THR THR A . n 
A 1 77  VAL 77  77  77  VAL VAL A . n 
A 1 78  ALA 78  78  78  ALA ALA A . n 
A 1 79  TRP 79  79  79  TRP TRP A . n 
A 1 80  LYS 80  80  80  LYS LYS A . n 
A 1 81  ASN 81  81  81  ASN ASN A . n 
A 1 82  ASN 82  82  82  ASN ASN A . n 
A 1 83  TYR 83  83  83  TYR TYR A . n 
A 1 84  ARG 84  84  84  ARG ARG A . n 
A 1 85  ASN 85  85  85  ASN ASN A . n 
A 1 86  ALA 86  86  86  ALA ALA A . n 
A 1 87  HIS 87  87  87  HIS HIS A . n 
A 1 88  SER 88  88  88  SER SER A . n 
A 1 89  ALA 89  89  89  ALA ALA A . n 
A 1 90  THR 90  90  90  THR THR A . n 
A 1 91  THR 91  91  91  THR THR A . n 
A 1 92  TRP 92  92  92  TRP TRP A . n 
A 1 93  SER 93  93  93  SER SER A . n 
A 1 94  GLY 94  94  94  GLY GLY A . n 
A 1 95  GLN 95  95  95  GLN GLN A . n 
A 1 96  TYR 96  96  96  TYR TYR A . n 
A 1 97  VAL 97  97  97  VAL VAL A . n 
A 1 98  GLY 98  98  98  GLY GLY A . n 
A 1 99  GLY 99  99  99  GLY GLY A . n 
A 1 100 ALA 100 100 100 ALA ALA A . n 
A 1 101 GLU 101 101 101 GLU GLU A . n 
A 1 102 ALA 102 102 102 ALA ALA A . n 
A 1 103 ARG 103 103 103 ARG ARG A . n 
A 1 104 ILE 104 104 104 ILE ILE A . n 
A 1 105 ASN 105 105 105 ASN ASN A . n 
A 1 106 THR 106 106 106 THR THR A . n 
A 1 107 GLN 107 107 107 GLN GLN A . n 
A 1 108 TRP 108 108 108 TRP TRP A . n 
A 1 109 LEU 109 109 109 LEU LEU A . n 
A 1 110 LEU 110 110 110 LEU LEU A . n 
A 1 111 THR 111 111 111 THR THR A . n 
A 1 112 SER 112 112 112 SER SER A . n 
A 1 113 GLY 113 113 113 GLY GLY A . n 
A 1 114 THR 114 114 114 THR THR A . n 
A 1 115 THR 115 115 115 THR THR A . n 
A 1 116 GLU 116 116 116 GLU GLU A . n 
A 1 117 ALA 117 117 117 ALA ALA A . n 
A 1 118 ASN 118 118 118 ASN ASN A . n 
A 1 119 ALA 119 119 119 ALA ALA A . n 
A 1 120 TRP 120 120 120 TRP TRP A . n 
A 1 121 ALA 121 121 121 ALA ALA A . n 
A 1 122 SER 122 122 122 SER SER A . n 
A 1 123 THR 123 123 123 THR THR A . n 
A 1 124 TYR 124 124 124 TYR TYR A . n 
A 1 125 VAL 125 125 125 VAL VAL A . n 
A 1 126 GLY 126 126 126 GLY GLY A . n 
A 1 127 HIS 127 127 127 HIS HIS A . n 
A 1 128 ASP 128 128 128 ASP ASP A . n 
A 1 129 THR 129 129 129 THR THR A . n 
A 1 130 PHE 130 130 130 PHE PHE A . n 
A 1 131 THR 131 131 131 THR THR A . n 
A 1 132 LYS 132 132 132 LYS LYS A . n 
A 1 133 VAL 133 133 133 VAL VAL A . n 
A 1 134 LYS 134 134 134 LYS LYS A . n 
A 1 135 PRO 135 135 135 PRO PRO A . n 
A 1 136 SER 136 136 136 SER SER A . n 
A 1 137 ALA 137 137 ?   ?   ?   A . n 
A 1 138 ALA 138 138 ?   ?   ?   A . n 
A 1 139 SER 139 139 ?   ?   ?   A . n 
A 1 140 ILE 140 140 ?   ?   ?   A . n 
A 1 141 ASP 141 141 ?   ?   ?   A . n 
A 1 142 ALA 142 142 ?   ?   ?   A . n 
A 1 143 ALA 143 143 ?   ?   ?   A . n 
A 1 144 LYS 144 144 ?   ?   ?   A . n 
A 1 145 LYS 145 145 ?   ?   ?   A . n 
A 1 146 ALA 146 146 ?   ?   ?   A . n 
A 1 147 GLY 147 147 ?   ?   ?   A . n 
A 1 148 VAL 148 148 ?   ?   ?   A . n 
A 1 149 ASN 149 149 ?   ?   ?   A . n 
A 1 150 ASN 150 150 ?   ?   ?   A . n 
A 1 151 GLY 151 151 ?   ?   ?   A . n 
A 1 152 ASN 152 152 ?   ?   ?   A . n 
A 1 153 PRO 153 153 ?   ?   ?   A . n 
A 1 154 LEU 154 154 ?   ?   ?   A . n 
A 1 155 ASP 155 155 ?   ?   ?   A . n 
A 1 156 ALA 156 156 ?   ?   ?   A . n 
A 1 157 VAL 157 157 ?   ?   ?   A . n 
A 1 158 GLN 158 158 ?   ?   ?   A . n 
A 1 159 GLN 159 159 ?   ?   ?   A . n 
# 
loop_
_pdbx_nonpoly_scheme.asym_id 
_pdbx_nonpoly_scheme.entity_id 
_pdbx_nonpoly_scheme.mon_id 
_pdbx_nonpoly_scheme.ndb_seq_num 
_pdbx_nonpoly_scheme.pdb_seq_num 
_pdbx_nonpoly_scheme.auth_seq_num 
_pdbx_nonpoly_scheme.pdb_mon_id 
_pdbx_nonpoly_scheme.auth_mon_id 
_pdbx_nonpoly_scheme.pdb_strand_id 
_pdbx_nonpoly_scheme.pdb_ins_code 
B 2 HOH 1  201 65 HOH HOH A . 
B 2 HOH 2  202 44 HOH HOH A . 
B 2 HOH 3  203 60 HOH HOH A . 
B 2 HOH 4  204 58 HOH HOH A . 
B 2 HOH 5  205 47 HOH HOH A . 
B 2 HOH 6  206 4  HOH HOH A . 
B 2 HOH 7  207 30 HOH HOH A . 
B 2 HOH 8  208 31 HOH HOH A . 
B 2 HOH 9  209 36 HOH HOH A . 
B 2 HOH 10 210 2  HOH HOH A . 
B 2 HOH 11 211 11 HOH HOH A . 
B 2 HOH 12 212 75 HOH HOH A . 
B 2 HOH 13 213 27 HOH HOH A . 
B 2 HOH 14 214 76 HOH HOH A . 
B 2 HOH 15 215 1  HOH HOH A . 
B 2 HOH 16 216 50 HOH HOH A . 
B 2 HOH 17 217 10 HOH HOH A . 
B 2 HOH 18 218 8  HOH HOH A . 
B 2 HOH 19 219 40 HOH HOH A . 
B 2 HOH 20 220 18 HOH HOH A . 
B 2 HOH 21 221 3  HOH HOH A . 
B 2 HOH 22 222 26 HOH HOH A . 
B 2 HOH 23 223 29 HOH HOH A . 
B 2 HOH 24 224 71 HOH HOH A . 
B 2 HOH 25 225 62 HOH HOH A . 
B 2 HOH 26 226 59 HOH HOH A . 
B 2 HOH 27 227 77 HOH HOH A . 
B 2 HOH 28 228 23 HOH HOH A . 
B 2 HOH 29 229 5  HOH HOH A . 
B 2 HOH 30 230 66 HOH HOH A . 
B 2 HOH 31 231 88 HOH HOH A . 
B 2 HOH 32 232 63 HOH HOH A . 
B 2 HOH 33 233 19 HOH HOH A . 
B 2 HOH 34 234 73 HOH HOH A . 
B 2 HOH 35 235 42 HOH HOH A . 
B 2 HOH 36 236 28 HOH HOH A . 
B 2 HOH 37 237 83 HOH HOH A . 
B 2 HOH 38 238 13 HOH HOH A . 
B 2 HOH 39 239 15 HOH HOH A . 
B 2 HOH 40 240 64 HOH HOH A . 
B 2 HOH 41 241 33 HOH HOH A . 
B 2 HOH 42 242 74 HOH HOH A . 
B 2 HOH 43 243 69 HOH HOH A . 
B 2 HOH 44 244 20 HOH HOH A . 
B 2 HOH 45 245 9  HOH HOH A . 
B 2 HOH 46 246 25 HOH HOH A . 
B 2 HOH 47 247 14 HOH HOH A . 
B 2 HOH 48 248 54 HOH HOH A . 
B 2 HOH 49 249 41 HOH HOH A . 
B 2 HOH 50 250 38 HOH HOH A . 
B 2 HOH 51 251 35 HOH HOH A . 
B 2 HOH 52 252 7  HOH HOH A . 
B 2 HOH 53 253 85 HOH HOH A . 
B 2 HOH 54 254 16 HOH HOH A . 
B 2 HOH 55 255 84 HOH HOH A . 
B 2 HOH 56 256 57 HOH HOH A . 
B 2 HOH 57 257 52 HOH HOH A . 
B 2 HOH 58 258 67 HOH HOH A . 
B 2 HOH 59 259 53 HOH HOH A . 
B 2 HOH 60 260 79 HOH HOH A . 
B 2 HOH 61 261 89 HOH HOH A . 
B 2 HOH 62 262 78 HOH HOH A . 
B 2 HOH 63 263 90 HOH HOH A . 
# 
_pdbx_struct_assembly.id                   1 
_pdbx_struct_assembly.details              author_and_software_defined_assembly 
_pdbx_struct_assembly.method_details       PISA 
_pdbx_struct_assembly.oligomeric_details   tetrameric 
_pdbx_struct_assembly.oligomeric_count     4 
# 
_pdbx_struct_assembly_gen.assembly_id       1 
_pdbx_struct_assembly_gen.oper_expression   1,2,3,4 
_pdbx_struct_assembly_gen.asym_id_list      A,B 
# 
loop_
_pdbx_struct_assembly_prop.biol_id 
_pdbx_struct_assembly_prop.type 
_pdbx_struct_assembly_prop.value 
_pdbx_struct_assembly_prop.details 
1 'ABSA (A^2)' 8600  ? 
1 MORE         -46   ? 
1 'SSA (A^2)'  21960 ? 
# 
loop_
_pdbx_struct_oper_list.id 
_pdbx_struct_oper_list.type 
_pdbx_struct_oper_list.name 
_pdbx_struct_oper_list.symmetry_operation 
_pdbx_struct_oper_list.matrix[1][1] 
_pdbx_struct_oper_list.matrix[1][2] 
_pdbx_struct_oper_list.matrix[1][3] 
_pdbx_struct_oper_list.vector[1] 
_pdbx_struct_oper_list.matrix[2][1] 
_pdbx_struct_oper_list.matrix[2][2] 
_pdbx_struct_oper_list.matrix[2][3] 
_pdbx_struct_oper_list.vector[2] 
_pdbx_struct_oper_list.matrix[3][1] 
_pdbx_struct_oper_list.matrix[3][2] 
_pdbx_struct_oper_list.matrix[3][3] 
_pdbx_struct_oper_list.vector[3] 
1 'identity operation'         1_555  x,y,z        1.0000000000  0.0000000000  0.0000000000  0.0000000000   0.0000000000  1.0000000000  0.0000000000  0.0000000000  0.0000000000  0.0000000000  1.0000000000  0.0000000000   
2 'crystal symmetry operation' 8_665  -y+1,-x+1,-z -0.7539635116 -0.6568992275 0.0047358240  -7.4680842187  -0.6568992275 0.7538723543  -0.0126442998 -2.9940343990 0.0047358240  -0.0126442998 -0.9999088427 -27.3147119321 
3 'crystal symmetry operation' 10_665 -x+1,-y+1,z  0.7085893251  0.6377621119  -0.3019282316 -10.1529674439 0.6377621119  -0.7619436658 -0.1127002164 13.9465402770 -0.3019282316 -0.1127002164 -0.9466456593 -27.9956490570 
4 'crystal symmetry operation' 15_555 y,x,-z       -0.9546258134 0.0191371156  0.2971924076  -9.1071712321  0.0191371156  -0.9919286885 0.1253445161  14.5433386037 0.2971924076  0.1253445161  0.9465545019  0.4539582136 
# 
loop_
_pdbx_struct_special_symmetry.id 
_pdbx_struct_special_symmetry.PDB_model_num 
_pdbx_struct_special_symmetry.auth_asym_id 
_pdbx_struct_special_symmetry.auth_comp_id 
_pdbx_struct_special_symmetry.auth_seq_id 
_pdbx_struct_special_symmetry.PDB_ins_code 
_pdbx_struct_special_symmetry.label_asym_id 
_pdbx_struct_special_symmetry.label_comp_id 
_pdbx_struct_special_symmetry.label_seq_id 
1 1 A HOH 208 ? B HOH . 
2 1 A HOH 221 ? B HOH . 
3 1 A HOH 256 ? B HOH . 
# 
loop_
_pdbx_audit_revision_history.ordinal 
_pdbx_audit_revision_history.data_content_type 
_pdbx_audit_revision_history.major_revision 
_pdbx_audit_revision_history.minor_revision 
_pdbx_audit_revision_history.revision_date 
1 'Structure model' 1 0 2021-02-03 
2 'Structure model' 1 1 2021-02-17 
3 'Structure model' 1 2 2021-02-24 
4 'Structure model' 1 3 2023-10-18 
# 
_pdbx_audit_revision_details.ordinal             1 
_pdbx_audit_revision_details.revision_ordinal    1 
_pdbx_audit_revision_details.data_content_type   'Structure model' 
_pdbx_audit_revision_details.provider            repository 
_pdbx_audit_revision_details.type                'Initial release' 
_pdbx_audit_revision_details.description         ? 
_pdbx_audit_revision_details.details             ? 
# 
loop_
_pdbx_audit_revision_group.ordinal 
_pdbx_audit_revision_group.revision_ordinal 
_pdbx_audit_revision_group.data_content_type 
_pdbx_audit_revision_group.group 
1 2 'Structure model' 'Database references'    
2 3 'Structure model' 'Database references'    
3 4 'Structure model' 'Data collection'        
4 4 'Structure model' 'Database references'    
5 4 'Structure model' 'Refinement description' 
# 
loop_
_pdbx_audit_revision_category.ordinal 
_pdbx_audit_revision_category.revision_ordinal 
_pdbx_audit_revision_category.data_content_type 
_pdbx_audit_revision_category.category 
1 2 'Structure model' citation                      
2 2 'Structure model' citation_author               
3 3 'Structure model' citation                      
4 4 'Structure model' chem_comp_atom                
5 4 'Structure model' chem_comp_bond                
6 4 'Structure model' database_2                    
7 4 'Structure model' pdbx_initial_refinement_model 
# 
loop_
_pdbx_audit_revision_item.ordinal 
_pdbx_audit_revision_item.revision_ordinal 
_pdbx_audit_revision_item.data_content_type 
_pdbx_audit_revision_item.item 
1  2 'Structure model' '_citation.country'                   
2  2 'Structure model' '_citation.journal_abbrev'            
3  2 'Structure model' '_citation.journal_id_ASTM'           
4  2 'Structure model' '_citation.journal_id_CSD'            
5  2 'Structure model' '_citation.journal_id_ISSN'           
6  2 'Structure model' '_citation.pdbx_database_id_DOI'      
7  2 'Structure model' '_citation.pdbx_database_id_PubMed'   
8  2 'Structure model' '_citation.title'                     
9  2 'Structure model' '_citation.year'                      
10 2 'Structure model' '_citation_author.identifier_ORCID'   
11 2 'Structure model' '_citation_author.name'               
12 3 'Structure model' '_citation.journal_volume'            
13 3 'Structure model' '_citation.page_first'                
14 3 'Structure model' '_citation.page_last'                 
15 4 'Structure model' '_database_2.pdbx_DOI'                
16 4 'Structure model' '_database_2.pdbx_database_accession' 
# 
loop_
_software.citation_id 
_software.classification 
_software.compiler_name 
_software.compiler_version 
_software.contact_author 
_software.contact_author_email 
_software.date 
_software.description 
_software.dependencies 
_software.hardware 
_software.language 
_software.location 
_software.mods 
_software.name 
_software.os 
_software.os_version 
_software.type 
_software.version 
_software.pdbx_ordinal 
? 'data scaling'    ? ? ? ? ? ? ? ? ? ? ? Aimless     ? ? ? 0.7.4    1 
? refinement        ? ? ? ? ? ? ? ? ? ? ? REFMAC      ? ? ? 5.8.0258 2 
? 'data extraction' ? ? ? ? ? ? ? ? ? ? ? PDB_EXTRACT ? ? ? 3.27     3 
? 'data reduction'  ? ? ? ? ? ? ? ? ? ? ? XDS         ? ? ? .        4 
? phasing           ? ? ? ? ? ? ? ? ? ? ? PHASER      ? ? ? .        5 
# 
loop_
_pdbx_validate_torsion.id 
_pdbx_validate_torsion.PDB_model_num 
_pdbx_validate_torsion.auth_comp_id 
_pdbx_validate_torsion.auth_asym_id 
_pdbx_validate_torsion.auth_seq_id 
_pdbx_validate_torsion.PDB_ins_code 
_pdbx_validate_torsion.label_alt_id 
_pdbx_validate_torsion.phi 
_pdbx_validate_torsion.psi 
1 1 PRO A 64  ? ? -39.45  128.61 
2 1 ALA A 65  ? ? -68.44  98.51  
3 1 GLU A 101 ? ? -119.88 53.64  
# 
loop_
_pdbx_unobs_or_zero_occ_residues.id 
_pdbx_unobs_or_zero_occ_residues.PDB_model_num 
_pdbx_unobs_or_zero_occ_residues.polymer_flag 
_pdbx_unobs_or_zero_occ_residues.occupancy_flag 
_pdbx_unobs_or_zero_occ_residues.auth_asym_id 
_pdbx_unobs_or_zero_occ_residues.auth_comp_id 
_pdbx_unobs_or_zero_occ_residues.auth_seq_id 
_pdbx_unobs_or_zero_occ_residues.PDB_ins_code 
_pdbx_unobs_or_zero_occ_residues.label_asym_id 
_pdbx_unobs_or_zero_occ_residues.label_comp_id 
_pdbx_unobs_or_zero_occ_residues.label_seq_id 
1  1 Y 1 A MET 1   ? A MET 1   
2  1 Y 1 A ALA 2   ? A ALA 2   
3  1 Y 1 A SER 3   ? A SER 3   
4  1 Y 1 A MET 4   ? A MET 4   
5  1 Y 1 A THR 5   ? A THR 5   
6  1 Y 1 A GLY 6   ? A GLY 6   
7  1 Y 1 A GLY 7   ? A GLY 7   
8  1 Y 1 A GLN 8   ? A GLN 8   
9  1 Y 1 A GLN 9   ? A GLN 9   
10 1 Y 1 A MET 10  ? A MET 10  
11 1 Y 1 A GLY 11  ? A GLY 11  
12 1 Y 1 A ALA 137 ? A ALA 137 
13 1 Y 1 A ALA 138 ? A ALA 138 
14 1 Y 1 A SER 139 ? A SER 139 
15 1 Y 1 A ILE 140 ? A ILE 140 
16 1 Y 1 A ASP 141 ? A ASP 141 
17 1 Y 1 A ALA 142 ? A ALA 142 
18 1 Y 1 A ALA 143 ? A ALA 143 
19 1 Y 1 A LYS 144 ? A LYS 144 
20 1 Y 1 A LYS 145 ? A LYS 145 
21 1 Y 1 A ALA 146 ? A ALA 146 
22 1 Y 1 A GLY 147 ? A GLY 147 
23 1 Y 1 A VAL 148 ? A VAL 148 
24 1 Y 1 A ASN 149 ? A ASN 149 
25 1 Y 1 A ASN 150 ? A ASN 150 
26 1 Y 1 A GLY 151 ? A GLY 151 
27 1 Y 1 A ASN 152 ? A ASN 152 
28 1 Y 1 A PRO 153 ? A PRO 153 
29 1 Y 1 A LEU 154 ? A LEU 154 
30 1 Y 1 A ASP 155 ? A ASP 155 
31 1 Y 1 A ALA 156 ? A ALA 156 
32 1 Y 1 A VAL 157 ? A VAL 157 
33 1 Y 1 A GLN 158 ? A GLN 158 
34 1 Y 1 A GLN 159 ? A GLN 159 
# 
loop_
_chem_comp_atom.comp_id 
_chem_comp_atom.atom_id 
_chem_comp_atom.type_symbol 
_chem_comp_atom.pdbx_aromatic_flag 
_chem_comp_atom.pdbx_stereo_config 
_chem_comp_atom.pdbx_ordinal 
ALA N    N N N 1   
ALA CA   C N S 2   
ALA C    C N N 3   
ALA O    O N N 4   
ALA CB   C N N 5   
ALA OXT  O N N 6   
ALA H    H N N 7   
ALA H2   H N N 8   
ALA HA   H N N 9   
ALA HB1  H N N 10  
ALA HB2  H N N 11  
ALA HB3  H N N 12  
ALA HXT  H N N 13  
ARG N    N N N 14  
ARG CA   C N S 15  
ARG C    C N N 16  
ARG O    O N N 17  
ARG CB   C N N 18  
ARG CG   C N N 19  
ARG CD   C N N 20  
ARG NE   N N N 21  
ARG CZ   C N N 22  
ARG NH1  N N N 23  
ARG NH2  N N N 24  
ARG OXT  O N N 25  
ARG H    H N N 26  
ARG H2   H N N 27  
ARG HA   H N N 28  
ARG HB2  H N N 29  
ARG HB3  H N N 30  
ARG HG2  H N N 31  
ARG HG3  H N N 32  
ARG HD2  H N N 33  
ARG HD3  H N N 34  
ARG HE   H N N 35  
ARG HH11 H N N 36  
ARG HH12 H N N 37  
ARG HH21 H N N 38  
ARG HH22 H N N 39  
ARG HXT  H N N 40  
ASN N    N N N 41  
ASN CA   C N S 42  
ASN C    C N N 43  
ASN O    O N N 44  
ASN CB   C N N 45  
ASN CG   C N N 46  
ASN OD1  O N N 47  
ASN ND2  N N N 48  
ASN OXT  O N N 49  
ASN H    H N N 50  
ASN H2   H N N 51  
ASN HA   H N N 52  
ASN HB2  H N N 53  
ASN HB3  H N N 54  
ASN HD21 H N N 55  
ASN HD22 H N N 56  
ASN HXT  H N N 57  
ASP N    N N N 58  
ASP CA   C N S 59  
ASP C    C N N 60  
ASP O    O N N 61  
ASP CB   C N N 62  
ASP CG   C N N 63  
ASP OD1  O N N 64  
ASP OD2  O N N 65  
ASP OXT  O N N 66  
ASP H    H N N 67  
ASP H2   H N N 68  
ASP HA   H N N 69  
ASP HB2  H N N 70  
ASP HB3  H N N 71  
ASP HD2  H N N 72  
ASP HXT  H N N 73  
GLN N    N N N 74  
GLN CA   C N S 75  
GLN C    C N N 76  
GLN O    O N N 77  
GLN CB   C N N 78  
GLN CG   C N N 79  
GLN CD   C N N 80  
GLN OE1  O N N 81  
GLN NE2  N N N 82  
GLN OXT  O N N 83  
GLN H    H N N 84  
GLN H2   H N N 85  
GLN HA   H N N 86  
GLN HB2  H N N 87  
GLN HB3  H N N 88  
GLN HG2  H N N 89  
GLN HG3  H N N 90  
GLN HE21 H N N 91  
GLN HE22 H N N 92  
GLN HXT  H N N 93  
GLU N    N N N 94  
GLU CA   C N S 95  
GLU C    C N N 96  
GLU O    O N N 97  
GLU CB   C N N 98  
GLU CG   C N N 99  
GLU CD   C N N 100 
GLU OE1  O N N 101 
GLU OE2  O N N 102 
GLU OXT  O N N 103 
GLU H    H N N 104 
GLU H2   H N N 105 
GLU HA   H N N 106 
GLU HB2  H N N 107 
GLU HB3  H N N 108 
GLU HG2  H N N 109 
GLU HG3  H N N 110 
GLU HE2  H N N 111 
GLU HXT  H N N 112 
GLY N    N N N 113 
GLY CA   C N N 114 
GLY C    C N N 115 
GLY O    O N N 116 
GLY OXT  O N N 117 
GLY H    H N N 118 
GLY H2   H N N 119 
GLY HA2  H N N 120 
GLY HA3  H N N 121 
GLY HXT  H N N 122 
HIS N    N N N 123 
HIS CA   C N S 124 
HIS C    C N N 125 
HIS O    O N N 126 
HIS CB   C N N 127 
HIS CG   C Y N 128 
HIS ND1  N Y N 129 
HIS CD2  C Y N 130 
HIS CE1  C Y N 131 
HIS NE2  N Y N 132 
HIS OXT  O N N 133 
HIS H    H N N 134 
HIS H2   H N N 135 
HIS HA   H N N 136 
HIS HB2  H N N 137 
HIS HB3  H N N 138 
HIS HD1  H N N 139 
HIS HD2  H N N 140 
HIS HE1  H N N 141 
HIS HE2  H N N 142 
HIS HXT  H N N 143 
HOH O    O N N 144 
HOH H1   H N N 145 
HOH H2   H N N 146 
ILE N    N N N 147 
ILE CA   C N S 148 
ILE C    C N N 149 
ILE O    O N N 150 
ILE CB   C N S 151 
ILE CG1  C N N 152 
ILE CG2  C N N 153 
ILE CD1  C N N 154 
ILE OXT  O N N 155 
ILE H    H N N 156 
ILE H2   H N N 157 
ILE HA   H N N 158 
ILE HB   H N N 159 
ILE HG12 H N N 160 
ILE HG13 H N N 161 
ILE HG21 H N N 162 
ILE HG22 H N N 163 
ILE HG23 H N N 164 
ILE HD11 H N N 165 
ILE HD12 H N N 166 
ILE HD13 H N N 167 
ILE HXT  H N N 168 
LEU N    N N N 169 
LEU CA   C N S 170 
LEU C    C N N 171 
LEU O    O N N 172 
LEU CB   C N N 173 
LEU CG   C N N 174 
LEU CD1  C N N 175 
LEU CD2  C N N 176 
LEU OXT  O N N 177 
LEU H    H N N 178 
LEU H2   H N N 179 
LEU HA   H N N 180 
LEU HB2  H N N 181 
LEU HB3  H N N 182 
LEU HG   H N N 183 
LEU HD11 H N N 184 
LEU HD12 H N N 185 
LEU HD13 H N N 186 
LEU HD21 H N N 187 
LEU HD22 H N N 188 
LEU HD23 H N N 189 
LEU HXT  H N N 190 
LYS N    N N N 191 
LYS CA   C N S 192 
LYS C    C N N 193 
LYS O    O N N 194 
LYS CB   C N N 195 
LYS CG   C N N 196 
LYS CD   C N N 197 
LYS CE   C N N 198 
LYS NZ   N N N 199 
LYS OXT  O N N 200 
LYS H    H N N 201 
LYS H2   H N N 202 
LYS HA   H N N 203 
LYS HB2  H N N 204 
LYS HB3  H N N 205 
LYS HG2  H N N 206 
LYS HG3  H N N 207 
LYS HD2  H N N 208 
LYS HD3  H N N 209 
LYS HE2  H N N 210 
LYS HE3  H N N 211 
LYS HZ1  H N N 212 
LYS HZ2  H N N 213 
LYS HZ3  H N N 214 
LYS HXT  H N N 215 
MET N    N N N 216 
MET CA   C N S 217 
MET C    C N N 218 
MET O    O N N 219 
MET CB   C N N 220 
MET CG   C N N 221 
MET SD   S N N 222 
MET CE   C N N 223 
MET OXT  O N N 224 
MET H    H N N 225 
MET H2   H N N 226 
MET HA   H N N 227 
MET HB2  H N N 228 
MET HB3  H N N 229 
MET HG2  H N N 230 
MET HG3  H N N 231 
MET HE1  H N N 232 
MET HE2  H N N 233 
MET HE3  H N N 234 
MET HXT  H N N 235 
PHE N    N N N 236 
PHE CA   C N S 237 
PHE C    C N N 238 
PHE O    O N N 239 
PHE CB   C N N 240 
PHE CG   C Y N 241 
PHE CD1  C Y N 242 
PHE CD2  C Y N 243 
PHE CE1  C Y N 244 
PHE CE2  C Y N 245 
PHE CZ   C Y N 246 
PHE OXT  O N N 247 
PHE H    H N N 248 
PHE H2   H N N 249 
PHE HA   H N N 250 
PHE HB2  H N N 251 
PHE HB3  H N N 252 
PHE HD1  H N N 253 
PHE HD2  H N N 254 
PHE HE1  H N N 255 
PHE HE2  H N N 256 
PHE HZ   H N N 257 
PHE HXT  H N N 258 
PRO N    N N N 259 
PRO CA   C N S 260 
PRO C    C N N 261 
PRO O    O N N 262 
PRO CB   C N N 263 
PRO CG   C N N 264 
PRO CD   C N N 265 
PRO OXT  O N N 266 
PRO H    H N N 267 
PRO HA   H N N 268 
PRO HB2  H N N 269 
PRO HB3  H N N 270 
PRO HG2  H N N 271 
PRO HG3  H N N 272 
PRO HD2  H N N 273 
PRO HD3  H N N 274 
PRO HXT  H N N 275 
SER N    N N N 276 
SER CA   C N S 277 
SER C    C N N 278 
SER O    O N N 279 
SER CB   C N N 280 
SER OG   O N N 281 
SER OXT  O N N 282 
SER H    H N N 283 
SER H2   H N N 284 
SER HA   H N N 285 
SER HB2  H N N 286 
SER HB3  H N N 287 
SER HG   H N N 288 
SER HXT  H N N 289 
THR N    N N N 290 
THR CA   C N S 291 
THR C    C N N 292 
THR O    O N N 293 
THR CB   C N R 294 
THR OG1  O N N 295 
THR CG2  C N N 296 
THR OXT  O N N 297 
THR H    H N N 298 
THR H2   H N N 299 
THR HA   H N N 300 
THR HB   H N N 301 
THR HG1  H N N 302 
THR HG21 H N N 303 
THR HG22 H N N 304 
THR HG23 H N N 305 
THR HXT  H N N 306 
TRP N    N N N 307 
TRP CA   C N S 308 
TRP C    C N N 309 
TRP O    O N N 310 
TRP CB   C N N 311 
TRP CG   C Y N 312 
TRP CD1  C Y N 313 
TRP CD2  C Y N 314 
TRP NE1  N Y N 315 
TRP CE2  C Y N 316 
TRP CE3  C Y N 317 
TRP CZ2  C Y N 318 
TRP CZ3  C Y N 319 
TRP CH2  C Y N 320 
TRP OXT  O N N 321 
TRP H    H N N 322 
TRP H2   H N N 323 
TRP HA   H N N 324 
TRP HB2  H N N 325 
TRP HB3  H N N 326 
TRP HD1  H N N 327 
TRP HE1  H N N 328 
TRP HE3  H N N 329 
TRP HZ2  H N N 330 
TRP HZ3  H N N 331 
TRP HH2  H N N 332 
TRP HXT  H N N 333 
TYR N    N N N 334 
TYR CA   C N S 335 
TYR C    C N N 336 
TYR O    O N N 337 
TYR CB   C N N 338 
TYR CG   C Y N 339 
TYR CD1  C Y N 340 
TYR CD2  C Y N 341 
TYR CE1  C Y N 342 
TYR CE2  C Y N 343 
TYR CZ   C Y N 344 
TYR OH   O N N 345 
TYR OXT  O N N 346 
TYR H    H N N 347 
TYR H2   H N N 348 
TYR HA   H N N 349 
TYR HB2  H N N 350 
TYR HB3  H N N 351 
TYR HD1  H N N 352 
TYR HD2  H N N 353 
TYR HE1  H N N 354 
TYR HE2  H N N 355 
TYR HH   H N N 356 
TYR HXT  H N N 357 
VAL N    N N N 358 
VAL CA   C N S 359 
VAL C    C N N 360 
VAL O    O N N 361 
VAL CB   C N N 362 
VAL CG1  C N N 363 
VAL CG2  C N N 364 
VAL OXT  O N N 365 
VAL H    H N N 366 
VAL H2   H N N 367 
VAL HA   H N N 368 
VAL HB   H N N 369 
VAL HG11 H N N 370 
VAL HG12 H N N 371 
VAL HG13 H N N 372 
VAL HG21 H N N 373 
VAL HG22 H N N 374 
VAL HG23 H N N 375 
VAL HXT  H N N 376 
# 
loop_
_chem_comp_bond.comp_id 
_chem_comp_bond.atom_id_1 
_chem_comp_bond.atom_id_2 
_chem_comp_bond.value_order 
_chem_comp_bond.pdbx_aromatic_flag 
_chem_comp_bond.pdbx_stereo_config 
_chem_comp_bond.pdbx_ordinal 
ALA N   CA   sing N N 1   
ALA N   H    sing N N 2   
ALA N   H2   sing N N 3   
ALA CA  C    sing N N 4   
ALA CA  CB   sing N N 5   
ALA CA  HA   sing N N 6   
ALA C   O    doub N N 7   
ALA C   OXT  sing N N 8   
ALA CB  HB1  sing N N 9   
ALA CB  HB2  sing N N 10  
ALA CB  HB3  sing N N 11  
ALA OXT HXT  sing N N 12  
ARG N   CA   sing N N 13  
ARG N   H    sing N N 14  
ARG N   H2   sing N N 15  
ARG CA  C    sing N N 16  
ARG CA  CB   sing N N 17  
ARG CA  HA   sing N N 18  
ARG C   O    doub N N 19  
ARG C   OXT  sing N N 20  
ARG CB  CG   sing N N 21  
ARG CB  HB2  sing N N 22  
ARG CB  HB3  sing N N 23  
ARG CG  CD   sing N N 24  
ARG CG  HG2  sing N N 25  
ARG CG  HG3  sing N N 26  
ARG CD  NE   sing N N 27  
ARG CD  HD2  sing N N 28  
ARG CD  HD3  sing N N 29  
ARG NE  CZ   sing N N 30  
ARG NE  HE   sing N N 31  
ARG CZ  NH1  sing N N 32  
ARG CZ  NH2  doub N N 33  
ARG NH1 HH11 sing N N 34  
ARG NH1 HH12 sing N N 35  
ARG NH2 HH21 sing N N 36  
ARG NH2 HH22 sing N N 37  
ARG OXT HXT  sing N N 38  
ASN N   CA   sing N N 39  
ASN N   H    sing N N 40  
ASN N   H2   sing N N 41  
ASN CA  C    sing N N 42  
ASN CA  CB   sing N N 43  
ASN CA  HA   sing N N 44  
ASN C   O    doub N N 45  
ASN C   OXT  sing N N 46  
ASN CB  CG   sing N N 47  
ASN CB  HB2  sing N N 48  
ASN CB  HB3  sing N N 49  
ASN CG  OD1  doub N N 50  
ASN CG  ND2  sing N N 51  
ASN ND2 HD21 sing N N 52  
ASN ND2 HD22 sing N N 53  
ASN OXT HXT  sing N N 54  
ASP N   CA   sing N N 55  
ASP N   H    sing N N 56  
ASP N   H2   sing N N 57  
ASP CA  C    sing N N 58  
ASP CA  CB   sing N N 59  
ASP CA  HA   sing N N 60  
ASP C   O    doub N N 61  
ASP C   OXT  sing N N 62  
ASP CB  CG   sing N N 63  
ASP CB  HB2  sing N N 64  
ASP CB  HB3  sing N N 65  
ASP CG  OD1  doub N N 66  
ASP CG  OD2  sing N N 67  
ASP OD2 HD2  sing N N 68  
ASP OXT HXT  sing N N 69  
GLN N   CA   sing N N 70  
GLN N   H    sing N N 71  
GLN N   H2   sing N N 72  
GLN CA  C    sing N N 73  
GLN CA  CB   sing N N 74  
GLN CA  HA   sing N N 75  
GLN C   O    doub N N 76  
GLN C   OXT  sing N N 77  
GLN CB  CG   sing N N 78  
GLN CB  HB2  sing N N 79  
GLN CB  HB3  sing N N 80  
GLN CG  CD   sing N N 81  
GLN CG  HG2  sing N N 82  
GLN CG  HG3  sing N N 83  
GLN CD  OE1  doub N N 84  
GLN CD  NE2  sing N N 85  
GLN NE2 HE21 sing N N 86  
GLN NE2 HE22 sing N N 87  
GLN OXT HXT  sing N N 88  
GLU N   CA   sing N N 89  
GLU N   H    sing N N 90  
GLU N   H2   sing N N 91  
GLU CA  C    sing N N 92  
GLU CA  CB   sing N N 93  
GLU CA  HA   sing N N 94  
GLU C   O    doub N N 95  
GLU C   OXT  sing N N 96  
GLU CB  CG   sing N N 97  
GLU CB  HB2  sing N N 98  
GLU CB  HB3  sing N N 99  
GLU CG  CD   sing N N 100 
GLU CG  HG2  sing N N 101 
GLU CG  HG3  sing N N 102 
GLU CD  OE1  doub N N 103 
GLU CD  OE2  sing N N 104 
GLU OE2 HE2  sing N N 105 
GLU OXT HXT  sing N N 106 
GLY N   CA   sing N N 107 
GLY N   H    sing N N 108 
GLY N   H2   sing N N 109 
GLY CA  C    sing N N 110 
GLY CA  HA2  sing N N 111 
GLY CA  HA3  sing N N 112 
GLY C   O    doub N N 113 
GLY C   OXT  sing N N 114 
GLY OXT HXT  sing N N 115 
HIS N   CA   sing N N 116 
HIS N   H    sing N N 117 
HIS N   H2   sing N N 118 
HIS CA  C    sing N N 119 
HIS CA  CB   sing N N 120 
HIS CA  HA   sing N N 121 
HIS C   O    doub N N 122 
HIS C   OXT  sing N N 123 
HIS CB  CG   sing N N 124 
HIS CB  HB2  sing N N 125 
HIS CB  HB3  sing N N 126 
HIS CG  ND1  sing Y N 127 
HIS CG  CD2  doub Y N 128 
HIS ND1 CE1  doub Y N 129 
HIS ND1 HD1  sing N N 130 
HIS CD2 NE2  sing Y N 131 
HIS CD2 HD2  sing N N 132 
HIS CE1 NE2  sing Y N 133 
HIS CE1 HE1  sing N N 134 
HIS NE2 HE2  sing N N 135 
HIS OXT HXT  sing N N 136 
HOH O   H1   sing N N 137 
HOH O   H2   sing N N 138 
ILE N   CA   sing N N 139 
ILE N   H    sing N N 140 
ILE N   H2   sing N N 141 
ILE CA  C    sing N N 142 
ILE CA  CB   sing N N 143 
ILE CA  HA   sing N N 144 
ILE C   O    doub N N 145 
ILE C   OXT  sing N N 146 
ILE CB  CG1  sing N N 147 
ILE CB  CG2  sing N N 148 
ILE CB  HB   sing N N 149 
ILE CG1 CD1  sing N N 150 
ILE CG1 HG12 sing N N 151 
ILE CG1 HG13 sing N N 152 
ILE CG2 HG21 sing N N 153 
ILE CG2 HG22 sing N N 154 
ILE CG2 HG23 sing N N 155 
ILE CD1 HD11 sing N N 156 
ILE CD1 HD12 sing N N 157 
ILE CD1 HD13 sing N N 158 
ILE OXT HXT  sing N N 159 
LEU N   CA   sing N N 160 
LEU N   H    sing N N 161 
LEU N   H2   sing N N 162 
LEU CA  C    sing N N 163 
LEU CA  CB   sing N N 164 
LEU CA  HA   sing N N 165 
LEU C   O    doub N N 166 
LEU C   OXT  sing N N 167 
LEU CB  CG   sing N N 168 
LEU CB  HB2  sing N N 169 
LEU CB  HB3  sing N N 170 
LEU CG  CD1  sing N N 171 
LEU CG  CD2  sing N N 172 
LEU CG  HG   sing N N 173 
LEU CD1 HD11 sing N N 174 
LEU CD1 HD12 sing N N 175 
LEU CD1 HD13 sing N N 176 
LEU CD2 HD21 sing N N 177 
LEU CD2 HD22 sing N N 178 
LEU CD2 HD23 sing N N 179 
LEU OXT HXT  sing N N 180 
LYS N   CA   sing N N 181 
LYS N   H    sing N N 182 
LYS N   H2   sing N N 183 
LYS CA  C    sing N N 184 
LYS CA  CB   sing N N 185 
LYS CA  HA   sing N N 186 
LYS C   O    doub N N 187 
LYS C   OXT  sing N N 188 
LYS CB  CG   sing N N 189 
LYS CB  HB2  sing N N 190 
LYS CB  HB3  sing N N 191 
LYS CG  CD   sing N N 192 
LYS CG  HG2  sing N N 193 
LYS CG  HG3  sing N N 194 
LYS CD  CE   sing N N 195 
LYS CD  HD2  sing N N 196 
LYS CD  HD3  sing N N 197 
LYS CE  NZ   sing N N 198 
LYS CE  HE2  sing N N 199 
LYS CE  HE3  sing N N 200 
LYS NZ  HZ1  sing N N 201 
LYS NZ  HZ2  sing N N 202 
LYS NZ  HZ3  sing N N 203 
LYS OXT HXT  sing N N 204 
MET N   CA   sing N N 205 
MET N   H    sing N N 206 
MET N   H2   sing N N 207 
MET CA  C    sing N N 208 
MET CA  CB   sing N N 209 
MET CA  HA   sing N N 210 
MET C   O    doub N N 211 
MET C   OXT  sing N N 212 
MET CB  CG   sing N N 213 
MET CB  HB2  sing N N 214 
MET CB  HB3  sing N N 215 
MET CG  SD   sing N N 216 
MET CG  HG2  sing N N 217 
MET CG  HG3  sing N N 218 
MET SD  CE   sing N N 219 
MET CE  HE1  sing N N 220 
MET CE  HE2  sing N N 221 
MET CE  HE3  sing N N 222 
MET OXT HXT  sing N N 223 
PHE N   CA   sing N N 224 
PHE N   H    sing N N 225 
PHE N   H2   sing N N 226 
PHE CA  C    sing N N 227 
PHE CA  CB   sing N N 228 
PHE CA  HA   sing N N 229 
PHE C   O    doub N N 230 
PHE C   OXT  sing N N 231 
PHE CB  CG   sing N N 232 
PHE CB  HB2  sing N N 233 
PHE CB  HB3  sing N N 234 
PHE CG  CD1  doub Y N 235 
PHE CG  CD2  sing Y N 236 
PHE CD1 CE1  sing Y N 237 
PHE CD1 HD1  sing N N 238 
PHE CD2 CE2  doub Y N 239 
PHE CD2 HD2  sing N N 240 
PHE CE1 CZ   doub Y N 241 
PHE CE1 HE1  sing N N 242 
PHE CE2 CZ   sing Y N 243 
PHE CE2 HE2  sing N N 244 
PHE CZ  HZ   sing N N 245 
PHE OXT HXT  sing N N 246 
PRO N   CA   sing N N 247 
PRO N   CD   sing N N 248 
PRO N   H    sing N N 249 
PRO CA  C    sing N N 250 
PRO CA  CB   sing N N 251 
PRO CA  HA   sing N N 252 
PRO C   O    doub N N 253 
PRO C   OXT  sing N N 254 
PRO CB  CG   sing N N 255 
PRO CB  HB2  sing N N 256 
PRO CB  HB3  sing N N 257 
PRO CG  CD   sing N N 258 
PRO CG  HG2  sing N N 259 
PRO CG  HG3  sing N N 260 
PRO CD  HD2  sing N N 261 
PRO CD  HD3  sing N N 262 
PRO OXT HXT  sing N N 263 
SER N   CA   sing N N 264 
SER N   H    sing N N 265 
SER N   H2   sing N N 266 
SER CA  C    sing N N 267 
SER CA  CB   sing N N 268 
SER CA  HA   sing N N 269 
SER C   O    doub N N 270 
SER C   OXT  sing N N 271 
SER CB  OG   sing N N 272 
SER CB  HB2  sing N N 273 
SER CB  HB3  sing N N 274 
SER OG  HG   sing N N 275 
SER OXT HXT  sing N N 276 
THR N   CA   sing N N 277 
THR N   H    sing N N 278 
THR N   H2   sing N N 279 
THR CA  C    sing N N 280 
THR CA  CB   sing N N 281 
THR CA  HA   sing N N 282 
THR C   O    doub N N 283 
THR C   OXT  sing N N 284 
THR CB  OG1  sing N N 285 
THR CB  CG2  sing N N 286 
THR CB  HB   sing N N 287 
THR OG1 HG1  sing N N 288 
THR CG2 HG21 sing N N 289 
THR CG2 HG22 sing N N 290 
THR CG2 HG23 sing N N 291 
THR OXT HXT  sing N N 292 
TRP N   CA   sing N N 293 
TRP N   H    sing N N 294 
TRP N   H2   sing N N 295 
TRP CA  C    sing N N 296 
TRP CA  CB   sing N N 297 
TRP CA  HA   sing N N 298 
TRP C   O    doub N N 299 
TRP C   OXT  sing N N 300 
TRP CB  CG   sing N N 301 
TRP CB  HB2  sing N N 302 
TRP CB  HB3  sing N N 303 
TRP CG  CD1  doub Y N 304 
TRP CG  CD2  sing Y N 305 
TRP CD1 NE1  sing Y N 306 
TRP CD1 HD1  sing N N 307 
TRP CD2 CE2  doub Y N 308 
TRP CD2 CE3  sing Y N 309 
TRP NE1 CE2  sing Y N 310 
TRP NE1 HE1  sing N N 311 
TRP CE2 CZ2  sing Y N 312 
TRP CE3 CZ3  doub Y N 313 
TRP CE3 HE3  sing N N 314 
TRP CZ2 CH2  doub Y N 315 
TRP CZ2 HZ2  sing N N 316 
TRP CZ3 CH2  sing Y N 317 
TRP CZ3 HZ3  sing N N 318 
TRP CH2 HH2  sing N N 319 
TRP OXT HXT  sing N N 320 
TYR N   CA   sing N N 321 
TYR N   H    sing N N 322 
TYR N   H2   sing N N 323 
TYR CA  C    sing N N 324 
TYR CA  CB   sing N N 325 
TYR CA  HA   sing N N 326 
TYR C   O    doub N N 327 
TYR C   OXT  sing N N 328 
TYR CB  CG   sing N N 329 
TYR CB  HB2  sing N N 330 
TYR CB  HB3  sing N N 331 
TYR CG  CD1  doub Y N 332 
TYR CG  CD2  sing Y N 333 
TYR CD1 CE1  sing Y N 334 
TYR CD1 HD1  sing N N 335 
TYR CD2 CE2  doub Y N 336 
TYR CD2 HD2  sing N N 337 
TYR CE1 CZ   doub Y N 338 
TYR CE1 HE1  sing N N 339 
TYR CE2 CZ   sing Y N 340 
TYR CE2 HE2  sing N N 341 
TYR CZ  OH   sing N N 342 
TYR OH  HH   sing N N 343 
TYR OXT HXT  sing N N 344 
VAL N   CA   sing N N 345 
VAL N   H    sing N N 346 
VAL N   H2   sing N N 347 
VAL CA  C    sing N N 348 
VAL CA  CB   sing N N 349 
VAL CA  HA   sing N N 350 
VAL C   O    doub N N 351 
VAL C   OXT  sing N N 352 
VAL CB  CG1  sing N N 353 
VAL CB  CG2  sing N N 354 
VAL CB  HB   sing N N 355 
VAL CG1 HG11 sing N N 356 
VAL CG1 HG12 sing N N 357 
VAL CG1 HG13 sing N N 358 
VAL CG2 HG21 sing N N 359 
VAL CG2 HG22 sing N N 360 
VAL CG2 HG23 sing N N 361 
VAL OXT HXT  sing N N 362 
# 
_pdbx_audit_support.funding_organization   
'National Institutes of Health/National Institute of General Medical Sciences (NIH/NIGMS)' 
_pdbx_audit_support.country                'United States' 
_pdbx_audit_support.grant_number           GM120349 
_pdbx_audit_support.ordinal                1 
# 
_pdbx_entity_nonpoly.entity_id   2 
_pdbx_entity_nonpoly.name        water 
_pdbx_entity_nonpoly.comp_id     HOH 
# 
_pdbx_initial_refinement_model.id               1 
_pdbx_initial_refinement_model.entity_id_list   ? 
_pdbx_initial_refinement_model.type             'experimental model' 
_pdbx_initial_refinement_model.source_name      PDB 
_pdbx_initial_refinement_model.accession_code   2QCB 
_pdbx_initial_refinement_model.details          ? 
# 
_pdbx_struct_assembly_auth_evidence.id                     1 
_pdbx_struct_assembly_auth_evidence.assembly_id            1 
_pdbx_struct_assembly_auth_evidence.experimental_support   'gel filtration' 
_pdbx_struct_assembly_auth_evidence.details                ? 
# 
